data_1DBU
# 
_entry.id   1DBU 
# 
_audit_conform.dict_name       mmcif_pdbx.dic 
_audit_conform.dict_version    5.398 
_audit_conform.dict_location   http://mmcif.pdb.org/dictionaries/ascii/mmcif_pdbx.dic 
# 
loop_
_database_2.database_id 
_database_2.database_code 
_database_2.pdbx_database_accession 
_database_2.pdbx_DOI 
PDB   1DBU         pdb_00001dbu 10.2210/pdb1dbu/pdb 
RCSB  RCSB009953   ?            ?                   
WWPDB D_1000009953 ?            ?                   
# 
loop_
_pdbx_audit_revision_history.ordinal 
_pdbx_audit_revision_history.data_content_type 
_pdbx_audit_revision_history.major_revision 
_pdbx_audit_revision_history.minor_revision 
_pdbx_audit_revision_history.revision_date 
1 'Structure model' 1 0 2000-06-14 
2 'Structure model' 1 1 2008-04-27 
3 'Structure model' 1 2 2011-07-13 
4 'Structure model' 1 3 2024-11-13 
# 
_pdbx_audit_revision_details.ordinal             1 
_pdbx_audit_revision_details.revision_ordinal    1 
_pdbx_audit_revision_details.data_content_type   'Structure model' 
_pdbx_audit_revision_details.provider            repository 
_pdbx_audit_revision_details.type                'Initial release' 
_pdbx_audit_revision_details.description         ? 
_pdbx_audit_revision_details.details             ? 
# 
loop_
_pdbx_audit_revision_group.ordinal 
_pdbx_audit_revision_group.revision_ordinal 
_pdbx_audit_revision_group.data_content_type 
_pdbx_audit_revision_group.group 
1 2 'Structure model' 'Version format compliance' 
2 3 'Structure model' 'Version format compliance' 
3 4 'Structure model' 'Data collection'           
4 4 'Structure model' 'Database references'       
5 4 'Structure model' 'Derived calculations'      
6 4 'Structure model' 'Structure summary'         
# 
loop_
_pdbx_audit_revision_category.ordinal 
_pdbx_audit_revision_category.revision_ordinal 
_pdbx_audit_revision_category.data_content_type 
_pdbx_audit_revision_category.category 
1 4 'Structure model' chem_comp_atom            
2 4 'Structure model' chem_comp_bond            
3 4 'Structure model' database_2                
4 4 'Structure model' pdbx_entry_details        
5 4 'Structure model' pdbx_modification_feature 
6 4 'Structure model' pdbx_struct_conn_angle    
7 4 'Structure model' struct_conn               
8 4 'Structure model' struct_ref_seq_dif        
9 4 'Structure model' struct_site               
# 
loop_
_pdbx_audit_revision_item.ordinal 
_pdbx_audit_revision_item.revision_ordinal 
_pdbx_audit_revision_item.data_content_type 
_pdbx_audit_revision_item.item 
1  4 'Structure model' '_database_2.pdbx_DOI'                        
2  4 'Structure model' '_database_2.pdbx_database_accession'         
3  4 'Structure model' '_pdbx_struct_conn_angle.ptnr1_auth_comp_id'  
4  4 'Structure model' '_pdbx_struct_conn_angle.ptnr1_auth_seq_id'   
5  4 'Structure model' '_pdbx_struct_conn_angle.ptnr1_label_alt_id'  
6  4 'Structure model' '_pdbx_struct_conn_angle.ptnr1_label_asym_id' 
7  4 'Structure model' '_pdbx_struct_conn_angle.ptnr1_label_atom_id' 
8  4 'Structure model' '_pdbx_struct_conn_angle.ptnr1_label_comp_id' 
9  4 'Structure model' '_pdbx_struct_conn_angle.ptnr1_label_seq_id'  
10 4 'Structure model' '_pdbx_struct_conn_angle.ptnr3_auth_comp_id'  
11 4 'Structure model' '_pdbx_struct_conn_angle.ptnr3_auth_seq_id'   
12 4 'Structure model' '_pdbx_struct_conn_angle.ptnr3_label_alt_id'  
13 4 'Structure model' '_pdbx_struct_conn_angle.ptnr3_label_asym_id' 
14 4 'Structure model' '_pdbx_struct_conn_angle.ptnr3_label_atom_id' 
15 4 'Structure model' '_pdbx_struct_conn_angle.ptnr3_label_comp_id' 
16 4 'Structure model' '_pdbx_struct_conn_angle.ptnr3_label_seq_id'  
17 4 'Structure model' '_pdbx_struct_conn_angle.value'               
18 4 'Structure model' '_struct_conn.pdbx_dist_value'                
19 4 'Structure model' '_struct_conn.pdbx_leaving_atom_flag'         
20 4 'Structure model' '_struct_conn.pdbx_ptnr1_label_alt_id'        
21 4 'Structure model' '_struct_conn.pdbx_ptnr2_label_alt_id'        
22 4 'Structure model' '_struct_conn.ptnr1_auth_comp_id'             
23 4 'Structure model' '_struct_conn.ptnr1_auth_seq_id'              
24 4 'Structure model' '_struct_conn.ptnr1_label_asym_id'            
25 4 'Structure model' '_struct_conn.ptnr1_label_atom_id'            
26 4 'Structure model' '_struct_conn.ptnr1_label_comp_id'            
27 4 'Structure model' '_struct_conn.ptnr1_label_seq_id'             
28 4 'Structure model' '_struct_conn.ptnr2_auth_comp_id'             
29 4 'Structure model' '_struct_conn.ptnr2_auth_seq_id'              
30 4 'Structure model' '_struct_conn.ptnr2_label_asym_id'            
31 4 'Structure model' '_struct_conn.ptnr2_label_atom_id'            
32 4 'Structure model' '_struct_conn.ptnr2_label_comp_id'            
33 4 'Structure model' '_struct_conn.ptnr2_label_seq_id'             
34 4 'Structure model' '_struct_ref_seq_dif.details'                 
35 4 'Structure model' '_struct_site.pdbx_auth_asym_id'              
36 4 'Structure model' '_struct_site.pdbx_auth_comp_id'              
37 4 'Structure model' '_struct_site.pdbx_auth_seq_id'               
# 
_pdbx_database_status.status_code                     REL 
_pdbx_database_status.entry_id                        1DBU 
_pdbx_database_status.recvd_initial_deposition_date   1999-11-03 
_pdbx_database_status.deposit_site                    RCSB 
_pdbx_database_status.process_site                    RCSB 
_pdbx_database_status.SG_entry                        Y 
_pdbx_database_status.pdb_format_compatible           Y 
_pdbx_database_status.status_code_mr                  ? 
_pdbx_database_status.status_code_sf                  ? 
_pdbx_database_status.status_code_cs                  ? 
_pdbx_database_status.status_code_nmr_data            ? 
_pdbx_database_status.methods_development_category    ? 
# 
loop_
_pdbx_database_related.db_name 
_pdbx_database_related.db_id 
_pdbx_database_related.details 
_pdbx_database_related.content_type 
PDB      1DBX   . unspecified 
TargetDB HI1434 . unspecified 
# 
loop_
_audit_author.name 
_audit_author.pdbx_ordinal 
'Zhang, H.'                          1 
'Huang, K.'                          2 
'Li, Z.'                             3 
'Herzberg, O.'                       4 
'Structure 2 Function Project (S2F)' 5 
# 
_citation.id                        primary 
_citation.title                     
'Crystal structure of YbaK protein from Haemophilus influenzae (HI1434) at 1.8 A resolution: functional implications.' 
_citation.journal_abbrev            Proteins 
_citation.journal_volume            40 
_citation.page_first                86 
_citation.page_last                 97 
_citation.year                      2000 
_citation.journal_id_ASTM           PSFGEY 
_citation.country                   US 
_citation.journal_id_ISSN           0887-3585 
_citation.journal_id_CSD            0867 
_citation.book_publisher            ? 
_citation.pdbx_database_id_PubMed   10813833 
_citation.pdbx_database_id_DOI      '10.1002/(SICI)1097-0134(20000701)40:1<86::AID-PROT100>3.0.CO;2-Y' 
# 
loop_
_citation_author.citation_id 
_citation_author.name 
_citation_author.ordinal 
_citation_author.identifier_ORCID 
primary 'Zhang, H.'      1 ? 
primary 'Huang, K.'      2 ? 
primary 'Li, Z.'         3 ? 
primary 'Banerjei, L.'   4 ? 
primary 'Fisher, K.E.'   5 ? 
primary 'Grishin, N.V.'  6 ? 
primary 'Eisenstein, E.' 7 ? 
primary 'Herzberg, O.'   8 ? 
# 
loop_
_entity.id 
_entity.type 
_entity.src_method 
_entity.pdbx_description 
_entity.formula_weight 
_entity.pdbx_number_of_molecules 
_entity.pdbx_ec 
_entity.pdbx_mutation 
_entity.pdbx_fragment 
_entity.details 
1 polymer     man 'cysteinyl-tRNA(Pro) deacylase' 17273.607 1   ? ? ? ? 
2 non-polymer syn 'MERCURY (II) ION'              200.590   1   ? ? ? ? 
3 water       nat water                           18.015    171 ? ? ? ? 
# 
_entity_name_com.entity_id   1 
_entity_name_com.name        HI1434 
# 
_entity_poly.entity_id                      1 
_entity_poly.type                           'polypeptide(L)' 
_entity_poly.nstd_linkage                   no 
_entity_poly.nstd_monomer                   yes 
_entity_poly.pdbx_seq_one_letter_code       
;MTPAIDLLKKQKIPFILHTYDHDPNNQHFGDEAAEKLGIDPNRSFKTLLVAENGDQKKLACFVLATAN(MSE)LNLKKAA
KSIGVKKVE(MSE)ADKDAAQKSTGYLVGGISPLGQKKRVKTVINSTALEFETIYVSGGKRGLSVEIAPQDLAKVLGAEF
TDIVDE
;
_entity_poly.pdbx_seq_one_letter_code_can   
;MTPAIDLLKKQKIPFILHTYDHDPNNQHFGDEAAEKLGIDPNRSFKTLLVAENGDQKKLACFVLATANMLNLKKAAKSIG
VKKVEMADKDAAQKSTGYLVGGISPLGQKKRVKTVINSTALEFETIYVSGGKRGLSVEIAPQDLAKVLGAEFTDIVDE
;
_entity_poly.pdbx_strand_id                 A 
_entity_poly.pdbx_target_identifier         HI1434 
# 
loop_
_pdbx_entity_nonpoly.entity_id 
_pdbx_entity_nonpoly.name 
_pdbx_entity_nonpoly.comp_id 
2 'MERCURY (II) ION' HG  
3 water              HOH 
# 
loop_
_entity_poly_seq.entity_id 
_entity_poly_seq.num 
_entity_poly_seq.mon_id 
_entity_poly_seq.hetero 
1 1   MET n 
1 2   THR n 
1 3   PRO n 
1 4   ALA n 
1 5   ILE n 
1 6   ASP n 
1 7   LEU n 
1 8   LEU n 
1 9   LYS n 
1 10  LYS n 
1 11  GLN n 
1 12  LYS n 
1 13  ILE n 
1 14  PRO n 
1 15  PHE n 
1 16  ILE n 
1 17  LEU n 
1 18  HIS n 
1 19  THR n 
1 20  TYR n 
1 21  ASP n 
1 22  HIS n 
1 23  ASP n 
1 24  PRO n 
1 25  ASN n 
1 26  ASN n 
1 27  GLN n 
1 28  HIS n 
1 29  PHE n 
1 30  GLY n 
1 31  ASP n 
1 32  GLU n 
1 33  ALA n 
1 34  ALA n 
1 35  GLU n 
1 36  LYS n 
1 37  LEU n 
1 38  GLY n 
1 39  ILE n 
1 40  ASP n 
1 41  PRO n 
1 42  ASN n 
1 43  ARG n 
1 44  SER n 
1 45  PHE n 
1 46  LYS n 
1 47  THR n 
1 48  LEU n 
1 49  LEU n 
1 50  VAL n 
1 51  ALA n 
1 52  GLU n 
1 53  ASN n 
1 54  GLY n 
1 55  ASP n 
1 56  GLN n 
1 57  LYS n 
1 58  LYS n 
1 59  LEU n 
1 60  ALA n 
1 61  CYS n 
1 62  PHE n 
1 63  VAL n 
1 64  LEU n 
1 65  ALA n 
1 66  THR n 
1 67  ALA n 
1 68  ASN n 
1 69  MSE n 
1 70  LEU n 
1 71  ASN n 
1 72  LEU n 
1 73  LYS n 
1 74  LYS n 
1 75  ALA n 
1 76  ALA n 
1 77  LYS n 
1 78  SER n 
1 79  ILE n 
1 80  GLY n 
1 81  VAL n 
1 82  LYS n 
1 83  LYS n 
1 84  VAL n 
1 85  GLU n 
1 86  MSE n 
1 87  ALA n 
1 88  ASP n 
1 89  LYS n 
1 90  ASP n 
1 91  ALA n 
1 92  ALA n 
1 93  GLN n 
1 94  LYS n 
1 95  SER n 
1 96  THR n 
1 97  GLY n 
1 98  TYR n 
1 99  LEU n 
1 100 VAL n 
1 101 GLY n 
1 102 GLY n 
1 103 ILE n 
1 104 SER n 
1 105 PRO n 
1 106 LEU n 
1 107 GLY n 
1 108 GLN n 
1 109 LYS n 
1 110 LYS n 
1 111 ARG n 
1 112 VAL n 
1 113 LYS n 
1 114 THR n 
1 115 VAL n 
1 116 ILE n 
1 117 ASN n 
1 118 SER n 
1 119 THR n 
1 120 ALA n 
1 121 LEU n 
1 122 GLU n 
1 123 PHE n 
1 124 GLU n 
1 125 THR n 
1 126 ILE n 
1 127 TYR n 
1 128 VAL n 
1 129 SER n 
1 130 GLY n 
1 131 GLY n 
1 132 LYS n 
1 133 ARG n 
1 134 GLY n 
1 135 LEU n 
1 136 SER n 
1 137 VAL n 
1 138 GLU n 
1 139 ILE n 
1 140 ALA n 
1 141 PRO n 
1 142 GLN n 
1 143 ASP n 
1 144 LEU n 
1 145 ALA n 
1 146 LYS n 
1 147 VAL n 
1 148 LEU n 
1 149 GLY n 
1 150 ALA n 
1 151 GLU n 
1 152 PHE n 
1 153 THR n 
1 154 ASP n 
1 155 ILE n 
1 156 VAL n 
1 157 ASP n 
1 158 GLU n 
# 
_entity_src_gen.entity_id                          1 
_entity_src_gen.pdbx_src_id                        1 
_entity_src_gen.pdbx_alt_source_flag               sample 
_entity_src_gen.pdbx_seq_type                      ? 
_entity_src_gen.pdbx_beg_seq_num                   ? 
_entity_src_gen.pdbx_end_seq_num                   ? 
_entity_src_gen.gene_src_common_name               ? 
_entity_src_gen.gene_src_genus                     Haemophilus 
_entity_src_gen.pdbx_gene_src_gene                 YbaK 
_entity_src_gen.gene_src_species                   ? 
_entity_src_gen.gene_src_strain                    ? 
_entity_src_gen.gene_src_tissue                    ? 
_entity_src_gen.gene_src_tissue_fraction           ? 
_entity_src_gen.gene_src_details                   ? 
_entity_src_gen.pdbx_gene_src_fragment             ? 
_entity_src_gen.pdbx_gene_src_scientific_name      'Haemophilus influenzae' 
_entity_src_gen.pdbx_gene_src_ncbi_taxonomy_id     727 
_entity_src_gen.pdbx_gene_src_variant              ? 
_entity_src_gen.pdbx_gene_src_cell_line            ? 
_entity_src_gen.pdbx_gene_src_atcc                 ? 
_entity_src_gen.pdbx_gene_src_organ                ? 
_entity_src_gen.pdbx_gene_src_organelle            ? 
_entity_src_gen.pdbx_gene_src_cell                 ? 
_entity_src_gen.pdbx_gene_src_cellular_location    ? 
_entity_src_gen.host_org_common_name               ? 
_entity_src_gen.pdbx_host_org_scientific_name      'Escherichia coli' 
_entity_src_gen.pdbx_host_org_ncbi_taxonomy_id     562 
_entity_src_gen.host_org_genus                     Escherichia 
_entity_src_gen.pdbx_host_org_gene                 ? 
_entity_src_gen.pdbx_host_org_organ                ? 
_entity_src_gen.host_org_species                   ? 
_entity_src_gen.pdbx_host_org_tissue               ? 
_entity_src_gen.pdbx_host_org_tissue_fraction      ? 
_entity_src_gen.pdbx_host_org_strain               B834 
_entity_src_gen.pdbx_host_org_variant              ? 
_entity_src_gen.pdbx_host_org_cell_line            ? 
_entity_src_gen.pdbx_host_org_atcc                 ? 
_entity_src_gen.pdbx_host_org_culture_collection   ? 
_entity_src_gen.pdbx_host_org_cell                 ? 
_entity_src_gen.pdbx_host_org_organelle            ? 
_entity_src_gen.pdbx_host_org_cellular_location    ? 
_entity_src_gen.pdbx_host_org_vector_type          ? 
_entity_src_gen.pdbx_host_org_vector               YCYB2 
_entity_src_gen.host_org_details                   ? 
_entity_src_gen.expression_system_id               ? 
_entity_src_gen.plasmid_name                       ? 
_entity_src_gen.plasmid_details                    ? 
_entity_src_gen.pdbx_description                   'IMPACT I SYSTEM FROM NEW ENGLAND BIOLABS' 
# 
loop_
_chem_comp.id 
_chem_comp.type 
_chem_comp.mon_nstd_flag 
_chem_comp.name 
_chem_comp.pdbx_synonyms 
_chem_comp.formula 
_chem_comp.formula_weight 
ALA 'L-peptide linking' y ALANINE            ? 'C3 H7 N O2'     89.093  
ARG 'L-peptide linking' y ARGININE           ? 'C6 H15 N4 O2 1' 175.209 
ASN 'L-peptide linking' y ASPARAGINE         ? 'C4 H8 N2 O3'    132.118 
ASP 'L-peptide linking' y 'ASPARTIC ACID'    ? 'C4 H7 N O4'     133.103 
CYS 'L-peptide linking' y CYSTEINE           ? 'C3 H7 N O2 S'   121.158 
GLN 'L-peptide linking' y GLUTAMINE          ? 'C5 H10 N2 O3'   146.144 
GLU 'L-peptide linking' y 'GLUTAMIC ACID'    ? 'C5 H9 N O4'     147.129 
GLY 'peptide linking'   y GLYCINE            ? 'C2 H5 N O2'     75.067  
HG  non-polymer         . 'MERCURY (II) ION' ? 'Hg 2'           200.590 
HIS 'L-peptide linking' y HISTIDINE          ? 'C6 H10 N3 O2 1' 156.162 
HOH non-polymer         . WATER              ? 'H2 O'           18.015  
ILE 'L-peptide linking' y ISOLEUCINE         ? 'C6 H13 N O2'    131.173 
LEU 'L-peptide linking' y LEUCINE            ? 'C6 H13 N O2'    131.173 
LYS 'L-peptide linking' y LYSINE             ? 'C6 H15 N2 O2 1' 147.195 
MET 'L-peptide linking' y METHIONINE         ? 'C5 H11 N O2 S'  149.211 
MSE 'L-peptide linking' n SELENOMETHIONINE   ? 'C5 H11 N O2 Se' 196.106 
PHE 'L-peptide linking' y PHENYLALANINE      ? 'C9 H11 N O2'    165.189 
PRO 'L-peptide linking' y PROLINE            ? 'C5 H9 N O2'     115.130 
SER 'L-peptide linking' y SERINE             ? 'C3 H7 N O3'     105.093 
THR 'L-peptide linking' y THREONINE          ? 'C4 H9 N O3'     119.119 
TYR 'L-peptide linking' y TYROSINE           ? 'C9 H11 N O3'    181.189 
VAL 'L-peptide linking' y VALINE             ? 'C5 H11 N O2'    117.146 
# 
loop_
_pdbx_poly_seq_scheme.asym_id 
_pdbx_poly_seq_scheme.entity_id 
_pdbx_poly_seq_scheme.seq_id 
_pdbx_poly_seq_scheme.mon_id 
_pdbx_poly_seq_scheme.ndb_seq_num 
_pdbx_poly_seq_scheme.pdb_seq_num 
_pdbx_poly_seq_scheme.auth_seq_num 
_pdbx_poly_seq_scheme.pdb_mon_id 
_pdbx_poly_seq_scheme.auth_mon_id 
_pdbx_poly_seq_scheme.pdb_strand_id 
_pdbx_poly_seq_scheme.pdb_ins_code 
_pdbx_poly_seq_scheme.hetero 
A 1 1   MET 1   1   ?   ?   ?   A . n 
A 1 2   THR 2   2   2   THR THR A . n 
A 1 3   PRO 3   3   3   PRO PRO A . n 
A 1 4   ALA 4   4   4   ALA ALA A . n 
A 1 5   ILE 5   5   5   ILE ILE A . n 
A 1 6   ASP 6   6   6   ASP ASP A . n 
A 1 7   LEU 7   7   7   LEU LEU A . n 
A 1 8   LEU 8   8   8   LEU LEU A . n 
A 1 9   LYS 9   9   9   LYS LYS A . n 
A 1 10  LYS 10  10  10  LYS LYS A . n 
A 1 11  GLN 11  11  11  GLN GLN A . n 
A 1 12  LYS 12  12  12  LYS LYS A . n 
A 1 13  ILE 13  13  13  ILE ILE A . n 
A 1 14  PRO 14  14  14  PRO PRO A . n 
A 1 15  PHE 15  15  15  PHE PHE A . n 
A 1 16  ILE 16  16  16  ILE ILE A . n 
A 1 17  LEU 17  17  17  LEU LEU A . n 
A 1 18  HIS 18  18  18  HIS HIS A . n 
A 1 19  THR 19  19  19  THR THR A . n 
A 1 20  TYR 20  20  20  TYR TYR A . n 
A 1 21  ASP 21  21  21  ASP ASP A . n 
A 1 22  HIS 22  22  22  HIS HIS A . n 
A 1 23  ASP 23  23  23  ASP ASP A . n 
A 1 24  PRO 24  24  24  PRO PRO A . n 
A 1 25  ASN 25  25  25  ASN ASN A . n 
A 1 26  ASN 26  26  ?   ?   ?   A . n 
A 1 27  GLN 27  27  ?   ?   ?   A . n 
A 1 28  HIS 28  28  ?   ?   ?   A . n 
A 1 29  PHE 29  29  ?   ?   ?   A . n 
A 1 30  GLY 30  30  ?   ?   ?   A . n 
A 1 31  ASP 31  31  31  ASP ASP A . n 
A 1 32  GLU 32  32  32  GLU GLU A . n 
A 1 33  ALA 33  33  33  ALA ALA A . n 
A 1 34  ALA 34  34  34  ALA ALA A . n 
A 1 35  GLU 35  35  35  GLU GLU A . n 
A 1 36  LYS 36  36  36  LYS LYS A . n 
A 1 37  LEU 37  37  37  LEU LEU A . n 
A 1 38  GLY 38  38  38  GLY GLY A . n 
A 1 39  ILE 39  39  39  ILE ILE A . n 
A 1 40  ASP 40  40  40  ASP ASP A . n 
A 1 41  PRO 41  41  41  PRO PRO A . n 
A 1 42  ASN 42  42  42  ASN ASN A . n 
A 1 43  ARG 43  43  43  ARG ARG A . n 
A 1 44  SER 44  44  44  SER SER A . n 
A 1 45  PHE 45  45  45  PHE PHE A . n 
A 1 46  LYS 46  46  46  LYS LYS A . n 
A 1 47  THR 47  47  47  THR THR A . n 
A 1 48  LEU 48  48  48  LEU LEU A . n 
A 1 49  LEU 49  49  49  LEU LEU A . n 
A 1 50  VAL 50  50  50  VAL VAL A . n 
A 1 51  ALA 51  51  51  ALA ALA A . n 
A 1 52  GLU 52  52  52  GLU GLU A . n 
A 1 53  ASN 53  53  53  ASN ASN A . n 
A 1 54  GLY 54  54  54  GLY GLY A . n 
A 1 55  ASP 55  55  55  ASP ASP A . n 
A 1 56  GLN 56  56  56  GLN GLN A . n 
A 1 57  LYS 57  57  57  LYS LYS A . n 
A 1 58  LYS 58  58  58  LYS LYS A . n 
A 1 59  LEU 59  59  59  LEU LEU A . n 
A 1 60  ALA 60  60  60  ALA ALA A . n 
A 1 61  CYS 61  61  61  CYS CYS A . n 
A 1 62  PHE 62  62  62  PHE PHE A . n 
A 1 63  VAL 63  63  63  VAL VAL A . n 
A 1 64  LEU 64  64  64  LEU LEU A . n 
A 1 65  ALA 65  65  65  ALA ALA A . n 
A 1 66  THR 66  66  66  THR THR A . n 
A 1 67  ALA 67  67  67  ALA ALA A . n 
A 1 68  ASN 68  68  68  ASN ASN A . n 
A 1 69  MSE 69  69  69  MSE MET A . n 
A 1 70  LEU 70  70  70  LEU LEU A . n 
A 1 71  ASN 71  71  71  ASN ASN A . n 
A 1 72  LEU 72  72  72  LEU LEU A . n 
A 1 73  LYS 73  73  73  LYS LYS A . n 
A 1 74  LYS 74  74  74  LYS LYS A . n 
A 1 75  ALA 75  75  75  ALA ALA A . n 
A 1 76  ALA 76  76  76  ALA ALA A . n 
A 1 77  LYS 77  77  77  LYS LYS A . n 
A 1 78  SER 78  78  78  SER SER A . n 
A 1 79  ILE 79  79  79  ILE ILE A . n 
A 1 80  GLY 80  80  80  GLY GLY A . n 
A 1 81  VAL 81  81  81  VAL VAL A . n 
A 1 82  LYS 82  82  82  LYS LYS A . n 
A 1 83  LYS 83  83  83  LYS LYS A . n 
A 1 84  VAL 84  84  84  VAL VAL A . n 
A 1 85  GLU 85  85  85  GLU GLU A . n 
A 1 86  MSE 86  86  86  MSE MET A . n 
A 1 87  ALA 87  87  87  ALA ALA A . n 
A 1 88  ASP 88  88  88  ASP ASP A . n 
A 1 89  LYS 89  89  89  LYS LYS A . n 
A 1 90  ASP 90  90  90  ASP ASP A . n 
A 1 91  ALA 91  91  91  ALA ALA A . n 
A 1 92  ALA 92  92  92  ALA ALA A . n 
A 1 93  GLN 93  93  93  GLN GLN A . n 
A 1 94  LYS 94  94  94  LYS LYS A . n 
A 1 95  SER 95  95  95  SER SER A . n 
A 1 96  THR 96  96  96  THR THR A . n 
A 1 97  GLY 97  97  97  GLY GLY A . n 
A 1 98  TYR 98  98  98  TYR TYR A . n 
A 1 99  LEU 99  99  99  LEU LEU A . n 
A 1 100 VAL 100 100 100 VAL VAL A . n 
A 1 101 GLY 101 101 101 GLY GLY A . n 
A 1 102 GLY 102 102 102 GLY GLY A . n 
A 1 103 ILE 103 103 103 ILE ILE A . n 
A 1 104 SER 104 104 104 SER SER A . n 
A 1 105 PRO 105 105 105 PRO PRO A . n 
A 1 106 LEU 106 106 106 LEU LEU A . n 
A 1 107 GLY 107 107 107 GLY GLY A . n 
A 1 108 GLN 108 108 108 GLN GLN A . n 
A 1 109 LYS 109 109 109 LYS LYS A . n 
A 1 110 LYS 110 110 110 LYS LYS A . n 
A 1 111 ARG 111 111 111 ARG ARG A . n 
A 1 112 VAL 112 112 112 VAL VAL A . n 
A 1 113 LYS 113 113 113 LYS LYS A . n 
A 1 114 THR 114 114 114 THR THR A . n 
A 1 115 VAL 115 115 115 VAL VAL A . n 
A 1 116 ILE 116 116 116 ILE ILE A . n 
A 1 117 ASN 117 117 117 ASN ASN A . n 
A 1 118 SER 118 118 118 SER SER A . n 
A 1 119 THR 119 119 119 THR THR A . n 
A 1 120 ALA 120 120 120 ALA ALA A . n 
A 1 121 LEU 121 121 121 LEU LEU A . n 
A 1 122 GLU 122 122 122 GLU GLU A . n 
A 1 123 PHE 123 123 123 PHE PHE A . n 
A 1 124 GLU 124 124 124 GLU GLU A . n 
A 1 125 THR 125 125 125 THR THR A . n 
A 1 126 ILE 126 126 126 ILE ILE A . n 
A 1 127 TYR 127 127 127 TYR TYR A . n 
A 1 128 VAL 128 128 128 VAL VAL A . n 
A 1 129 SER 129 129 129 SER SER A . n 
A 1 130 GLY 130 130 130 GLY GLY A . n 
A 1 131 GLY 131 131 131 GLY GLY A . n 
A 1 132 LYS 132 132 132 LYS LYS A . n 
A 1 133 ARG 133 133 133 ARG ARG A . n 
A 1 134 GLY 134 134 134 GLY GLY A . n 
A 1 135 LEU 135 135 135 LEU LEU A . n 
A 1 136 SER 136 136 136 SER SER A . n 
A 1 137 VAL 137 137 137 VAL VAL A . n 
A 1 138 GLU 138 138 138 GLU GLU A . n 
A 1 139 ILE 139 139 139 ILE ILE A . n 
A 1 140 ALA 140 140 140 ALA ALA A . n 
A 1 141 PRO 141 141 141 PRO PRO A . n 
A 1 142 GLN 142 142 142 GLN GLN A . n 
A 1 143 ASP 143 143 143 ASP ASP A . n 
A 1 144 LEU 144 144 144 LEU LEU A . n 
A 1 145 ALA 145 145 145 ALA ALA A . n 
A 1 146 LYS 146 146 146 LYS LYS A . n 
A 1 147 VAL 147 147 147 VAL VAL A . n 
A 1 148 LEU 148 148 148 LEU LEU A . n 
A 1 149 GLY 149 149 149 GLY GLY A . n 
A 1 150 ALA 150 150 150 ALA ALA A . n 
A 1 151 GLU 151 151 151 GLU GLU A . n 
A 1 152 PHE 152 152 152 PHE PHE A . n 
A 1 153 THR 153 153 153 THR THR A . n 
A 1 154 ASP 154 154 154 ASP ASP A . n 
A 1 155 ILE 155 155 155 ILE ILE A . n 
A 1 156 VAL 156 156 156 VAL VAL A . n 
A 1 157 ASP 157 157 157 ASP ASP A . n 
A 1 158 GLU 158 158 158 GLU GLU A . n 
# 
loop_
_pdbx_nonpoly_scheme.asym_id 
_pdbx_nonpoly_scheme.entity_id 
_pdbx_nonpoly_scheme.mon_id 
_pdbx_nonpoly_scheme.ndb_seq_num 
_pdbx_nonpoly_scheme.pdb_seq_num 
_pdbx_nonpoly_scheme.auth_seq_num 
_pdbx_nonpoly_scheme.pdb_mon_id 
_pdbx_nonpoly_scheme.auth_mon_id 
_pdbx_nonpoly_scheme.pdb_strand_id 
_pdbx_nonpoly_scheme.pdb_ins_code 
B 2 HG  1   260 160 HG  IUM A . 
C 3 HOH 1   261 1   HOH WAT A . 
C 3 HOH 2   262 2   HOH WAT A . 
C 3 HOH 3   263 3   HOH WAT A . 
C 3 HOH 4   264 4   HOH WAT A . 
C 3 HOH 5   265 5   HOH WAT A . 
C 3 HOH 6   266 6   HOH WAT A . 
C 3 HOH 7   267 7   HOH WAT A . 
C 3 HOH 8   268 8   HOH WAT A . 
C 3 HOH 9   269 9   HOH WAT A . 
C 3 HOH 10  270 10  HOH WAT A . 
C 3 HOH 11  271 11  HOH WAT A . 
C 3 HOH 12  272 12  HOH WAT A . 
C 3 HOH 13  273 13  HOH WAT A . 
C 3 HOH 14  274 14  HOH WAT A . 
C 3 HOH 15  275 15  HOH WAT A . 
C 3 HOH 16  276 16  HOH WAT A . 
C 3 HOH 17  277 17  HOH WAT A . 
C 3 HOH 18  278 18  HOH WAT A . 
C 3 HOH 19  279 19  HOH WAT A . 
C 3 HOH 20  280 20  HOH WAT A . 
C 3 HOH 21  281 21  HOH WAT A . 
C 3 HOH 22  282 22  HOH WAT A . 
C 3 HOH 23  283 23  HOH WAT A . 
C 3 HOH 24  284 24  HOH WAT A . 
C 3 HOH 25  285 25  HOH WAT A . 
C 3 HOH 26  286 26  HOH WAT A . 
C 3 HOH 27  287 27  HOH WAT A . 
C 3 HOH 28  288 28  HOH WAT A . 
C 3 HOH 29  289 29  HOH WAT A . 
C 3 HOH 30  290 30  HOH WAT A . 
C 3 HOH 31  291 31  HOH WAT A . 
C 3 HOH 32  292 32  HOH WAT A . 
C 3 HOH 33  293 33  HOH WAT A . 
C 3 HOH 34  294 34  HOH WAT A . 
C 3 HOH 35  295 35  HOH WAT A . 
C 3 HOH 36  296 36  HOH WAT A . 
C 3 HOH 37  297 37  HOH WAT A . 
C 3 HOH 38  298 38  HOH WAT A . 
C 3 HOH 39  299 39  HOH WAT A . 
C 3 HOH 40  300 40  HOH WAT A . 
C 3 HOH 41  301 41  HOH WAT A . 
C 3 HOH 42  302 42  HOH WAT A . 
C 3 HOH 43  303 43  HOH WAT A . 
C 3 HOH 44  304 44  HOH WAT A . 
C 3 HOH 45  305 45  HOH WAT A . 
C 3 HOH 46  306 46  HOH WAT A . 
C 3 HOH 47  307 47  HOH WAT A . 
C 3 HOH 48  308 48  HOH WAT A . 
C 3 HOH 49  309 49  HOH WAT A . 
C 3 HOH 50  310 50  HOH WAT A . 
C 3 HOH 51  311 51  HOH WAT A . 
C 3 HOH 52  312 52  HOH WAT A . 
C 3 HOH 53  313 53  HOH WAT A . 
C 3 HOH 54  314 54  HOH WAT A . 
C 3 HOH 55  315 55  HOH WAT A . 
C 3 HOH 56  316 56  HOH WAT A . 
C 3 HOH 57  317 57  HOH WAT A . 
C 3 HOH 58  318 58  HOH WAT A . 
C 3 HOH 59  319 59  HOH WAT A . 
C 3 HOH 60  320 60  HOH WAT A . 
C 3 HOH 61  321 61  HOH WAT A . 
C 3 HOH 62  322 62  HOH WAT A . 
C 3 HOH 63  323 63  HOH WAT A . 
C 3 HOH 64  324 64  HOH WAT A . 
C 3 HOH 65  325 65  HOH WAT A . 
C 3 HOH 66  326 66  HOH WAT A . 
C 3 HOH 67  327 67  HOH WAT A . 
C 3 HOH 68  328 68  HOH WAT A . 
C 3 HOH 69  329 69  HOH WAT A . 
C 3 HOH 70  330 70  HOH WAT A . 
C 3 HOH 71  331 71  HOH WAT A . 
C 3 HOH 72  332 72  HOH WAT A . 
C 3 HOH 73  333 73  HOH WAT A . 
C 3 HOH 74  334 74  HOH WAT A . 
C 3 HOH 75  335 75  HOH WAT A . 
C 3 HOH 76  336 76  HOH WAT A . 
C 3 HOH 77  337 77  HOH WAT A . 
C 3 HOH 78  338 78  HOH WAT A . 
C 3 HOH 79  339 79  HOH WAT A . 
C 3 HOH 80  340 80  HOH WAT A . 
C 3 HOH 81  341 81  HOH WAT A . 
C 3 HOH 82  342 82  HOH WAT A . 
C 3 HOH 83  343 83  HOH WAT A . 
C 3 HOH 84  344 84  HOH WAT A . 
C 3 HOH 85  345 85  HOH WAT A . 
C 3 HOH 86  346 86  HOH WAT A . 
C 3 HOH 87  347 87  HOH WAT A . 
C 3 HOH 88  348 88  HOH WAT A . 
C 3 HOH 89  349 89  HOH WAT A . 
C 3 HOH 90  350 90  HOH WAT A . 
C 3 HOH 91  351 91  HOH WAT A . 
C 3 HOH 92  352 92  HOH WAT A . 
C 3 HOH 93  353 93  HOH WAT A . 
C 3 HOH 94  354 94  HOH WAT A . 
C 3 HOH 95  355 95  HOH WAT A . 
C 3 HOH 96  356 96  HOH WAT A . 
C 3 HOH 97  357 97  HOH WAT A . 
C 3 HOH 98  358 98  HOH WAT A . 
C 3 HOH 99  359 99  HOH WAT A . 
C 3 HOH 100 360 100 HOH WAT A . 
C 3 HOH 101 361 101 HOH WAT A . 
C 3 HOH 102 362 102 HOH WAT A . 
C 3 HOH 103 363 103 HOH WAT A . 
C 3 HOH 104 364 104 HOH WAT A . 
C 3 HOH 105 365 105 HOH WAT A . 
C 3 HOH 106 366 106 HOH WAT A . 
C 3 HOH 107 367 107 HOH WAT A . 
C 3 HOH 108 368 108 HOH WAT A . 
C 3 HOH 109 369 109 HOH WAT A . 
C 3 HOH 110 370 110 HOH WAT A . 
C 3 HOH 111 371 111 HOH WAT A . 
C 3 HOH 112 372 112 HOH WAT A . 
C 3 HOH 113 373 113 HOH WAT A . 
C 3 HOH 114 374 114 HOH WAT A . 
C 3 HOH 115 375 115 HOH WAT A . 
C 3 HOH 116 376 116 HOH WAT A . 
C 3 HOH 117 377 117 HOH WAT A . 
C 3 HOH 118 378 118 HOH WAT A . 
C 3 HOH 119 379 119 HOH WAT A . 
C 3 HOH 120 380 120 HOH WAT A . 
C 3 HOH 121 381 121 HOH WAT A . 
C 3 HOH 122 382 122 HOH WAT A . 
C 3 HOH 123 383 123 HOH WAT A . 
C 3 HOH 124 384 124 HOH WAT A . 
C 3 HOH 125 385 125 HOH WAT A . 
C 3 HOH 126 386 126 HOH WAT A . 
C 3 HOH 127 387 127 HOH WAT A . 
C 3 HOH 128 388 128 HOH WAT A . 
C 3 HOH 129 389 129 HOH WAT A . 
C 3 HOH 130 390 130 HOH WAT A . 
C 3 HOH 131 391 131 HOH WAT A . 
C 3 HOH 132 392 132 HOH WAT A . 
C 3 HOH 133 393 133 HOH WAT A . 
C 3 HOH 134 394 134 HOH WAT A . 
C 3 HOH 135 395 135 HOH WAT A . 
C 3 HOH 136 396 136 HOH WAT A . 
C 3 HOH 137 397 137 HOH WAT A . 
C 3 HOH 138 398 138 HOH WAT A . 
C 3 HOH 139 399 139 HOH WAT A . 
C 3 HOH 140 400 140 HOH WAT A . 
C 3 HOH 141 401 141 HOH WAT A . 
C 3 HOH 142 402 142 HOH WAT A . 
C 3 HOH 143 403 143 HOH WAT A . 
C 3 HOH 144 404 144 HOH WAT A . 
C 3 HOH 145 405 145 HOH WAT A . 
C 3 HOH 146 406 146 HOH WAT A . 
C 3 HOH 147 407 147 HOH WAT A . 
C 3 HOH 148 408 148 HOH WAT A . 
C 3 HOH 149 409 149 HOH WAT A . 
C 3 HOH 150 410 150 HOH WAT A . 
C 3 HOH 151 411 151 HOH WAT A . 
C 3 HOH 152 412 152 HOH WAT A . 
C 3 HOH 153 413 153 HOH WAT A . 
C 3 HOH 154 414 154 HOH WAT A . 
C 3 HOH 155 415 155 HOH WAT A . 
C 3 HOH 156 416 156 HOH WAT A . 
C 3 HOH 157 417 157 HOH WAT A . 
C 3 HOH 158 418 158 HOH WAT A . 
C 3 HOH 159 419 159 HOH WAT A . 
C 3 HOH 160 420 160 HOH WAT A . 
C 3 HOH 161 421 161 HOH WAT A . 
C 3 HOH 162 422 162 HOH WAT A . 
C 3 HOH 163 423 163 HOH WAT A . 
C 3 HOH 164 424 164 HOH WAT A . 
C 3 HOH 165 425 165 HOH WAT A . 
C 3 HOH 166 426 167 HOH WAT A . 
C 3 HOH 167 427 168 HOH WAT A . 
C 3 HOH 168 428 169 HOH WAT A . 
C 3 HOH 169 429 170 HOH WAT A . 
C 3 HOH 170 430 171 HOH WAT A . 
C 3 HOH 171 431 172 HOH WAT A . 
# 
loop_
_software.name 
_software.classification 
_software.version 
_software.citation_id 
_software.pdbx_ordinal 
DENZO     'data reduction' . ? 1 
SCALEPACK 'data scaling'   . ? 2 
MLPHARE   phasing          . ? 3 
REFMAC    refinement       . ? 4 
# 
_cell.entry_id           1DBU 
_cell.length_a           102.570 
_cell.length_b           42.490 
_cell.length_c           32.540 
_cell.angle_alpha        90.00 
_cell.angle_beta         104.17 
_cell.angle_gamma        90.00 
_cell.Z_PDB              4 
_cell.pdbx_unique_axis   ? 
# 
_symmetry.entry_id                         1DBU 
_symmetry.space_group_name_H-M             'C 1 2 1' 
_symmetry.pdbx_full_space_group_name_H-M   ? 
_symmetry.cell_setting                     ? 
_symmetry.Int_Tables_number                5 
_symmetry.space_group_name_Hall            ? 
# 
_exptl.entry_id          1DBU 
_exptl.method            'X-RAY DIFFRACTION' 
_exptl.crystals_number   1 
# 
_exptl_crystal.id                    1 
_exptl_crystal.density_meas          ? 
_exptl_crystal.density_Matthews      1.99 
_exptl_crystal.density_percent_sol   28.0 
_exptl_crystal.description           ? 
_exptl_crystal.F_000                 ? 
_exptl_crystal.preparation           ? 
# 
_diffrn.id                     1 
_diffrn.ambient_temp           100.0 
_diffrn.ambient_temp_details   ? 
_diffrn.crystal_id             1 
# 
_diffrn_detector.diffrn_id              1 
_diffrn_detector.detector               CCD 
_diffrn_detector.type                   BRANDEIS 
_diffrn_detector.pdbx_collection_date   1998-10-27 
_diffrn_detector.details                ? 
# 
_diffrn_radiation.diffrn_id                        1 
_diffrn_radiation.wavelength_id                    1 
_diffrn_radiation.pdbx_monochromatic_or_laue_m_l   M 
_diffrn_radiation.monochromator                    ? 
_diffrn_radiation.pdbx_diffrn_protocol             MAD 
_diffrn_radiation.pdbx_scattering_type             x-ray 
# 
_diffrn_radiation_wavelength.id           1 
_diffrn_radiation_wavelength.wavelength   1.0091 
_diffrn_radiation_wavelength.wt           1.0 
# 
_diffrn_source.diffrn_id                   1 
_diffrn_source.source                      SYNCHROTRON 
_diffrn_source.type                        'NSLS BEAMLINE X12C' 
_diffrn_source.pdbx_synchrotron_site       NSLS 
_diffrn_source.pdbx_synchrotron_beamline   X12C 
_diffrn_source.pdbx_wavelength             1.0091 
_diffrn_source.pdbx_wavelength_list        ? 
# 
_reflns.entry_id                     1DBU 
_reflns.observed_criterion_sigma_I   -3.0 
_reflns.observed_criterion_sigma_F   ? 
_reflns.d_resolution_low             20.0 
_reflns.d_resolution_high            1.8 
_reflns.number_obs                   25089 
_reflns.number_all                   ? 
_reflns.percent_possible_obs         98.7 
_reflns.pdbx_Rmerge_I_obs            0.059 
_reflns.pdbx_Rsym_value              ? 
_reflns.pdbx_netI_over_sigmaI        ? 
_reflns.B_iso_Wilson_estimate        20.9 
_reflns.pdbx_redundancy              ? 
_reflns.R_free_details               ? 
_reflns.limit_h_max                  ? 
_reflns.limit_h_min                  ? 
_reflns.limit_k_max                  ? 
_reflns.limit_k_min                  ? 
_reflns.limit_l_max                  ? 
_reflns.limit_l_min                  ? 
_reflns.observed_criterion_F_max     ? 
_reflns.observed_criterion_F_min     ? 
_reflns.pdbx_chi_squared             ? 
_reflns.pdbx_scaling_rejects         ? 
_reflns.pdbx_diffrn_id               1 
_reflns.pdbx_ordinal                 1 
# 
_reflns_shell.d_res_high             1.80 
_reflns_shell.d_res_low              1.86 
_reflns_shell.percent_possible_all   98.0 
_reflns_shell.Rmerge_I_obs           0.357 
_reflns_shell.pdbx_Rsym_value        ? 
_reflns_shell.meanI_over_sigI_obs    ? 
_reflns_shell.pdbx_redundancy        ? 
_reflns_shell.percent_possible_obs   ? 
_reflns_shell.number_unique_all      ? 
_reflns_shell.number_measured_all    ? 
_reflns_shell.number_measured_obs    ? 
_reflns_shell.number_unique_obs      ? 
_reflns_shell.pdbx_chi_squared       ? 
_reflns_shell.pdbx_diffrn_id         ? 
_reflns_shell.pdbx_ordinal           1 
# 
_refine.entry_id                                 1DBU 
_refine.ls_number_reflns_obs                     12727 
_refine.ls_number_reflns_all                     ? 
_refine.pdbx_ls_sigma_I                          0.0 
_refine.pdbx_ls_sigma_F                          0.0 
_refine.pdbx_data_cutoff_high_absF               ? 
_refine.pdbx_data_cutoff_low_absF                ? 
_refine.pdbx_data_cutoff_high_rms_absF           ? 
_refine.ls_d_res_low                             20.0 
_refine.ls_d_res_high                            1.8 
_refine.ls_percent_reflns_obs                    99.6 
_refine.ls_R_factor_obs                          ? 
_refine.ls_R_factor_all                          ? 
_refine.ls_R_factor_R_work                       0.193 
_refine.ls_R_factor_R_free                       0.262 
_refine.ls_R_factor_R_free_error                 ? 
_refine.ls_R_factor_R_free_error_details         ? 
_refine.ls_percent_reflns_R_free                 10.0 
_refine.ls_number_reflns_R_free                  1260 
_refine.ls_number_parameters                     ? 
_refine.ls_number_restraints                     ? 
_refine.occupancy_min                            ? 
_refine.occupancy_max                            ? 
_refine.B_iso_mean                               ? 
_refine.aniso_B[1][1]                            ? 
_refine.aniso_B[2][2]                            ? 
_refine.aniso_B[3][3]                            ? 
_refine.aniso_B[1][2]                            ? 
_refine.aniso_B[1][3]                            ? 
_refine.aniso_B[2][3]                            ? 
_refine.solvent_model_details                    ? 
_refine.solvent_model_param_ksol                 ? 
_refine.solvent_model_param_bsol                 ? 
_refine.pdbx_ls_cross_valid_method               free-R 
_refine.details                                  ? 
_refine.pdbx_starting_model                      ? 
_refine.pdbx_method_to_determine_struct          MAD 
_refine.pdbx_isotropic_thermal_model             ? 
_refine.pdbx_stereochemistry_target_values       ? 
_refine.pdbx_stereochem_target_val_spec_case     ? 
_refine.pdbx_R_Free_selection_details            RANDOM 
_refine.pdbx_overall_ESU_R                       0.173 
_refine.pdbx_overall_ESU_R_Free                  0.171 
_refine.overall_SU_ML                            ? 
_refine.overall_SU_B                             ? 
_refine.ls_redundancy_reflns_obs                 ? 
_refine.B_iso_min                                ? 
_refine.B_iso_max                                ? 
_refine.correlation_coeff_Fo_to_Fc               ? 
_refine.correlation_coeff_Fo_to_Fc_free          ? 
_refine.pdbx_solvent_vdw_probe_radii             ? 
_refine.pdbx_solvent_ion_probe_radii             ? 
_refine.pdbx_solvent_shrinkage_radii             ? 
_refine.overall_SU_R_Cruickshank_DPI             ? 
_refine.overall_SU_R_free                        ? 
_refine.ls_wR_factor_R_free                      ? 
_refine.ls_wR_factor_R_work                      ? 
_refine.overall_FOM_free_R_set                   ? 
_refine.overall_FOM_work_R_set                   ? 
_refine.pdbx_refine_id                           'X-RAY DIFFRACTION' 
_refine.pdbx_diffrn_id                           1 
_refine.pdbx_TLS_residual_ADP_flag               ? 
_refine.pdbx_overall_phase_error                 ? 
_refine.pdbx_overall_SU_R_free_Cruickshank_DPI   ? 
_refine.pdbx_overall_SU_R_Blow_DPI               ? 
_refine.pdbx_overall_SU_R_free_Blow_DPI          ? 
# 
_refine_hist.pdbx_refine_id                   'X-RAY DIFFRACTION' 
_refine_hist.cycle_id                         LAST 
_refine_hist.pdbx_number_atoms_protein        1187 
_refine_hist.pdbx_number_atoms_nucleic_acid   0 
_refine_hist.pdbx_number_atoms_ligand         1 
_refine_hist.number_atoms_solvent             171 
_refine_hist.number_atoms_total               1359 
_refine_hist.d_res_high                       1.8 
_refine_hist.d_res_low                        20.0 
# 
loop_
_refine_ls_restr.type 
_refine_ls_restr.dev_ideal 
_refine_ls_restr.dev_ideal_target 
_refine_ls_restr.weight 
_refine_ls_restr.number 
_refine_ls_restr.pdbx_refine_id 
_refine_ls_restr.pdbx_restraint_function 
p_bond_d  0.013 0.020 ? ? 'X-RAY DIFFRACTION' ? 
p_angle_d 0.032 0.040 ? ? 'X-RAY DIFFRACTION' ? 
# 
_struct.entry_id                  1DBU 
_struct.title                     'Crystal structure of cysteinyl-tRNA(Pro) deacylase protein from H. influenzae (HI1434)' 
_struct.pdbx_model_details        ? 
_struct.pdbx_CASP_flag            ? 
_struct.pdbx_model_type_details   ? 
# 
_struct_keywords.entry_id        1DBU 
_struct_keywords.pdbx_keywords   HYDROLASE 
_struct_keywords.text            'STRUCTURAL GENOMICS, YBAK, Structure 2 Function Project, S2F, HYDROLASE' 
# 
loop_
_struct_asym.id 
_struct_asym.pdbx_blank_PDB_chainid_flag 
_struct_asym.pdbx_modified 
_struct_asym.entity_id 
_struct_asym.details 
A N N 1 ? 
B N N 2 ? 
C N N 3 ? 
# 
_struct_ref.id                         1 
_struct_ref.db_name                    UNP 
_struct_ref.db_code                    Y1434_HAEIN 
_struct_ref.entity_id                  1 
_struct_ref.pdbx_db_accession          P45202 
_struct_ref.pdbx_align_begin           ? 
_struct_ref.pdbx_seq_one_letter_code   ? 
_struct_ref.pdbx_db_isoform            ? 
# 
_struct_ref_seq.align_id                      1 
_struct_ref_seq.ref_id                        1 
_struct_ref_seq.pdbx_PDB_id_code              1DBU 
_struct_ref_seq.pdbx_strand_id                A 
_struct_ref_seq.seq_align_beg                 1 
_struct_ref_seq.pdbx_seq_align_beg_ins_code   ? 
_struct_ref_seq.seq_align_end                 158 
_struct_ref_seq.pdbx_seq_align_end_ins_code   ? 
_struct_ref_seq.pdbx_db_accession             P45202 
_struct_ref_seq.db_align_beg                  1 
_struct_ref_seq.pdbx_db_align_beg_ins_code    ? 
_struct_ref_seq.db_align_end                  158 
_struct_ref_seq.pdbx_db_align_end_ins_code    ? 
_struct_ref_seq.pdbx_auth_seq_align_beg       1 
_struct_ref_seq.pdbx_auth_seq_align_end       158 
# 
loop_
_struct_ref_seq_dif.align_id 
_struct_ref_seq_dif.pdbx_pdb_id_code 
_struct_ref_seq_dif.mon_id 
_struct_ref_seq_dif.pdbx_pdb_strand_id 
_struct_ref_seq_dif.seq_num 
_struct_ref_seq_dif.pdbx_pdb_ins_code 
_struct_ref_seq_dif.pdbx_seq_db_name 
_struct_ref_seq_dif.pdbx_seq_db_accession_code 
_struct_ref_seq_dif.db_mon_id 
_struct_ref_seq_dif.pdbx_seq_db_seq_num 
_struct_ref_seq_dif.details 
_struct_ref_seq_dif.pdbx_auth_seq_num 
_struct_ref_seq_dif.pdbx_ordinal 
1 1DBU MSE A 69  ? UNP P45202 MET 69  'modified residue' 69  1 
1 1DBU MSE A 86  ? UNP P45202 MET 86  'modified residue' 86  2 
1 1DBU ASN A 117 ? UNP P45202 LYS 117 'SEE REMARK 999'   117 3 
# 
_pdbx_struct_assembly.id                   1 
_pdbx_struct_assembly.details              author_defined_assembly 
_pdbx_struct_assembly.method_details       ? 
_pdbx_struct_assembly.oligomeric_details   monomeric 
_pdbx_struct_assembly.oligomeric_count     1 
# 
_pdbx_struct_assembly_gen.assembly_id       1 
_pdbx_struct_assembly_gen.oper_expression   1 
_pdbx_struct_assembly_gen.asym_id_list      A,B,C 
# 
_pdbx_struct_oper_list.id                   1 
_pdbx_struct_oper_list.type                 'identity operation' 
_pdbx_struct_oper_list.name                 1_555 
_pdbx_struct_oper_list.symmetry_operation   x,y,z 
_pdbx_struct_oper_list.matrix[1][1]         1.0000000000 
_pdbx_struct_oper_list.matrix[1][2]         0.0000000000 
_pdbx_struct_oper_list.matrix[1][3]         0.0000000000 
_pdbx_struct_oper_list.vector[1]            0.0000000000 
_pdbx_struct_oper_list.matrix[2][1]         0.0000000000 
_pdbx_struct_oper_list.matrix[2][2]         1.0000000000 
_pdbx_struct_oper_list.matrix[2][3]         0.0000000000 
_pdbx_struct_oper_list.vector[2]            0.0000000000 
_pdbx_struct_oper_list.matrix[3][1]         0.0000000000 
_pdbx_struct_oper_list.matrix[3][2]         0.0000000000 
_pdbx_struct_oper_list.matrix[3][3]         1.0000000000 
_pdbx_struct_oper_list.vector[3]            0.0000000000 
# 
_struct_biol.id                    1 
_struct_biol.pdbx_parent_biol_id   ? 
_struct_biol.details               ? 
# 
loop_
_struct_conf.conf_type_id 
_struct_conf.id 
_struct_conf.pdbx_PDB_helix_id 
_struct_conf.beg_label_comp_id 
_struct_conf.beg_label_asym_id 
_struct_conf.beg_label_seq_id 
_struct_conf.pdbx_beg_PDB_ins_code 
_struct_conf.end_label_comp_id 
_struct_conf.end_label_asym_id 
_struct_conf.end_label_seq_id 
_struct_conf.pdbx_end_PDB_ins_code 
_struct_conf.beg_auth_comp_id 
_struct_conf.beg_auth_asym_id 
_struct_conf.beg_auth_seq_id 
_struct_conf.end_auth_comp_id 
_struct_conf.end_auth_asym_id 
_struct_conf.end_auth_seq_id 
_struct_conf.pdbx_PDB_helix_class 
_struct_conf.details 
_struct_conf.pdbx_PDB_helix_length 
HELX_P HELX_P1 1 THR A 2   ? LYS A 12  ? THR A 2   LYS A 12  1 ? 11 
HELX_P HELX_P2 2 ASP A 31  ? GLY A 38  ? ASP A 31  GLY A 38  1 ? 8  
HELX_P HELX_P3 3 ASP A 40  ? ASN A 42  ? ASP A 40  ASN A 42  5 ? 3  
HELX_P HELX_P4 4 ASN A 71  ? ILE A 79  ? ASN A 71  ILE A 79  1 ? 9  
HELX_P HELX_P5 5 ASP A 88  ? GLY A 97  ? ASP A 88  GLY A 97  1 ? 10 
HELX_P HELX_P6 6 THR A 119 ? PHE A 123 ? THR A 119 PHE A 123 5 ? 5  
HELX_P HELX_P7 7 ALA A 140 ? GLY A 149 ? ALA A 140 GLY A 149 1 ? 10 
# 
_struct_conf_type.id          HELX_P 
_struct_conf_type.criteria    ? 
_struct_conf_type.reference   ? 
# 
loop_
_struct_conn.id 
_struct_conn.conn_type_id 
_struct_conn.pdbx_leaving_atom_flag 
_struct_conn.pdbx_PDB_id 
_struct_conn.ptnr1_label_asym_id 
_struct_conn.ptnr1_label_comp_id 
_struct_conn.ptnr1_label_seq_id 
_struct_conn.ptnr1_label_atom_id 
_struct_conn.pdbx_ptnr1_label_alt_id 
_struct_conn.pdbx_ptnr1_PDB_ins_code 
_struct_conn.pdbx_ptnr1_standard_comp_id 
_struct_conn.ptnr1_symmetry 
_struct_conn.ptnr2_label_asym_id 
_struct_conn.ptnr2_label_comp_id 
_struct_conn.ptnr2_label_seq_id 
_struct_conn.ptnr2_label_atom_id 
_struct_conn.pdbx_ptnr2_label_alt_id 
_struct_conn.pdbx_ptnr2_PDB_ins_code 
_struct_conn.ptnr1_auth_asym_id 
_struct_conn.ptnr1_auth_comp_id 
_struct_conn.ptnr1_auth_seq_id 
_struct_conn.ptnr2_auth_asym_id 
_struct_conn.ptnr2_auth_comp_id 
_struct_conn.ptnr2_auth_seq_id 
_struct_conn.ptnr2_symmetry 
_struct_conn.pdbx_ptnr3_label_atom_id 
_struct_conn.pdbx_ptnr3_label_seq_id 
_struct_conn.pdbx_ptnr3_label_comp_id 
_struct_conn.pdbx_ptnr3_label_asym_id 
_struct_conn.pdbx_ptnr3_label_alt_id 
_struct_conn.pdbx_ptnr3_PDB_ins_code 
_struct_conn.details 
_struct_conn.pdbx_dist_value 
_struct_conn.pdbx_value_order 
_struct_conn.pdbx_role 
covale1 covale both ? A ASN 68  C   ? ? ? 1_555 A MSE 69 N  ? ? A ASN 68  A MSE 69  1_555 ? ? ? ? ? ? ? 1.329 ? ? 
covale2 covale both ? A MSE 69  C   ? ? ? 1_555 A LEU 70 N  ? ? A MSE 69  A LEU 70  1_555 ? ? ? ? ? ? ? 1.345 ? ? 
covale3 covale both ? A GLU 85  C   ? ? ? 1_555 A MSE 86 N  ? ? A GLU 85  A MSE 86  1_555 ? ? ? ? ? ? ? 1.332 ? ? 
covale4 covale both ? A MSE 86  C   ? ? ? 1_555 A ALA 87 N  ? ? A MSE 86  A ALA 87  1_555 ? ? ? ? ? ? ? 1.328 ? ? 
metalc1 metalc ?    ? A CYS 61  SG  B ? ? 1_555 B HG  .  HG ? ? A CYS 61  A HG  260 1_555 ? ? ? ? ? ? ? 3.005 ? ? 
metalc2 metalc ?    ? A CYS 61  SG  A ? ? 1_555 B HG  .  HG ? ? A CYS 61  A HG  260 1_555 ? ? ? ? ? ? ? 2.635 ? ? 
metalc3 metalc ?    ? A GLN 108 NE2 ? ? ? 1_555 B HG  .  HG ? ? A GLN 108 A HG  260 1_555 ? ? ? ? ? ? ? 3.352 ? ? 
metalc4 metalc ?    ? A GLN 108 OE1 ? ? ? 1_555 B HG  .  HG ? ? A GLN 108 A HG  260 1_555 ? ? ? ? ? ? ? 3.488 ? ? 
metalc5 metalc ?    ? A THR 114 OG1 ? ? ? 1_555 B HG  .  HG ? ? A THR 114 A HG  260 1_555 ? ? ? ? ? ? ? 2.774 ? ? 
metalc6 metalc ?    ? B HG  .   HG  ? ? ? 1_555 C HOH .  O  ? ? A HG  260 A HOH 415 1_555 ? ? ? ? ? ? ? 1.808 ? ? 
metalc7 metalc ?    ? B HG  .   HG  ? ? ? 1_555 C HOH .  O  ? ? A HG  260 A HOH 418 1_555 ? ? ? ? ? ? ? 2.741 ? ? 
# 
loop_
_struct_conn_type.id 
_struct_conn_type.criteria 
_struct_conn_type.reference 
covale ? ? 
metalc ? ? 
# 
loop_
_pdbx_struct_conn_angle.id 
_pdbx_struct_conn_angle.ptnr1_label_atom_id 
_pdbx_struct_conn_angle.ptnr1_label_alt_id 
_pdbx_struct_conn_angle.ptnr1_label_asym_id 
_pdbx_struct_conn_angle.ptnr1_label_comp_id 
_pdbx_struct_conn_angle.ptnr1_label_seq_id 
_pdbx_struct_conn_angle.ptnr1_auth_atom_id 
_pdbx_struct_conn_angle.ptnr1_auth_asym_id 
_pdbx_struct_conn_angle.ptnr1_auth_comp_id 
_pdbx_struct_conn_angle.ptnr1_auth_seq_id 
_pdbx_struct_conn_angle.ptnr1_PDB_ins_code 
_pdbx_struct_conn_angle.ptnr1_symmetry 
_pdbx_struct_conn_angle.ptnr2_label_atom_id 
_pdbx_struct_conn_angle.ptnr2_label_alt_id 
_pdbx_struct_conn_angle.ptnr2_label_asym_id 
_pdbx_struct_conn_angle.ptnr2_label_comp_id 
_pdbx_struct_conn_angle.ptnr2_label_seq_id 
_pdbx_struct_conn_angle.ptnr2_auth_atom_id 
_pdbx_struct_conn_angle.ptnr2_auth_asym_id 
_pdbx_struct_conn_angle.ptnr2_auth_comp_id 
_pdbx_struct_conn_angle.ptnr2_auth_seq_id 
_pdbx_struct_conn_angle.ptnr2_PDB_ins_code 
_pdbx_struct_conn_angle.ptnr2_symmetry 
_pdbx_struct_conn_angle.ptnr3_label_atom_id 
_pdbx_struct_conn_angle.ptnr3_label_alt_id 
_pdbx_struct_conn_angle.ptnr3_label_asym_id 
_pdbx_struct_conn_angle.ptnr3_label_comp_id 
_pdbx_struct_conn_angle.ptnr3_label_seq_id 
_pdbx_struct_conn_angle.ptnr3_auth_atom_id 
_pdbx_struct_conn_angle.ptnr3_auth_asym_id 
_pdbx_struct_conn_angle.ptnr3_auth_comp_id 
_pdbx_struct_conn_angle.ptnr3_auth_seq_id 
_pdbx_struct_conn_angle.ptnr3_PDB_ins_code 
_pdbx_struct_conn_angle.ptnr3_symmetry 
_pdbx_struct_conn_angle.value 
_pdbx_struct_conn_angle.value_esd 
1  SG  B A CYS 61  ? A CYS 61  ? 1_555 HG ? B HG . ? A HG 260 ? 1_555 SG  A A CYS 61  ? A CYS 61  ? 1_555 40.3  ? 
2  SG  B A CYS 61  ? A CYS 61  ? 1_555 HG ? B HG . ? A HG 260 ? 1_555 NE2 ? A GLN 108 ? A GLN 108 ? 1_555 63.6  ? 
3  SG  A A CYS 61  ? A CYS 61  ? 1_555 HG ? B HG . ? A HG 260 ? 1_555 NE2 ? A GLN 108 ? A GLN 108 ? 1_555 78.0  ? 
4  SG  B A CYS 61  ? A CYS 61  ? 1_555 HG ? B HG . ? A HG 260 ? 1_555 OE1 ? A GLN 108 ? A GLN 108 ? 1_555 61.1  ? 
5  SG  A A CYS 61  ? A CYS 61  ? 1_555 HG ? B HG . ? A HG 260 ? 1_555 OE1 ? A GLN 108 ? A GLN 108 ? 1_555 96.0  ? 
6  NE2 ? A GLN 108 ? A GLN 108 ? 1_555 HG ? B HG . ? A HG 260 ? 1_555 OE1 ? A GLN 108 ? A GLN 108 ? 1_555 38.7  ? 
7  SG  B A CYS 61  ? A CYS 61  ? 1_555 HG ? B HG . ? A HG 260 ? 1_555 OG1 ? A THR 114 ? A THR 114 ? 1_555 107.4 ? 
8  SG  A A CYS 61  ? A CYS 61  ? 1_555 HG ? B HG . ? A HG 260 ? 1_555 OG1 ? A THR 114 ? A THR 114 ? 1_555 94.4  ? 
9  NE2 ? A GLN 108 ? A GLN 108 ? 1_555 HG ? B HG . ? A HG 260 ? 1_555 OG1 ? A THR 114 ? A THR 114 ? 1_555 170.9 ? 
10 OE1 ? A GLN 108 ? A GLN 108 ? 1_555 HG ? B HG . ? A HG 260 ? 1_555 OG1 ? A THR 114 ? A THR 114 ? 1_555 139.2 ? 
11 SG  B A CYS 61  ? A CYS 61  ? 1_555 HG ? B HG . ? A HG 260 ? 1_555 O   ? C HOH .   ? A HOH 415 ? 1_555 56.7  ? 
12 SG  A A CYS 61  ? A CYS 61  ? 1_555 HG ? B HG . ? A HG 260 ? 1_555 O   ? C HOH .   ? A HOH 415 ? 1_555 95.9  ? 
13 NE2 ? A GLN 108 ? A GLN 108 ? 1_555 HG ? B HG . ? A HG 260 ? 1_555 O   ? C HOH .   ? A HOH 415 ? 1_555 77.0  ? 
14 OE1 ? A GLN 108 ? A GLN 108 ? 1_555 HG ? B HG . ? A HG 260 ? 1_555 O   ? C HOH .   ? A HOH 415 ? 1_555 40.7  ? 
15 OG1 ? A THR 114 ? A THR 114 ? 1_555 HG ? B HG . ? A HG 260 ? 1_555 O   ? C HOH .   ? A HOH 415 ? 1_555 99.0  ? 
16 SG  B A CYS 61  ? A CYS 61  ? 1_555 HG ? B HG . ? A HG 260 ? 1_555 O   ? C HOH .   ? A HOH 418 ? 1_555 133.9 ? 
17 SG  A A CYS 61  ? A CYS 61  ? 1_555 HG ? B HG . ? A HG 260 ? 1_555 O   ? C HOH .   ? A HOH 418 ? 1_555 171.8 ? 
18 NE2 ? A GLN 108 ? A GLN 108 ? 1_555 HG ? B HG . ? A HG 260 ? 1_555 O   ? C HOH .   ? A HOH 418 ? 1_555 104.8 ? 
19 OE1 ? A GLN 108 ? A GLN 108 ? 1_555 HG ? B HG . ? A HG 260 ? 1_555 O   ? C HOH .   ? A HOH 418 ? 1_555 82.2  ? 
20 OG1 ? A THR 114 ? A THR 114 ? 1_555 HG ? B HG . ? A HG 260 ? 1_555 O   ? C HOH .   ? A HOH 418 ? 1_555 82.0  ? 
21 O   ? C HOH .   ? A HOH 415 ? 1_555 HG ? B HG . ? A HG 260 ? 1_555 O   ? C HOH .   ? A HOH 418 ? 1_555 77.4  ? 
# 
loop_
_pdbx_modification_feature.ordinal 
_pdbx_modification_feature.label_comp_id 
_pdbx_modification_feature.label_asym_id 
_pdbx_modification_feature.label_seq_id 
_pdbx_modification_feature.label_alt_id 
_pdbx_modification_feature.modified_residue_label_comp_id 
_pdbx_modification_feature.modified_residue_label_asym_id 
_pdbx_modification_feature.modified_residue_label_seq_id 
_pdbx_modification_feature.modified_residue_label_alt_id 
_pdbx_modification_feature.auth_comp_id 
_pdbx_modification_feature.auth_asym_id 
_pdbx_modification_feature.auth_seq_id 
_pdbx_modification_feature.PDB_ins_code 
_pdbx_modification_feature.symmetry 
_pdbx_modification_feature.modified_residue_auth_comp_id 
_pdbx_modification_feature.modified_residue_auth_asym_id 
_pdbx_modification_feature.modified_residue_auth_seq_id 
_pdbx_modification_feature.modified_residue_PDB_ins_code 
_pdbx_modification_feature.modified_residue_symmetry 
_pdbx_modification_feature.comp_id_linking_atom 
_pdbx_modification_feature.modified_residue_id_linking_atom 
_pdbx_modification_feature.modified_residue_id 
_pdbx_modification_feature.ref_pcm_id 
_pdbx_modification_feature.ref_comp_id 
_pdbx_modification_feature.type 
_pdbx_modification_feature.category 
1 MSE A 69 ? . . . . MSE A 69 ? 1_555 . . . . . . . MET 1 MSE Selenomethionine 'Named protein modification' 
2 MSE A 86 ? . . . . MSE A 86 ? 1_555 . . . . . . . MET 1 MSE Selenomethionine 'Named protein modification' 
# 
loop_
_struct_sheet.id 
_struct_sheet.type 
_struct_sheet.number_strands 
_struct_sheet.details 
A  ? 5 ? 
A1 ? 7 ? 
# 
loop_
_struct_sheet_order.sheet_id 
_struct_sheet_order.range_id_1 
_struct_sheet_order.range_id_2 
_struct_sheet_order.offset 
_struct_sheet_order.sense 
A  1 2 ? parallel      
A  2 3 ? parallel      
A  3 4 ? anti-parallel 
A  4 5 ? anti-parallel 
A1 1 2 ? parallel      
A1 2 3 ? parallel      
A1 3 4 ? anti-parallel 
A1 4 5 ? parallel      
A1 5 6 ? anti-parallel 
A1 6 7 ? anti-parallel 
# 
loop_
_struct_sheet_range.sheet_id 
_struct_sheet_range.id 
_struct_sheet_range.beg_label_comp_id 
_struct_sheet_range.beg_label_asym_id 
_struct_sheet_range.beg_label_seq_id 
_struct_sheet_range.pdbx_beg_PDB_ins_code 
_struct_sheet_range.end_label_comp_id 
_struct_sheet_range.end_label_asym_id 
_struct_sheet_range.end_label_seq_id 
_struct_sheet_range.pdbx_end_PDB_ins_code 
_struct_sheet_range.beg_auth_comp_id 
_struct_sheet_range.beg_auth_asym_id 
_struct_sheet_range.beg_auth_seq_id 
_struct_sheet_range.end_auth_comp_id 
_struct_sheet_range.end_auth_asym_id 
_struct_sheet_range.end_auth_seq_id 
A  1 GLU A 151 ? THR A 153 ? GLU A 151 THR A 153 
A  2 THR A 114 ? ASN A 117 ? THR A 114 ASN A 117 
A  3 LEU A 59  ? ALA A 65  ? LEU A 59  ALA A 65  
A  4 SER A 44  ? GLU A 52  ? SER A 44  GLU A 52  
A  5 VAL A 84  ? MSE A 86  ? VAL A 84  MSE A 86  
A1 1 GLU A 151 ? THR A 153 ? GLU A 151 THR A 153 
A1 2 THR A 114 ? ASN A 117 ? THR A 114 ASN A 117 
A1 3 LEU A 59  ? ALA A 65  ? LEU A 59  ALA A 65  
A1 4 SER A 44  ? GLU A 52  ? SER A 44  GLU A 52  
A1 5 ILE A 126 ? SER A 129 ? ILE A 126 SER A 129 
A1 6 LEU A 135 ? ILE A 139 ? LEU A 135 ILE A 139 
A1 7 ILE A 16  ? THR A 19  ? ILE A 16  THR A 19  
# 
loop_
_pdbx_struct_sheet_hbond.sheet_id 
_pdbx_struct_sheet_hbond.range_id_1 
_pdbx_struct_sheet_hbond.range_id_2 
_pdbx_struct_sheet_hbond.range_1_label_atom_id 
_pdbx_struct_sheet_hbond.range_1_label_comp_id 
_pdbx_struct_sheet_hbond.range_1_label_asym_id 
_pdbx_struct_sheet_hbond.range_1_label_seq_id 
_pdbx_struct_sheet_hbond.range_1_PDB_ins_code 
_pdbx_struct_sheet_hbond.range_1_auth_atom_id 
_pdbx_struct_sheet_hbond.range_1_auth_comp_id 
_pdbx_struct_sheet_hbond.range_1_auth_asym_id 
_pdbx_struct_sheet_hbond.range_1_auth_seq_id 
_pdbx_struct_sheet_hbond.range_2_label_atom_id 
_pdbx_struct_sheet_hbond.range_2_label_comp_id 
_pdbx_struct_sheet_hbond.range_2_label_asym_id 
_pdbx_struct_sheet_hbond.range_2_label_seq_id 
_pdbx_struct_sheet_hbond.range_2_PDB_ins_code 
_pdbx_struct_sheet_hbond.range_2_auth_atom_id 
_pdbx_struct_sheet_hbond.range_2_auth_comp_id 
_pdbx_struct_sheet_hbond.range_2_auth_asym_id 
_pdbx_struct_sheet_hbond.range_2_auth_seq_id 
A  1 2 N GLU A 151 ? N GLU A 151 O THR A 114 ? O THR A 114 
A  2 3 N VAL A 115 ? N VAL A 115 O CYS A 61  ? O CYS A 61  
A  3 4 O LEU A 64  ? O LEU A 64  N LYS A 46  ? N LYS A 46  
A  4 5 N ALA A 51  ? N ALA A 51  O GLU A 85  ? O GLU A 85  
A1 1 2 N GLU A 151 ? N GLU A 151 O THR A 114 ? O THR A 114 
A1 2 3 N VAL A 115 ? N VAL A 115 O CYS A 61  ? O CYS A 61  
A1 3 4 O LEU A 64  ? O LEU A 64  N LYS A 46  ? N LYS A 46  
A1 4 5 N PHE A 45  ? N PHE A 45  O TYR A 127 ? O TYR A 127 
A1 5 6 O VAL A 128 ? O VAL A 128 N VAL A 137 ? N VAL A 137 
A1 6 7 N GLU A 138 ? N GLU A 138 O ILE A 16  ? O ILE A 16  
# 
_struct_site.id                   AC1 
_struct_site.pdbx_evidence_code   Software 
_struct_site.pdbx_auth_asym_id    A 
_struct_site.pdbx_auth_comp_id    HG 
_struct_site.pdbx_auth_seq_id     260 
_struct_site.pdbx_auth_ins_code   ? 
_struct_site.pdbx_num_residues    6 
_struct_site.details              'BINDING SITE FOR RESIDUE HG A 260' 
# 
loop_
_struct_site_gen.id 
_struct_site_gen.site_id 
_struct_site_gen.pdbx_num_res 
_struct_site_gen.label_comp_id 
_struct_site_gen.label_asym_id 
_struct_site_gen.label_seq_id 
_struct_site_gen.pdbx_auth_ins_code 
_struct_site_gen.auth_comp_id 
_struct_site_gen.auth_asym_id 
_struct_site_gen.auth_seq_id 
_struct_site_gen.label_atom_id 
_struct_site_gen.label_alt_id 
_struct_site_gen.symmetry 
_struct_site_gen.details 
1 AC1 6 CYS A 61  ? CYS A 61  . ? 1_555 ? 
2 AC1 6 PRO A 105 ? PRO A 105 . ? 1_555 ? 
3 AC1 6 GLN A 108 ? GLN A 108 . ? 1_555 ? 
4 AC1 6 THR A 114 ? THR A 114 . ? 1_555 ? 
5 AC1 6 HOH C .   ? HOH A 415 . ? 1_555 ? 
6 AC1 6 HOH C .   ? HOH A 418 . ? 1_555 ? 
# 
_pdbx_entry_details.entry_id                   1DBU 
_pdbx_entry_details.compound_details           ? 
_pdbx_entry_details.source_details             ? 
_pdbx_entry_details.nonpolymer_details         ? 
_pdbx_entry_details.sequence_details           ? 
_pdbx_entry_details.has_ligand_of_interest     ? 
_pdbx_entry_details.has_protein_modification   Y 
# 
loop_
_pdbx_validate_rmsd_angle.id 
_pdbx_validate_rmsd_angle.PDB_model_num 
_pdbx_validate_rmsd_angle.auth_atom_id_1 
_pdbx_validate_rmsd_angle.auth_asym_id_1 
_pdbx_validate_rmsd_angle.auth_comp_id_1 
_pdbx_validate_rmsd_angle.auth_seq_id_1 
_pdbx_validate_rmsd_angle.PDB_ins_code_1 
_pdbx_validate_rmsd_angle.label_alt_id_1 
_pdbx_validate_rmsd_angle.auth_atom_id_2 
_pdbx_validate_rmsd_angle.auth_asym_id_2 
_pdbx_validate_rmsd_angle.auth_comp_id_2 
_pdbx_validate_rmsd_angle.auth_seq_id_2 
_pdbx_validate_rmsd_angle.PDB_ins_code_2 
_pdbx_validate_rmsd_angle.label_alt_id_2 
_pdbx_validate_rmsd_angle.auth_atom_id_3 
_pdbx_validate_rmsd_angle.auth_asym_id_3 
_pdbx_validate_rmsd_angle.auth_comp_id_3 
_pdbx_validate_rmsd_angle.auth_seq_id_3 
_pdbx_validate_rmsd_angle.PDB_ins_code_3 
_pdbx_validate_rmsd_angle.label_alt_id_3 
_pdbx_validate_rmsd_angle.angle_value 
_pdbx_validate_rmsd_angle.angle_target_value 
_pdbx_validate_rmsd_angle.angle_deviation 
_pdbx_validate_rmsd_angle.angle_standard_deviation 
_pdbx_validate_rmsd_angle.linker_flag 
1  1 CB A ASP 6   ? ? CG A ASP 6   ? ? OD1 A ASP 6   ? ? 125.03 118.30 6.73   0.90 N 
2  1 CB A ASP 6   ? ? CG A ASP 6   ? ? OD2 A ASP 6   ? ? 112.74 118.30 -5.56  0.90 N 
3  1 CB A ASP 21  ? ? CG A ASP 21  ? ? OD2 A ASP 21  ? ? 124.49 118.30 6.19   0.90 N 
4  1 CA A ASN 42  ? ? CB A ASN 42  ? ? CG  A ASN 42  ? ? 127.99 113.40 14.59  2.20 N 
5  1 N  A VAL 84  ? ? CA A VAL 84  ? ? CB  A VAL 84  ? ? 96.76  111.50 -14.74 2.20 N 
6  1 CA A LEU 106 ? ? CB A LEU 106 ? ? CG  A LEU 106 ? ? 133.49 115.30 18.19  2.30 N 
7  1 NE A ARG 111 ? ? CZ A ARG 111 ? ? NH1 A ARG 111 ? ? 123.81 120.30 3.51   0.50 N 
8  1 NE A ARG 133 ? B CZ A ARG 133 ? B NH1 A ARG 133 ? B 116.44 120.30 -3.86  0.50 N 
9  1 NE A ARG 133 ? B CZ A ARG 133 ? B NH2 A ARG 133 ? B 123.73 120.30 3.43   0.50 N 
10 1 CB A ASP 154 ? ? CG A ASP 154 ? ? OD1 A ASP 154 ? ? 125.58 118.30 7.28   0.90 N 
# 
loop_
_pdbx_validate_torsion.id 
_pdbx_validate_torsion.PDB_model_num 
_pdbx_validate_torsion.auth_comp_id 
_pdbx_validate_torsion.auth_asym_id 
_pdbx_validate_torsion.auth_seq_id 
_pdbx_validate_torsion.PDB_ins_code 
_pdbx_validate_torsion.label_alt_id 
_pdbx_validate_torsion.phi 
_pdbx_validate_torsion.psi 
1 1 PRO A 24 ? ? -26.96 -33.71 
2 1 ASN A 53 ? ? 48.22  29.18  
# 
_pdbx_SG_project.id                    1 
_pdbx_SG_project.project_name          ? 
_pdbx_SG_project.full_name_of_center   'Structure 2 Function Project' 
_pdbx_SG_project.initial_of_center     S2F 
# 
loop_
_pdbx_struct_mod_residue.id 
_pdbx_struct_mod_residue.label_asym_id 
_pdbx_struct_mod_residue.label_comp_id 
_pdbx_struct_mod_residue.label_seq_id 
_pdbx_struct_mod_residue.auth_asym_id 
_pdbx_struct_mod_residue.auth_comp_id 
_pdbx_struct_mod_residue.auth_seq_id 
_pdbx_struct_mod_residue.PDB_ins_code 
_pdbx_struct_mod_residue.parent_comp_id 
_pdbx_struct_mod_residue.details 
1 A MSE 69 A MSE 69 ? MET SELENOMETHIONINE 
2 A MSE 86 A MSE 86 ? MET SELENOMETHIONINE 
# 
loop_
_pdbx_unobs_or_zero_occ_residues.id 
_pdbx_unobs_or_zero_occ_residues.PDB_model_num 
_pdbx_unobs_or_zero_occ_residues.polymer_flag 
_pdbx_unobs_or_zero_occ_residues.occupancy_flag 
_pdbx_unobs_or_zero_occ_residues.auth_asym_id 
_pdbx_unobs_or_zero_occ_residues.auth_comp_id 
_pdbx_unobs_or_zero_occ_residues.auth_seq_id 
_pdbx_unobs_or_zero_occ_residues.PDB_ins_code 
_pdbx_unobs_or_zero_occ_residues.label_asym_id 
_pdbx_unobs_or_zero_occ_residues.label_comp_id 
_pdbx_unobs_or_zero_occ_residues.label_seq_id 
1 1 Y 1 A MET 1  ? A MET 1  
2 1 Y 1 A ASN 26 ? A ASN 26 
3 1 Y 1 A GLN 27 ? A GLN 27 
4 1 Y 1 A HIS 28 ? A HIS 28 
5 1 Y 1 A PHE 29 ? A PHE 29 
6 1 Y 1 A GLY 30 ? A GLY 30 
# 
loop_
_chem_comp_atom.comp_id 
_chem_comp_atom.atom_id 
_chem_comp_atom.type_symbol 
_chem_comp_atom.pdbx_aromatic_flag 
_chem_comp_atom.pdbx_stereo_config 
_chem_comp_atom.pdbx_ordinal 
ALA N    N  N N 1   
ALA CA   C  N S 2   
ALA C    C  N N 3   
ALA O    O  N N 4   
ALA CB   C  N N 5   
ALA OXT  O  N N 6   
ALA H    H  N N 7   
ALA H2   H  N N 8   
ALA HA   H  N N 9   
ALA HB1  H  N N 10  
ALA HB2  H  N N 11  
ALA HB3  H  N N 12  
ALA HXT  H  N N 13  
ARG N    N  N N 14  
ARG CA   C  N S 15  
ARG C    C  N N 16  
ARG O    O  N N 17  
ARG CB   C  N N 18  
ARG CG   C  N N 19  
ARG CD   C  N N 20  
ARG NE   N  N N 21  
ARG CZ   C  N N 22  
ARG NH1  N  N N 23  
ARG NH2  N  N N 24  
ARG OXT  O  N N 25  
ARG H    H  N N 26  
ARG H2   H  N N 27  
ARG HA   H  N N 28  
ARG HB2  H  N N 29  
ARG HB3  H  N N 30  
ARG HG2  H  N N 31  
ARG HG3  H  N N 32  
ARG HD2  H  N N 33  
ARG HD3  H  N N 34  
ARG HE   H  N N 35  
ARG HH11 H  N N 36  
ARG HH12 H  N N 37  
ARG HH21 H  N N 38  
ARG HH22 H  N N 39  
ARG HXT  H  N N 40  
ASN N    N  N N 41  
ASN CA   C  N S 42  
ASN C    C  N N 43  
ASN O    O  N N 44  
ASN CB   C  N N 45  
ASN CG   C  N N 46  
ASN OD1  O  N N 47  
ASN ND2  N  N N 48  
ASN OXT  O  N N 49  
ASN H    H  N N 50  
ASN H2   H  N N 51  
ASN HA   H  N N 52  
ASN HB2  H  N N 53  
ASN HB3  H  N N 54  
ASN HD21 H  N N 55  
ASN HD22 H  N N 56  
ASN HXT  H  N N 57  
ASP N    N  N N 58  
ASP CA   C  N S 59  
ASP C    C  N N 60  
ASP O    O  N N 61  
ASP CB   C  N N 62  
ASP CG   C  N N 63  
ASP OD1  O  N N 64  
ASP OD2  O  N N 65  
ASP OXT  O  N N 66  
ASP H    H  N N 67  
ASP H2   H  N N 68  
ASP HA   H  N N 69  
ASP HB2  H  N N 70  
ASP HB3  H  N N 71  
ASP HD2  H  N N 72  
ASP HXT  H  N N 73  
CYS N    N  N N 74  
CYS CA   C  N R 75  
CYS C    C  N N 76  
CYS O    O  N N 77  
CYS CB   C  N N 78  
CYS SG   S  N N 79  
CYS OXT  O  N N 80  
CYS H    H  N N 81  
CYS H2   H  N N 82  
CYS HA   H  N N 83  
CYS HB2  H  N N 84  
CYS HB3  H  N N 85  
CYS HG   H  N N 86  
CYS HXT  H  N N 87  
GLN N    N  N N 88  
GLN CA   C  N S 89  
GLN C    C  N N 90  
GLN O    O  N N 91  
GLN CB   C  N N 92  
GLN CG   C  N N 93  
GLN CD   C  N N 94  
GLN OE1  O  N N 95  
GLN NE2  N  N N 96  
GLN OXT  O  N N 97  
GLN H    H  N N 98  
GLN H2   H  N N 99  
GLN HA   H  N N 100 
GLN HB2  H  N N 101 
GLN HB3  H  N N 102 
GLN HG2  H  N N 103 
GLN HG3  H  N N 104 
GLN HE21 H  N N 105 
GLN HE22 H  N N 106 
GLN HXT  H  N N 107 
GLU N    N  N N 108 
GLU CA   C  N S 109 
GLU C    C  N N 110 
GLU O    O  N N 111 
GLU CB   C  N N 112 
GLU CG   C  N N 113 
GLU CD   C  N N 114 
GLU OE1  O  N N 115 
GLU OE2  O  N N 116 
GLU OXT  O  N N 117 
GLU H    H  N N 118 
GLU H2   H  N N 119 
GLU HA   H  N N 120 
GLU HB2  H  N N 121 
GLU HB3  H  N N 122 
GLU HG2  H  N N 123 
GLU HG3  H  N N 124 
GLU HE2  H  N N 125 
GLU HXT  H  N N 126 
GLY N    N  N N 127 
GLY CA   C  N N 128 
GLY C    C  N N 129 
GLY O    O  N N 130 
GLY OXT  O  N N 131 
GLY H    H  N N 132 
GLY H2   H  N N 133 
GLY HA2  H  N N 134 
GLY HA3  H  N N 135 
GLY HXT  H  N N 136 
HG  HG   HG N N 137 
HIS N    N  N N 138 
HIS CA   C  N S 139 
HIS C    C  N N 140 
HIS O    O  N N 141 
HIS CB   C  N N 142 
HIS CG   C  Y N 143 
HIS ND1  N  Y N 144 
HIS CD2  C  Y N 145 
HIS CE1  C  Y N 146 
HIS NE2  N  Y N 147 
HIS OXT  O  N N 148 
HIS H    H  N N 149 
HIS H2   H  N N 150 
HIS HA   H  N N 151 
HIS HB2  H  N N 152 
HIS HB3  H  N N 153 
HIS HD1  H  N N 154 
HIS HD2  H  N N 155 
HIS HE1  H  N N 156 
HIS HE2  H  N N 157 
HIS HXT  H  N N 158 
HOH O    O  N N 159 
HOH H1   H  N N 160 
HOH H2   H  N N 161 
ILE N    N  N N 162 
ILE CA   C  N S 163 
ILE C    C  N N 164 
ILE O    O  N N 165 
ILE CB   C  N S 166 
ILE CG1  C  N N 167 
ILE CG2  C  N N 168 
ILE CD1  C  N N 169 
ILE OXT  O  N N 170 
ILE H    H  N N 171 
ILE H2   H  N N 172 
ILE HA   H  N N 173 
ILE HB   H  N N 174 
ILE HG12 H  N N 175 
ILE HG13 H  N N 176 
ILE HG21 H  N N 177 
ILE HG22 H  N N 178 
ILE HG23 H  N N 179 
ILE HD11 H  N N 180 
ILE HD12 H  N N 181 
ILE HD13 H  N N 182 
ILE HXT  H  N N 183 
LEU N    N  N N 184 
LEU CA   C  N S 185 
LEU C    C  N N 186 
LEU O    O  N N 187 
LEU CB   C  N N 188 
LEU CG   C  N N 189 
LEU CD1  C  N N 190 
LEU CD2  C  N N 191 
LEU OXT  O  N N 192 
LEU H    H  N N 193 
LEU H2   H  N N 194 
LEU HA   H  N N 195 
LEU HB2  H  N N 196 
LEU HB3  H  N N 197 
LEU HG   H  N N 198 
LEU HD11 H  N N 199 
LEU HD12 H  N N 200 
LEU HD13 H  N N 201 
LEU HD21 H  N N 202 
LEU HD22 H  N N 203 
LEU HD23 H  N N 204 
LEU HXT  H  N N 205 
LYS N    N  N N 206 
LYS CA   C  N S 207 
LYS C    C  N N 208 
LYS O    O  N N 209 
LYS CB   C  N N 210 
LYS CG   C  N N 211 
LYS CD   C  N N 212 
LYS CE   C  N N 213 
LYS NZ   N  N N 214 
LYS OXT  O  N N 215 
LYS H    H  N N 216 
LYS H2   H  N N 217 
LYS HA   H  N N 218 
LYS HB2  H  N N 219 
LYS HB3  H  N N 220 
LYS HG2  H  N N 221 
LYS HG3  H  N N 222 
LYS HD2  H  N N 223 
LYS HD3  H  N N 224 
LYS HE2  H  N N 225 
LYS HE3  H  N N 226 
LYS HZ1  H  N N 227 
LYS HZ2  H  N N 228 
LYS HZ3  H  N N 229 
LYS HXT  H  N N 230 
MET N    N  N N 231 
MET CA   C  N S 232 
MET C    C  N N 233 
MET O    O  N N 234 
MET CB   C  N N 235 
MET CG   C  N N 236 
MET SD   S  N N 237 
MET CE   C  N N 238 
MET OXT  O  N N 239 
MET H    H  N N 240 
MET H2   H  N N 241 
MET HA   H  N N 242 
MET HB2  H  N N 243 
MET HB3  H  N N 244 
MET HG2  H  N N 245 
MET HG3  H  N N 246 
MET HE1  H  N N 247 
MET HE2  H  N N 248 
MET HE3  H  N N 249 
MET HXT  H  N N 250 
MSE N    N  N N 251 
MSE CA   C  N S 252 
MSE C    C  N N 253 
MSE O    O  N N 254 
MSE OXT  O  N N 255 
MSE CB   C  N N 256 
MSE CG   C  N N 257 
MSE SE   SE N N 258 
MSE CE   C  N N 259 
MSE H    H  N N 260 
MSE H2   H  N N 261 
MSE HA   H  N N 262 
MSE HXT  H  N N 263 
MSE HB2  H  N N 264 
MSE HB3  H  N N 265 
MSE HG2  H  N N 266 
MSE HG3  H  N N 267 
MSE HE1  H  N N 268 
MSE HE2  H  N N 269 
MSE HE3  H  N N 270 
PHE N    N  N N 271 
PHE CA   C  N S 272 
PHE C    C  N N 273 
PHE O    O  N N 274 
PHE CB   C  N N 275 
PHE CG   C  Y N 276 
PHE CD1  C  Y N 277 
PHE CD2  C  Y N 278 
PHE CE1  C  Y N 279 
PHE CE2  C  Y N 280 
PHE CZ   C  Y N 281 
PHE OXT  O  N N 282 
PHE H    H  N N 283 
PHE H2   H  N N 284 
PHE HA   H  N N 285 
PHE HB2  H  N N 286 
PHE HB3  H  N N 287 
PHE HD1  H  N N 288 
PHE HD2  H  N N 289 
PHE HE1  H  N N 290 
PHE HE2  H  N N 291 
PHE HZ   H  N N 292 
PHE HXT  H  N N 293 
PRO N    N  N N 294 
PRO CA   C  N S 295 
PRO C    C  N N 296 
PRO O    O  N N 297 
PRO CB   C  N N 298 
PRO CG   C  N N 299 
PRO CD   C  N N 300 
PRO OXT  O  N N 301 
PRO H    H  N N 302 
PRO HA   H  N N 303 
PRO HB2  H  N N 304 
PRO HB3  H  N N 305 
PRO HG2  H  N N 306 
PRO HG3  H  N N 307 
PRO HD2  H  N N 308 
PRO HD3  H  N N 309 
PRO HXT  H  N N 310 
SER N    N  N N 311 
SER CA   C  N S 312 
SER C    C  N N 313 
SER O    O  N N 314 
SER CB   C  N N 315 
SER OG   O  N N 316 
SER OXT  O  N N 317 
SER H    H  N N 318 
SER H2   H  N N 319 
SER HA   H  N N 320 
SER HB2  H  N N 321 
SER HB3  H  N N 322 
SER HG   H  N N 323 
SER HXT  H  N N 324 
THR N    N  N N 325 
THR CA   C  N S 326 
THR C    C  N N 327 
THR O    O  N N 328 
THR CB   C  N R 329 
THR OG1  O  N N 330 
THR CG2  C  N N 331 
THR OXT  O  N N 332 
THR H    H  N N 333 
THR H2   H  N N 334 
THR HA   H  N N 335 
THR HB   H  N N 336 
THR HG1  H  N N 337 
THR HG21 H  N N 338 
THR HG22 H  N N 339 
THR HG23 H  N N 340 
THR HXT  H  N N 341 
TYR N    N  N N 342 
TYR CA   C  N S 343 
TYR C    C  N N 344 
TYR O    O  N N 345 
TYR CB   C  N N 346 
TYR CG   C  Y N 347 
TYR CD1  C  Y N 348 
TYR CD2  C  Y N 349 
TYR CE1  C  Y N 350 
TYR CE2  C  Y N 351 
TYR CZ   C  Y N 352 
TYR OH   O  N N 353 
TYR OXT  O  N N 354 
TYR H    H  N N 355 
TYR H2   H  N N 356 
TYR HA   H  N N 357 
TYR HB2  H  N N 358 
TYR HB3  H  N N 359 
TYR HD1  H  N N 360 
TYR HD2  H  N N 361 
TYR HE1  H  N N 362 
TYR HE2  H  N N 363 
TYR HH   H  N N 364 
TYR HXT  H  N N 365 
VAL N    N  N N 366 
VAL CA   C  N S 367 
VAL C    C  N N 368 
VAL O    O  N N 369 
VAL CB   C  N N 370 
VAL CG1  C  N N 371 
VAL CG2  C  N N 372 
VAL OXT  O  N N 373 
VAL H    H  N N 374 
VAL H2   H  N N 375 
VAL HA   H  N N 376 
VAL HB   H  N N 377 
VAL HG11 H  N N 378 
VAL HG12 H  N N 379 
VAL HG13 H  N N 380 
VAL HG21 H  N N 381 
VAL HG22 H  N N 382 
VAL HG23 H  N N 383 
VAL HXT  H  N N 384 
# 
loop_
_chem_comp_bond.comp_id 
_chem_comp_bond.atom_id_1 
_chem_comp_bond.atom_id_2 
_chem_comp_bond.value_order 
_chem_comp_bond.pdbx_aromatic_flag 
_chem_comp_bond.pdbx_stereo_config 
_chem_comp_bond.pdbx_ordinal 
ALA N   CA   sing N N 1   
ALA N   H    sing N N 2   
ALA N   H2   sing N N 3   
ALA CA  C    sing N N 4   
ALA CA  CB   sing N N 5   
ALA CA  HA   sing N N 6   
ALA C   O    doub N N 7   
ALA C   OXT  sing N N 8   
ALA CB  HB1  sing N N 9   
ALA CB  HB2  sing N N 10  
ALA CB  HB3  sing N N 11  
ALA OXT HXT  sing N N 12  
ARG N   CA   sing N N 13  
ARG N   H    sing N N 14  
ARG N   H2   sing N N 15  
ARG CA  C    sing N N 16  
ARG CA  CB   sing N N 17  
ARG CA  HA   sing N N 18  
ARG C   O    doub N N 19  
ARG C   OXT  sing N N 20  
ARG CB  CG   sing N N 21  
ARG CB  HB2  sing N N 22  
ARG CB  HB3  sing N N 23  
ARG CG  CD   sing N N 24  
ARG CG  HG2  sing N N 25  
ARG CG  HG3  sing N N 26  
ARG CD  NE   sing N N 27  
ARG CD  HD2  sing N N 28  
ARG CD  HD3  sing N N 29  
ARG NE  CZ   sing N N 30  
ARG NE  HE   sing N N 31  
ARG CZ  NH1  sing N N 32  
ARG CZ  NH2  doub N N 33  
ARG NH1 HH11 sing N N 34  
ARG NH1 HH12 sing N N 35  
ARG NH2 HH21 sing N N 36  
ARG NH2 HH22 sing N N 37  
ARG OXT HXT  sing N N 38  
ASN N   CA   sing N N 39  
ASN N   H    sing N N 40  
ASN N   H2   sing N N 41  
ASN CA  C    sing N N 42  
ASN CA  CB   sing N N 43  
ASN CA  HA   sing N N 44  
ASN C   O    doub N N 45  
ASN C   OXT  sing N N 46  
ASN CB  CG   sing N N 47  
ASN CB  HB2  sing N N 48  
ASN CB  HB3  sing N N 49  
ASN CG  OD1  doub N N 50  
ASN CG  ND2  sing N N 51  
ASN ND2 HD21 sing N N 52  
ASN ND2 HD22 sing N N 53  
ASN OXT HXT  sing N N 54  
ASP N   CA   sing N N 55  
ASP N   H    sing N N 56  
ASP N   H2   sing N N 57  
ASP CA  C    sing N N 58  
ASP CA  CB   sing N N 59  
ASP CA  HA   sing N N 60  
ASP C   O    doub N N 61  
ASP C   OXT  sing N N 62  
ASP CB  CG   sing N N 63  
ASP CB  HB2  sing N N 64  
ASP CB  HB3  sing N N 65  
ASP CG  OD1  doub N N 66  
ASP CG  OD2  sing N N 67  
ASP OD2 HD2  sing N N 68  
ASP OXT HXT  sing N N 69  
CYS N   CA   sing N N 70  
CYS N   H    sing N N 71  
CYS N   H2   sing N N 72  
CYS CA  C    sing N N 73  
CYS CA  CB   sing N N 74  
CYS CA  HA   sing N N 75  
CYS C   O    doub N N 76  
CYS C   OXT  sing N N 77  
CYS CB  SG   sing N N 78  
CYS CB  HB2  sing N N 79  
CYS CB  HB3  sing N N 80  
CYS SG  HG   sing N N 81  
CYS OXT HXT  sing N N 82  
GLN N   CA   sing N N 83  
GLN N   H    sing N N 84  
GLN N   H2   sing N N 85  
GLN CA  C    sing N N 86  
GLN CA  CB   sing N N 87  
GLN CA  HA   sing N N 88  
GLN C   O    doub N N 89  
GLN C   OXT  sing N N 90  
GLN CB  CG   sing N N 91  
GLN CB  HB2  sing N N 92  
GLN CB  HB3  sing N N 93  
GLN CG  CD   sing N N 94  
GLN CG  HG2  sing N N 95  
GLN CG  HG3  sing N N 96  
GLN CD  OE1  doub N N 97  
GLN CD  NE2  sing N N 98  
GLN NE2 HE21 sing N N 99  
GLN NE2 HE22 sing N N 100 
GLN OXT HXT  sing N N 101 
GLU N   CA   sing N N 102 
GLU N   H    sing N N 103 
GLU N   H2   sing N N 104 
GLU CA  C    sing N N 105 
GLU CA  CB   sing N N 106 
GLU CA  HA   sing N N 107 
GLU C   O    doub N N 108 
GLU C   OXT  sing N N 109 
GLU CB  CG   sing N N 110 
GLU CB  HB2  sing N N 111 
GLU CB  HB3  sing N N 112 
GLU CG  CD   sing N N 113 
GLU CG  HG2  sing N N 114 
GLU CG  HG3  sing N N 115 
GLU CD  OE1  doub N N 116 
GLU CD  OE2  sing N N 117 
GLU OE2 HE2  sing N N 118 
GLU OXT HXT  sing N N 119 
GLY N   CA   sing N N 120 
GLY N   H    sing N N 121 
GLY N   H2   sing N N 122 
GLY CA  C    sing N N 123 
GLY CA  HA2  sing N N 124 
GLY CA  HA3  sing N N 125 
GLY C   O    doub N N 126 
GLY C   OXT  sing N N 127 
GLY OXT HXT  sing N N 128 
HIS N   CA   sing N N 129 
HIS N   H    sing N N 130 
HIS N   H2   sing N N 131 
HIS CA  C    sing N N 132 
HIS CA  CB   sing N N 133 
HIS CA  HA   sing N N 134 
HIS C   O    doub N N 135 
HIS C   OXT  sing N N 136 
HIS CB  CG   sing N N 137 
HIS CB  HB2  sing N N 138 
HIS CB  HB3  sing N N 139 
HIS CG  ND1  sing Y N 140 
HIS CG  CD2  doub Y N 141 
HIS ND1 CE1  doub Y N 142 
HIS ND1 HD1  sing N N 143 
HIS CD2 NE2  sing Y N 144 
HIS CD2 HD2  sing N N 145 
HIS CE1 NE2  sing Y N 146 
HIS CE1 HE1  sing N N 147 
HIS NE2 HE2  sing N N 148 
HIS OXT HXT  sing N N 149 
HOH O   H1   sing N N 150 
HOH O   H2   sing N N 151 
ILE N   CA   sing N N 152 
ILE N   H    sing N N 153 
ILE N   H2   sing N N 154 
ILE CA  C    sing N N 155 
ILE CA  CB   sing N N 156 
ILE CA  HA   sing N N 157 
ILE C   O    doub N N 158 
ILE C   OXT  sing N N 159 
ILE CB  CG1  sing N N 160 
ILE CB  CG2  sing N N 161 
ILE CB  HB   sing N N 162 
ILE CG1 CD1  sing N N 163 
ILE CG1 HG12 sing N N 164 
ILE CG1 HG13 sing N N 165 
ILE CG2 HG21 sing N N 166 
ILE CG2 HG22 sing N N 167 
ILE CG2 HG23 sing N N 168 
ILE CD1 HD11 sing N N 169 
ILE CD1 HD12 sing N N 170 
ILE CD1 HD13 sing N N 171 
ILE OXT HXT  sing N N 172 
LEU N   CA   sing N N 173 
LEU N   H    sing N N 174 
LEU N   H2   sing N N 175 
LEU CA  C    sing N N 176 
LEU CA  CB   sing N N 177 
LEU CA  HA   sing N N 178 
LEU C   O    doub N N 179 
LEU C   OXT  sing N N 180 
LEU CB  CG   sing N N 181 
LEU CB  HB2  sing N N 182 
LEU CB  HB3  sing N N 183 
LEU CG  CD1  sing N N 184 
LEU CG  CD2  sing N N 185 
LEU CG  HG   sing N N 186 
LEU CD1 HD11 sing N N 187 
LEU CD1 HD12 sing N N 188 
LEU CD1 HD13 sing N N 189 
LEU CD2 HD21 sing N N 190 
LEU CD2 HD22 sing N N 191 
LEU CD2 HD23 sing N N 192 
LEU OXT HXT  sing N N 193 
LYS N   CA   sing N N 194 
LYS N   H    sing N N 195 
LYS N   H2   sing N N 196 
LYS CA  C    sing N N 197 
LYS CA  CB   sing N N 198 
LYS CA  HA   sing N N 199 
LYS C   O    doub N N 200 
LYS C   OXT  sing N N 201 
LYS CB  CG   sing N N 202 
LYS CB  HB2  sing N N 203 
LYS CB  HB3  sing N N 204 
LYS CG  CD   sing N N 205 
LYS CG  HG2  sing N N 206 
LYS CG  HG3  sing N N 207 
LYS CD  CE   sing N N 208 
LYS CD  HD2  sing N N 209 
LYS CD  HD3  sing N N 210 
LYS CE  NZ   sing N N 211 
LYS CE  HE2  sing N N 212 
LYS CE  HE3  sing N N 213 
LYS NZ  HZ1  sing N N 214 
LYS NZ  HZ2  sing N N 215 
LYS NZ  HZ3  sing N N 216 
LYS OXT HXT  sing N N 217 
MET N   CA   sing N N 218 
MET N   H    sing N N 219 
MET N   H2   sing N N 220 
MET CA  C    sing N N 221 
MET CA  CB   sing N N 222 
MET CA  HA   sing N N 223 
MET C   O    doub N N 224 
MET C   OXT  sing N N 225 
MET CB  CG   sing N N 226 
MET CB  HB2  sing N N 227 
MET CB  HB3  sing N N 228 
MET CG  SD   sing N N 229 
MET CG  HG2  sing N N 230 
MET CG  HG3  sing N N 231 
MET SD  CE   sing N N 232 
MET CE  HE1  sing N N 233 
MET CE  HE2  sing N N 234 
MET CE  HE3  sing N N 235 
MET OXT HXT  sing N N 236 
MSE N   CA   sing N N 237 
MSE N   H    sing N N 238 
MSE N   H2   sing N N 239 
MSE CA  C    sing N N 240 
MSE CA  CB   sing N N 241 
MSE CA  HA   sing N N 242 
MSE C   O    doub N N 243 
MSE C   OXT  sing N N 244 
MSE OXT HXT  sing N N 245 
MSE CB  CG   sing N N 246 
MSE CB  HB2  sing N N 247 
MSE CB  HB3  sing N N 248 
MSE CG  SE   sing N N 249 
MSE CG  HG2  sing N N 250 
MSE CG  HG3  sing N N 251 
MSE SE  CE   sing N N 252 
MSE CE  HE1  sing N N 253 
MSE CE  HE2  sing N N 254 
MSE CE  HE3  sing N N 255 
PHE N   CA   sing N N 256 
PHE N   H    sing N N 257 
PHE N   H2   sing N N 258 
PHE CA  C    sing N N 259 
PHE CA  CB   sing N N 260 
PHE CA  HA   sing N N 261 
PHE C   O    doub N N 262 
PHE C   OXT  sing N N 263 
PHE CB  CG   sing N N 264 
PHE CB  HB2  sing N N 265 
PHE CB  HB3  sing N N 266 
PHE CG  CD1  doub Y N 267 
PHE CG  CD2  sing Y N 268 
PHE CD1 CE1  sing Y N 269 
PHE CD1 HD1  sing N N 270 
PHE CD2 CE2  doub Y N 271 
PHE CD2 HD2  sing N N 272 
PHE CE1 CZ   doub Y N 273 
PHE CE1 HE1  sing N N 274 
PHE CE2 CZ   sing Y N 275 
PHE CE2 HE2  sing N N 276 
PHE CZ  HZ   sing N N 277 
PHE OXT HXT  sing N N 278 
PRO N   CA   sing N N 279 
PRO N   CD   sing N N 280 
PRO N   H    sing N N 281 
PRO CA  C    sing N N 282 
PRO CA  CB   sing N N 283 
PRO CA  HA   sing N N 284 
PRO C   O    doub N N 285 
PRO C   OXT  sing N N 286 
PRO CB  CG   sing N N 287 
PRO CB  HB2  sing N N 288 
PRO CB  HB3  sing N N 289 
PRO CG  CD   sing N N 290 
PRO CG  HG2  sing N N 291 
PRO CG  HG3  sing N N 292 
PRO CD  HD2  sing N N 293 
PRO CD  HD3  sing N N 294 
PRO OXT HXT  sing N N 295 
SER N   CA   sing N N 296 
SER N   H    sing N N 297 
SER N   H2   sing N N 298 
SER CA  C    sing N N 299 
SER CA  CB   sing N N 300 
SER CA  HA   sing N N 301 
SER C   O    doub N N 302 
SER C   OXT  sing N N 303 
SER CB  OG   sing N N 304 
SER CB  HB2  sing N N 305 
SER CB  HB3  sing N N 306 
SER OG  HG   sing N N 307 
SER OXT HXT  sing N N 308 
THR N   CA   sing N N 309 
THR N   H    sing N N 310 
THR N   H2   sing N N 311 
THR CA  C    sing N N 312 
THR CA  CB   sing N N 313 
THR CA  HA   sing N N 314 
THR C   O    doub N N 315 
THR C   OXT  sing N N 316 
THR CB  OG1  sing N N 317 
THR CB  CG2  sing N N 318 
THR CB  HB   sing N N 319 
THR OG1 HG1  sing N N 320 
THR CG2 HG21 sing N N 321 
THR CG2 HG22 sing N N 322 
THR CG2 HG23 sing N N 323 
THR OXT HXT  sing N N 324 
TYR N   CA   sing N N 325 
TYR N   H    sing N N 326 
TYR N   H2   sing N N 327 
TYR CA  C    sing N N 328 
TYR CA  CB   sing N N 329 
TYR CA  HA   sing N N 330 
TYR C   O    doub N N 331 
TYR C   OXT  sing N N 332 
TYR CB  CG   sing N N 333 
TYR CB  HB2  sing N N 334 
TYR CB  HB3  sing N N 335 
TYR CG  CD1  doub Y N 336 
TYR CG  CD2  sing Y N 337 
TYR CD1 CE1  sing Y N 338 
TYR CD1 HD1  sing N N 339 
TYR CD2 CE2  doub Y N 340 
TYR CD2 HD2  sing N N 341 
TYR CE1 CZ   doub Y N 342 
TYR CE1 HE1  sing N N 343 
TYR CE2 CZ   sing Y N 344 
TYR CE2 HE2  sing N N 345 
TYR CZ  OH   sing N N 346 
TYR OH  HH   sing N N 347 
TYR OXT HXT  sing N N 348 
VAL N   CA   sing N N 349 
VAL N   H    sing N N 350 
VAL N   H2   sing N N 351 
VAL CA  C    sing N N 352 
VAL CA  CB   sing N N 353 
VAL CA  HA   sing N N 354 
VAL C   O    doub N N 355 
VAL C   OXT  sing N N 356 
VAL CB  CG1  sing N N 357 
VAL CB  CG2  sing N N 358 
VAL CB  HB   sing N N 359 
VAL CG1 HG11 sing N N 360 
VAL CG1 HG12 sing N N 361 
VAL CG1 HG13 sing N N 362 
VAL CG2 HG21 sing N N 363 
VAL CG2 HG22 sing N N 364 
VAL CG2 HG23 sing N N 365 
VAL OXT HXT  sing N N 366 
# 
_atom_sites.entry_id                    1DBU 
_atom_sites.fract_transf_matrix[1][1]   0.00836357 
_atom_sites.fract_transf_matrix[1][2]   0.00028588 
_atom_sites.fract_transf_matrix[1][3]   0.00557522 
_atom_sites.fract_transf_matrix[2][1]   0.01007252 
_atom_sites.fract_transf_matrix[2][2]   0.01419049 
_atom_sites.fract_transf_matrix[2][3]   -0.01583777 
_atom_sites.fract_transf_matrix[3][1]   -0.00441551 
_atom_sites.fract_transf_matrix[3][2]   0.02472300 
_atom_sites.fract_transf_matrix[3][3]   0.01934339 
_atom_sites.fract_transf_vector[1]      0.137897 
_atom_sites.fract_transf_vector[2]      0.184578 
_atom_sites.fract_transf_vector[3]      0.093177 
# 
loop_
_atom_type.symbol 
C  
HG 
N  
O  
S  
SE 
# 
loop_
_atom_site.group_PDB 
_atom_site.id 
_atom_site.type_symbol 
_atom_site.label_atom_id 
_atom_site.label_alt_id 
_atom_site.label_comp_id 
_atom_site.label_asym_id 
_atom_site.label_entity_id 
_atom_site.label_seq_id 
_atom_site.pdbx_PDB_ins_code 
_atom_site.Cartn_x 
_atom_site.Cartn_y 
_atom_site.Cartn_z 
_atom_site.occupancy 
_atom_site.B_iso_or_equiv 
_atom_site.pdbx_formal_charge 
_atom_site.auth_seq_id 
_atom_site.auth_comp_id 
_atom_site.auth_asym_id 
_atom_site.auth_atom_id 
_atom_site.pdbx_PDB_model_num 
ATOM   1    N  N   . THR A 1 2   ? 7.444   12.787  5.842   1.00 27.25 ? 2   THR A N   1 
ATOM   2    C  CA  . THR A 1 2   ? 6.375   11.909  6.328   1.00 25.72 ? 2   THR A CA  1 
ATOM   3    C  C   . THR A 1 2   ? 6.976   10.723  7.057   1.00 22.69 ? 2   THR A C   1 
ATOM   4    O  O   . THR A 1 2   ? 8.147   10.384  6.886   1.00 22.35 ? 2   THR A O   1 
ATOM   5    C  CB  . THR A 1 2   ? 5.487   11.428  5.160   1.00 26.94 ? 2   THR A CB  1 
ATOM   6    O  OG1 . THR A 1 2   ? 4.226   10.952  5.643   1.00 33.76 ? 2   THR A OG1 1 
ATOM   7    C  CG2 . THR A 1 2   ? 6.091   10.217  4.480   1.00 23.38 ? 2   THR A CG2 1 
ATOM   8    N  N   . PRO A 1 3   ? 6.150   10.018  7.839   1.00 23.73 ? 3   PRO A N   1 
ATOM   9    C  CA  . PRO A 1 3   ? 6.599   8.841   8.550   1.00 21.32 ? 3   PRO A CA  1 
ATOM   10   C  C   . PRO A 1 3   ? 7.052   7.755   7.586   1.00 21.65 ? 3   PRO A C   1 
ATOM   11   O  O   . PRO A 1 3   ? 7.873   6.932   7.961   1.00 21.46 ? 3   PRO A O   1 
ATOM   12   C  CB  . PRO A 1 3   ? 5.399   8.397   9.354   1.00 22.41 ? 3   PRO A CB  1 
ATOM   13   C  CG  . PRO A 1 3   ? 4.487   9.569   9.454   1.00 25.24 ? 3   PRO A CG  1 
ATOM   14   C  CD  . PRO A 1 3   ? 4.809   10.436  8.260   1.00 24.82 ? 3   PRO A CD  1 
ATOM   15   N  N   . ALA A 1 4   ? 6.460   7.680   6.407   1.00 21.95 ? 4   ALA A N   1 
ATOM   16   C  CA  . ALA A 1 4   ? 6.976   6.819   5.334   1.00 22.49 ? 4   ALA A CA  1 
ATOM   17   C  C   . ALA A 1 4   ? 8.426   7.173   5.048   1.00 23.15 ? 4   ALA A C   1 
ATOM   18   O  O   . ALA A 1 4   ? 9.233   6.241   5.039   1.00 23.68 ? 4   ALA A O   1 
ATOM   19   C  CB  . ALA A 1 4   ? 6.222   7.006   4.003   1.00 21.83 ? 4   ALA A CB  1 
ATOM   20   N  N   . ILE A 1 5   ? 8.694   8.440   4.702   1.00 22.31 ? 5   ILE A N   1 
ATOM   21   C  CA  . ILE A 1 5   ? 10.110  8.754   4.410   1.00 24.41 ? 5   ILE A CA  1 
ATOM   22   C  C   . ILE A 1 5   ? 11.005  8.553   5.633   1.00 23.68 ? 5   ILE A C   1 
ATOM   23   O  O   . ILE A 1 5   ? 12.087  7.976   5.504   1.00 25.65 ? 5   ILE A O   1 
ATOM   24   C  CB  . ILE A 1 5   ? 10.270  10.126  3.791   1.00 25.10 ? 5   ILE A CB  1 
ATOM   25   C  CG1 . ILE A 1 5   ? 9.424   10.232  2.505   1.00 25.91 ? 5   ILE A CG1 1 
ATOM   26   C  CG2 . ILE A 1 5   ? 11.750  10.421  3.499   1.00 25.26 ? 5   ILE A CG2 1 
ATOM   27   C  CD1 . ILE A 1 5   ? 9.460   11.667  1.994   1.00 28.48 ? 5   ILE A CD1 1 
ATOM   28   N  N   . ASP A 1 6   ? 10.569  8.877   6.848   1.00 26.18 ? 6   ASP A N   1 
ATOM   29   C  CA  . ASP A 1 6   ? 11.371  8.734   8.048   1.00 24.20 ? 6   ASP A CA  1 
ATOM   30   C  C   . ASP A 1 6   ? 11.765  7.272   8.267   1.00 25.20 ? 6   ASP A C   1 
ATOM   31   O  O   . ASP A 1 6   ? 12.930  7.016   8.602   1.00 22.23 ? 6   ASP A O   1 
ATOM   32   C  CB  . ASP A 1 6   ? 10.630  9.285   9.261   1.00 26.02 ? 6   ASP A CB  1 
ATOM   33   C  CG  . ASP A 1 6   ? 10.366  10.766  9.267   1.00 25.80 ? 6   ASP A CG  1 
ATOM   34   O  OD1 . ASP A 1 6   ? 10.934  11.603  8.523   1.00 27.05 ? 6   ASP A OD1 1 
ATOM   35   O  OD2 . ASP A 1 6   ? 9.523   11.097  10.106  1.00 27.53 ? 6   ASP A OD2 1 
ATOM   36   N  N   . LEU A 1 7   ? 10.830  6.345   8.025   1.00 24.03 ? 7   LEU A N   1 
ATOM   37   C  CA  . LEU A 1 7   ? 11.165  4.928   8.252   1.00 23.00 ? 7   LEU A CA  1 
ATOM   38   C  C   . LEU A 1 7   ? 12.253  4.448   7.296   1.00 23.06 ? 7   LEU A C   1 
ATOM   39   O  O   . LEU A 1 7   ? 13.194  3.769   7.691   1.00 21.14 ? 7   LEU A O   1 
ATOM   40   C  CB  . LEU A 1 7   ? 9.881   4.095   8.167   1.00 22.91 ? 7   LEU A CB  1 
ATOM   41   C  CG  . LEU A 1 7   ? 10.026  2.592   8.354   1.00 23.45 ? 7   LEU A CG  1 
ATOM   42   C  CD1 . LEU A 1 7   ? 10.568  2.344   9.764   1.00 22.71 ? 7   LEU A CD1 1 
ATOM   43   C  CD2 . LEU A 1 7   ? 8.692   1.900   8.111   1.00 26.05 ? 7   LEU A CD2 1 
ATOM   44   N  N   . LEU A 1 8   ? 12.136  4.793   5.998   1.00 20.82 ? 8   LEU A N   1 
ATOM   45   C  CA  . LEU A 1 8   ? 13.100  4.301   5.015   1.00 22.72 ? 8   LEU A CA  1 
ATOM   46   C  C   . LEU A 1 8   ? 14.493  4.841   5.352   1.00 22.94 ? 8   LEU A C   1 
ATOM   47   O  O   . LEU A 1 8   ? 15.488  4.154   5.151   1.00 25.17 ? 8   LEU A O   1 
ATOM   48   C  CB  . LEU A 1 8   ? 12.739  4.796   3.590   1.00 22.34 ? 8   LEU A CB  1 
ATOM   49   C  CG  . LEU A 1 8   ? 11.427  4.219   3.039   1.00 22.47 ? 8   LEU A CG  1 
ATOM   50   C  CD1 . LEU A 1 8   ? 11.075  4.861   1.704   1.00 26.03 ? 8   LEU A CD1 1 
ATOM   51   C  CD2 . LEU A 1 8   ? 11.466  2.698   2.867   1.00 24.15 ? 8   LEU A CD2 1 
ATOM   52   N  N   . LYS A 1 9   ? 14.561  6.073   5.802   1.00 21.75 ? 9   LYS A N   1 
ATOM   53   C  CA  . LYS A 1 9   ? 15.836  6.720   6.090   1.00 24.47 ? 9   LYS A CA  1 
ATOM   54   C  C   . LYS A 1 9   ? 16.426  6.146   7.369   1.00 23.86 ? 9   LYS A C   1 
ATOM   55   O  O   . LYS A 1 9   ? 17.636  5.985   7.441   1.00 23.12 ? 9   LYS A O   1 
ATOM   56   C  CB  . LYS A 1 9   ? 15.663  8.239   6.201   1.00 26.25 ? 9   LYS A CB  1 
ATOM   57   C  CG  . LYS A 1 9   ? 15.408  8.892   4.832   1.00 29.08 ? 9   LYS A CG  1 
ATOM   58   C  CD  . LYS A 1 9   ? 15.398  10.409  4.985   1.00 31.69 ? 9   LYS A CD  1 
ATOM   59   C  CE  . LYS A 1 9   ? 15.471  11.074  3.610   1.00 32.84 ? 9   LYS A CE  1 
ATOM   60   N  NZ  . LYS A 1 9   ? 14.735  12.358  3.567   1.00 33.88 ? 9   LYS A NZ  1 
ATOM   61   N  N   . LYS A 1 10  ? 15.558  5.887   8.355   1.00 24.54 ? 10  LYS A N   1 
ATOM   62   C  CA  . LYS A 1 10  ? 15.948  5.190   9.558   1.00 24.79 ? 10  LYS A CA  1 
ATOM   63   C  C   . LYS A 1 10  ? 16.556  3.832   9.271   1.00 25.34 ? 10  LYS A C   1 
ATOM   64   O  O   . LYS A 1 10  ? 17.560  3.417   9.898   1.00 26.64 ? 10  LYS A O   1 
ATOM   65   C  CB  . LYS A 1 10  ? 14.756  4.996   10.526  1.00 25.11 ? 10  LYS A CB  1 
ATOM   66   C  CG  . LYS A 1 10  ? 15.194  4.612   11.926  1.00 26.51 ? 10  LYS A CG  1 
ATOM   67   C  CD  . LYS A 1 10  ? 14.023  4.248   12.840  1.00 30.21 ? 10  LYS A CD  1 
ATOM   68   C  CE  . LYS A 1 10  ? 14.472  3.448   14.072  1.00 32.11 ? 10  LYS A CE  1 
ATOM   69   N  NZ  . LYS A 1 10  ? 13.334  3.331   15.041  1.00 36.21 ? 10  LYS A NZ  1 
ATOM   70   N  N   . GLN A 1 11  ? 15.987  3.105   8.327   1.00 22.68 ? 11  GLN A N   1 
ATOM   71   C  CA  . GLN A 1 11  ? 16.443  1.760   8.016   1.00 23.67 ? 11  GLN A CA  1 
ATOM   72   C  C   . GLN A 1 11  ? 17.426  1.654   6.849   1.00 21.41 ? 11  GLN A C   1 
ATOM   73   O  O   . GLN A 1 11  ? 17.820  0.528   6.537   1.00 21.75 ? 11  GLN A O   1 
ATOM   74   C  CB  . GLN A 1 11  ? 15.255  0.859   7.730   1.00 25.10 ? 11  GLN A CB  1 
ATOM   75   C  CG  . GLN A 1 11  ? 14.556  0.524   9.035   1.00 29.98 ? 11  GLN A CG  1 
ATOM   76   C  CD  . GLN A 1 11  ? 13.288  -0.252  8.746   1.00 32.15 ? 11  GLN A CD  1 
ATOM   77   O  OE1 . GLN A 1 11  ? 13.104  -0.801  7.663   1.00 34.04 ? 11  GLN A OE1 1 
ATOM   78   N  NE2 . GLN A 1 11  ? 12.465  -0.266  9.783   1.00 32.74 ? 11  GLN A NE2 1 
ATOM   79   N  N   . LYS A 1 12  ? 17.759  2.788   6.288   1.00 20.97 ? 12  LYS A N   1 
ATOM   80   C  CA  . LYS A 1 12  ? 18.721  2.918   5.206   1.00 21.15 ? 12  LYS A CA  1 
ATOM   81   C  C   . LYS A 1 12  ? 18.273  2.109   4.001   1.00 22.63 ? 12  LYS A C   1 
ATOM   82   O  O   . LYS A 1 12  ? 19.089  1.429   3.363   1.00 23.35 ? 12  LYS A O   1 
ATOM   83   C  CB  . LYS A 1 12  ? 20.139  2.544   5.700   1.00 22.69 ? 12  LYS A CB  1 
ATOM   84   C  CG  . LYS A 1 12  ? 20.593  3.294   6.947   1.00 21.59 ? 12  LYS A CG  1 
ATOM   85   C  CD  . LYS A 1 12  ? 20.678  4.780   6.827   1.00 22.23 ? 12  LYS A CD  1 
ATOM   86   C  CE  . LYS A 1 12  ? 20.796  5.446   8.226   1.00 25.10 ? 12  LYS A CE  1 
ATOM   87   N  NZ  . LYS A 1 12  ? 20.719  6.927   8.035   1.00 28.05 ? 12  LYS A NZ  1 
ATOM   88   N  N   . ILE A 1 13  ? 16.958  2.042   3.773   1.00 22.76 ? 13  ILE A N   1 
ATOM   89   C  CA  . ILE A 1 13  ? 16.458  1.343   2.580   1.00 22.86 ? 13  ILE A CA  1 
ATOM   90   C  C   . ILE A 1 13  ? 16.567  2.220   1.340   1.00 22.32 ? 13  ILE A C   1 
ATOM   91   O  O   . ILE A 1 13  ? 16.147  3.372   1.367   1.00 22.99 ? 13  ILE A O   1 
ATOM   92   C  CB  . ILE A 1 13  ? 14.956  1.064   2.842   1.00 25.20 ? 13  ILE A CB  1 
ATOM   93   C  CG1 . ILE A 1 13  ? 14.810  0.213   4.103   1.00 27.54 ? 13  ILE A CG1 1 
ATOM   94   C  CG2 . ILE A 1 13  ? 14.317  0.437   1.622   1.00 23.48 ? 13  ILE A CG2 1 
ATOM   95   C  CD1 . ILE A 1 13  ? 15.563  -1.092  4.078   1.00 30.61 ? 13  ILE A CD1 1 
ATOM   96   N  N   . PRO A 1 14  ? 17.183  1.762   0.268   1.00 23.98 ? 14  PRO A N   1 
ATOM   97   C  CA  . PRO A 1 14  ? 17.201  2.484   -0.987  1.00 20.78 ? 14  PRO A CA  1 
ATOM   98   C  C   . PRO A 1 14  ? 15.825  2.819   -1.555  1.00 19.46 ? 14  PRO A C   1 
ATOM   99   O  O   . PRO A 1 14  ? 14.941  1.937   -1.625  1.00 19.72 ? 14  PRO A O   1 
ATOM   100  C  CB  . PRO A 1 14  ? 17.894  1.559   -1.966  1.00 22.90 ? 14  PRO A CB  1 
ATOM   101  C  CG  . PRO A 1 14  ? 18.333  0.373   -1.199  1.00 23.50 ? 14  PRO A CG  1 
ATOM   102  C  CD  . PRO A 1 14  ? 17.514  0.313   0.059   1.00 23.50 ? 14  PRO A CD  1 
ATOM   103  N  N   . PHE A 1 15  ? 15.696  4.097   -1.940  1.00 18.91 ? 15  PHE A N   1 
ATOM   104  C  CA  . PHE A 1 15  ? 14.439  4.500   -2.588  1.00 20.84 ? 15  PHE A CA  1 
ATOM   105  C  C   . PHE A 1 15  ? 14.650  5.797   -3.357  1.00 21.64 ? 15  PHE A C   1 
ATOM   106  O  O   . PHE A 1 15  ? 15.625  6.563   -3.108  1.00 22.85 ? 15  PHE A O   1 
ATOM   107  C  CB  . PHE A 1 15  ? 13.317  4.668   -1.533  1.00 22.99 ? 15  PHE A CB  1 
ATOM   108  C  CG  . PHE A 1 15  ? 13.466  5.860   -0.642  1.00 24.62 ? 15  PHE A CG  1 
ATOM   109  C  CD1 . PHE A 1 15  ? 12.801  7.057   -0.963  1.00 25.41 ? 15  PHE A CD1 1 
ATOM   110  C  CD2 . PHE A 1 15  ? 14.225  5.821   0.516   1.00 24.30 ? 15  PHE A CD2 1 
ATOM   111  C  CE1 . PHE A 1 15  ? 12.949  8.174   -0.165  1.00 24.94 ? 15  PHE A CE1 1 
ATOM   112  C  CE2 . PHE A 1 15  ? 14.358  6.938   1.312   1.00 25.32 ? 15  PHE A CE2 1 
ATOM   113  C  CZ  . PHE A 1 15  ? 13.727  8.116   0.963   1.00 24.95 ? 15  PHE A CZ  1 
ATOM   114  N  N   . ILE A 1 16  ? 13.715  6.096   -4.263  1.00 18.26 ? 16  ILE A N   1 
ATOM   115  C  CA  . ILE A 1 16  ? 13.773  7.371   -4.969  1.00 19.29 ? 16  ILE A CA  1 
ATOM   116  C  C   . ILE A 1 16  ? 12.490  8.152   -4.685  1.00 18.94 ? 16  ILE A C   1 
ATOM   117  O  O   . ILE A 1 16  ? 11.419  7.526   -4.817  1.00 17.61 ? 16  ILE A O   1 
ATOM   118  C  CB  . ILE A 1 16  ? 13.899  7.165   -6.489  1.00 20.17 ? 16  ILE A CB  1 
ATOM   119  C  CG1 . ILE A 1 16  ? 15.314  6.574   -6.821  1.00 22.16 ? 16  ILE A CG1 1 
ATOM   120  C  CG2 . ILE A 1 16  ? 13.720  8.447   -7.239  1.00 22.32 ? 16  ILE A CG2 1 
ATOM   121  C  CD1 . ILE A 1 16  ? 15.315  5.743   -8.080  1.00 23.70 ? 16  ILE A CD1 1 
ATOM   122  N  N   . LEU A 1 17  ? 12.585  9.414   -4.295  1.00 19.74 ? 17  LEU A N   1 
ATOM   123  C  CA  . LEU A 1 17  ? 11.415  10.200  -3.994  1.00 20.19 ? 17  LEU A CA  1 
ATOM   124  C  C   . LEU A 1 17  ? 10.980  10.969  -5.261  1.00 19.48 ? 17  LEU A C   1 
ATOM   125  O  O   . LEU A 1 17  ? 11.812  11.568  -5.951  1.00 23.16 ? 17  LEU A O   1 
ATOM   126  C  CB  . LEU A 1 17  ? 11.626  11.185  -2.840  1.00 22.73 ? 17  LEU A CB  1 
ATOM   127  C  CG  . LEU A 1 17  ? 10.391  11.991  -2.427  1.00 24.52 ? 17  LEU A CG  1 
ATOM   128  C  CD1 . LEU A 1 17  ? 9.337   11.089  -1.835  1.00 25.91 ? 17  LEU A CD1 1 
ATOM   129  C  CD2 . LEU A 1 17  ? 10.803  13.106  -1.459  1.00 28.19 ? 17  LEU A CD2 1 
ATOM   130  N  N   . HIS A 1 18  ? 9.752   10.828  -5.627  1.00 19.29 ? 18  HIS A N   1 
ATOM   131  C  CA  . HIS A 1 18  ? 9.134   11.510  -6.762  1.00 22.24 ? 18  HIS A CA  1 
ATOM   132  C  C   . HIS A 1 18  ? 8.098   12.502  -6.237  1.00 23.41 ? 18  HIS A C   1 
ATOM   133  O  O   . HIS A 1 18  ? 7.362   12.174  -5.301  1.00 22.35 ? 18  HIS A O   1 
ATOM   134  C  CB  . HIS A 1 18  ? 8.509   10.477  -7.681  1.00 20.28 ? 18  HIS A CB  1 
ATOM   135  C  CG  . HIS A 1 18  ? 9.478   9.585   -8.378  1.00 22.04 ? 18  HIS A CG  1 
ATOM   136  N  ND1 . HIS A 1 18  ? 10.012  8.418   -7.911  1.00 24.41 ? 18  HIS A ND1 1 
ATOM   137  C  CD2 . HIS A 1 18  ? 10.011  9.759   -9.610  1.00 20.73 ? 18  HIS A CD2 1 
ATOM   138  C  CE1 . HIS A 1 18  ? 10.838  7.898   -8.779  1.00 20.28 ? 18  HIS A CE1 1 
ATOM   139  N  NE2 . HIS A 1 18  ? 10.861  8.693   -9.835  1.00 25.07 ? 18  HIS A NE2 1 
ATOM   140  N  N   . THR A 1 19  ? 8.107   13.699  -6.823  1.00 22.36 ? 19  THR A N   1 
ATOM   141  C  CA  . THR A 1 19  ? 7.096   14.707  -6.393  1.00 25.97 ? 19  THR A CA  1 
ATOM   142  C  C   . THR A 1 19  ? 6.259   15.155  -7.586  1.00 27.42 ? 19  THR A C   1 
ATOM   143  O  O   . THR A 1 19  ? 6.835   15.411  -8.660  1.00 27.00 ? 19  THR A O   1 
ATOM   144  C  CB  . THR A 1 19  ? 7.834   15.908  -5.785  1.00 26.96 ? 19  THR A CB  1 
ATOM   145  O  OG1 . THR A 1 19  ? 8.655   15.445  -4.671  1.00 27.22 ? 19  THR A OG1 1 
ATOM   146  C  CG2 . THR A 1 19  ? 6.924   17.017  -5.268  1.00 29.40 ? 19  THR A CG2 1 
ATOM   147  N  N   . TYR A 1 20  ? 4.960   15.370  -7.411  1.00 27.50 ? 20  TYR A N   1 
ATOM   148  C  CA  . TYR A 1 20  ? 4.094   15.923  -8.448  1.00 29.71 ? 20  TYR A CA  1 
ATOM   149  C  C   . TYR A 1 20  ? 3.156   16.933  -7.758  1.00 30.97 ? 20  TYR A C   1 
ATOM   150  O  O   . TYR A 1 20  ? 2.964   16.867  -6.550  1.00 31.68 ? 20  TYR A O   1 
ATOM   151  C  CB  . TYR A 1 20  ? 3.274   14.885  -9.216  1.00 28.05 ? 20  TYR A CB  1 
ATOM   152  C  CG  . TYR A 1 20  ? 2.441   13.997  -8.304  1.00 27.82 ? 20  TYR A CG  1 
ATOM   153  C  CD1 . TYR A 1 20  ? 1.123   14.286  -8.001  1.00 27.12 ? 20  TYR A CD1 1 
ATOM   154  C  CD2 . TYR A 1 20  ? 3.044   12.861  -7.760  1.00 27.23 ? 20  TYR A CD2 1 
ATOM   155  C  CE1 . TYR A 1 20  ? 0.398   13.453  -7.155  1.00 27.89 ? 20  TYR A CE1 1 
ATOM   156  C  CE2 . TYR A 1 20  ? 2.331   12.032  -6.907  1.00 28.92 ? 20  TYR A CE2 1 
ATOM   157  C  CZ  . TYR A 1 20  ? 1.016   12.331  -6.622  1.00 28.18 ? 20  TYR A CZ  1 
ATOM   158  O  OH  . TYR A 1 20  ? 0.297   11.534  -5.782  1.00 29.14 ? 20  TYR A OH  1 
ATOM   159  N  N   . ASP A 1 21  ? 2.538   17.854  -8.459  1.00 34.37 ? 21  ASP A N   1 
ATOM   160  C  CA  . ASP A 1 21  ? 1.597   18.817  -7.916  1.00 37.09 ? 21  ASP A CA  1 
ATOM   161  C  C   . ASP A 1 21  ? 0.184   18.257  -7.818  1.00 39.77 ? 21  ASP A C   1 
ATOM   162  O  O   . ASP A 1 21  ? -0.458  18.018  -8.845  1.00 39.02 ? 21  ASP A O   1 
ATOM   163  C  CB  . ASP A 1 21  ? 1.606   20.094  -8.780  1.00 38.65 ? 21  ASP A CB  1 
ATOM   164  C  CG  . ASP A 1 21  ? 2.815   20.947  -8.450  1.00 39.30 ? 21  ASP A CG  1 
ATOM   165  O  OD1 . ASP A 1 21  ? 3.282   20.842  -7.294  1.00 40.87 ? 21  ASP A OD1 1 
ATOM   166  O  OD2 . ASP A 1 21  ? 3.344   21.739  -9.230  1.00 40.76 ? 21  ASP A OD2 1 
ATOM   167  N  N   . HIS A 1 22  ? -0.248  17.887  -6.598  1.00 41.22 ? 22  HIS A N   1 
ATOM   168  C  CA  . HIS A 1 22  ? -1.684  17.585  -6.478  1.00 44.25 ? 22  HIS A CA  1 
ATOM   169  C  C   . HIS A 1 22  ? -2.396  18.933  -6.526  1.00 45.19 ? 22  HIS A C   1 
ATOM   170  O  O   . HIS A 1 22  ? -1.865  19.892  -5.957  1.00 46.17 ? 22  HIS A O   1 
ATOM   171  C  CB  . HIS A 1 22  ? -2.012  16.800  -5.212  1.00 42.63 ? 22  HIS A CB  1 
ATOM   172  C  CG  . HIS A 1 22  ? -1.760  17.602  -3.966  1.00 42.80 ? 22  HIS A CG  1 
ATOM   173  N  ND1 . HIS A 1 22  ? -0.511  18.135  -3.697  1.00 42.23 ? 22  HIS A ND1 1 
ATOM   174  C  CD2 . HIS A 1 22  ? -2.576  17.953  -2.945  1.00 41.36 ? 22  HIS A CD2 1 
ATOM   175  C  CE1 . HIS A 1 22  ? -0.565  18.785  -2.545  1.00 42.18 ? 22  HIS A CE1 1 
ATOM   176  N  NE2 . HIS A 1 22  ? -1.801  18.685  -2.078  1.00 41.55 ? 22  HIS A NE2 1 
ATOM   177  N  N   . ASP A 1 23  ? -3.500  19.083  -7.240  1.00 50.84 ? 23  ASP A N   1 
ATOM   178  C  CA  . ASP A 1 23  ? -4.283  20.326  -7.001  1.00 54.46 ? 23  ASP A CA  1 
ATOM   179  C  C   . ASP A 1 23  ? -5.512  19.951  -6.186  1.00 56.31 ? 23  ASP A C   1 
ATOM   180  O  O   . ASP A 1 23  ? -6.392  19.175  -6.551  1.00 56.57 ? 23  ASP A O   1 
ATOM   181  C  CB  . ASP A 1 23  ? -4.519  21.114  -8.264  1.00 56.00 ? 23  ASP A CB  1 
ATOM   182  C  CG  . ASP A 1 23  ? -3.345  21.967  -8.726  1.00 57.23 ? 23  ASP A CG  1 
ATOM   183  O  OD1 . ASP A 1 23  ? -3.412  23.203  -8.519  1.00 57.57 ? 23  ASP A OD1 1 
ATOM   184  O  OD2 . ASP A 1 23  ? -2.367  21.426  -9.299  1.00 57.53 ? 23  ASP A OD2 1 
ATOM   185  N  N   . PRO A 1 24  ? -5.556  20.423  -4.950  1.00 58.00 ? 24  PRO A N   1 
ATOM   186  C  CA  . PRO A 1 24  ? -6.481  20.019  -3.912  1.00 59.41 ? 24  PRO A CA  1 
ATOM   187  C  C   . PRO A 1 24  ? -7.846  19.472  -4.253  1.00 60.86 ? 24  PRO A C   1 
ATOM   188  O  O   . PRO A 1 24  ? -8.408  18.648  -3.512  1.00 61.41 ? 24  PRO A O   1 
ATOM   189  C  CB  . PRO A 1 24  ? -6.639  21.336  -3.143  1.00 58.60 ? 24  PRO A CB  1 
ATOM   190  C  CG  . PRO A 1 24  ? -5.310  21.997  -3.239  1.00 58.24 ? 24  PRO A CG  1 
ATOM   191  C  CD  . PRO A 1 24  ? -4.573  21.404  -4.400  1.00 57.93 ? 24  PRO A CD  1 
ATOM   192  N  N   . ASN A 1 25  ? -8.480  19.936  -5.322  1.00 62.92 ? 25  ASN A N   1 
ATOM   193  C  CA  . ASN A 1 25  ? -9.888  19.699  -5.552  1.00 63.44 ? 25  ASN A CA  1 
ATOM   194  C  C   . ASN A 1 25  ? -10.169 19.001  -6.856  1.00 64.24 ? 25  ASN A C   1 
ATOM   195  O  O   . ASN A 1 25  ? -11.322 18.965  -7.312  1.00 65.18 ? 25  ASN A O   1 
ATOM   196  C  CB  . ASN A 1 25  ? -10.658 21.006  -5.425  1.00 63.93 ? 25  ASN A CB  1 
ATOM   197  C  CG  . ASN A 1 25  ? -9.940  22.038  -4.573  1.00 64.02 ? 25  ASN A CG  1 
ATOM   198  O  OD1 . ASN A 1 25  ? -10.053 22.043  -3.351  1.00 63.86 ? 25  ASN A OD1 1 
ATOM   199  N  ND2 . ASN A 1 25  ? -9.162  22.903  -5.228  1.00 63.78 ? 25  ASN A ND2 1 
ATOM   200  N  N   . ASP A 1 31  ? -5.743  7.363   -10.387 1.00 30.13 ? 31  ASP A N   1 
ATOM   201  C  CA  . ASP A 1 31  ? -4.318  7.217   -10.074 1.00 28.42 ? 31  ASP A CA  1 
ATOM   202  C  C   . ASP A 1 31  ? -3.594  8.485   -10.496 1.00 27.15 ? 31  ASP A C   1 
ATOM   203  O  O   . ASP A 1 31  ? -2.926  8.582   -11.522 1.00 26.95 ? 31  ASP A O   1 
ATOM   204  C  CB  . ASP A 1 31  ? -3.787  5.991   -10.815 1.00 29.04 ? 31  ASP A CB  1 
ATOM   205  C  CG  . ASP A 1 31  ? -2.378  5.579   -10.393 1.00 28.36 ? 31  ASP A CG  1 
ATOM   206  O  OD1 . ASP A 1 31  ? -1.702  6.283   -9.647  1.00 27.74 ? 31  ASP A OD1 1 
ATOM   207  O  OD2 . ASP A 1 31  ? -1.949  4.492   -10.843 1.00 30.12 ? 31  ASP A OD2 1 
ATOM   208  N  N   . GLU A 1 32  ? -3.729  9.533   -9.691  1.00 26.85 ? 32  GLU A N   1 
ATOM   209  C  CA  . GLU A 1 32  ? -3.097  10.812  -9.957  1.00 29.00 ? 32  GLU A CA  1 
ATOM   210  C  C   . GLU A 1 32  ? -1.594  10.632  -10.130 1.00 27.50 ? 32  GLU A C   1 
ATOM   211  O  O   . GLU A 1 32  ? -0.989  11.274  -10.999 1.00 27.27 ? 32  GLU A O   1 
ATOM   212  C  CB  . GLU A 1 32  ? -3.444  11.831  -8.862  1.00 32.12 ? 32  GLU A CB  1 
ATOM   213  C  CG  . GLU A 1 32  ? -2.857  13.219  -9.134  1.00 34.35 ? 32  GLU A CG  1 
ATOM   214  C  CD  . GLU A 1 32  ? -3.415  14.286  -8.211  1.00 37.07 ? 32  GLU A CD  1 
ATOM   215  O  OE1 . GLU A 1 32  ? -3.709  15.395  -8.725  1.00 37.45 ? 32  GLU A OE1 1 
ATOM   216  O  OE2 . GLU A 1 32  ? -3.571  14.034  -6.999  1.00 38.74 ? 32  GLU A OE2 1 
ATOM   217  N  N   . ALA A 1 33  ? -0.988  9.729   -9.349  1.00 26.51 ? 33  ALA A N   1 
ATOM   218  C  CA  . ALA A 1 33  ? 0.467   9.590   -9.404  1.00 24.29 ? 33  ALA A CA  1 
ATOM   219  C  C   . ALA A 1 33  ? 0.910   9.020   -10.740 1.00 23.39 ? 33  ALA A C   1 
ATOM   220  O  O   . ALA A 1 33  ? 1.911   9.498   -11.289 1.00 26.58 ? 33  ALA A O   1 
ATOM   221  C  CB  . ALA A 1 33  ? 1.052   8.773   -8.281  1.00 23.77 ? 33  ALA A CB  1 
ATOM   222  N  N   . ALA A 1 34  ? 0.238   7.986   -11.236 1.00 22.94 ? 34  ALA A N   1 
ATOM   223  C  CA  . ALA A 1 34  ? 0.628   7.394   -12.506 1.00 22.60 ? 34  ALA A CA  1 
ATOM   224  C  C   . ALA A 1 34  ? 0.521   8.446   -13.603 1.00 24.07 ? 34  ALA A C   1 
ATOM   225  O  O   . ALA A 1 34  ? 1.457   8.688   -14.356 1.00 23.15 ? 34  ALA A O   1 
ATOM   226  C  CB  . ALA A 1 34  ? -0.171  6.126   -12.766 1.00 24.72 ? 34  ALA A CB  1 
ATOM   227  N  N   . GLU A 1 35  ? -0.632  9.104   -13.637 1.00 27.46 ? 35  GLU A N   1 
ATOM   228  C  CA  . GLU A 1 35  ? -0.917  10.175  -14.583 1.00 29.29 ? 35  GLU A CA  1 
ATOM   229  C  C   . GLU A 1 35  ? 0.127   11.269  -14.570 1.00 27.26 ? 35  GLU A C   1 
ATOM   230  O  O   . GLU A 1 35  ? 0.705   11.626  -15.597 1.00 29.01 ? 35  GLU A O   1 
ATOM   231  C  CB  . GLU A 1 35  ? -2.241  10.861  -14.196 1.00 34.83 ? 35  GLU A CB  1 
ATOM   232  C  CG  . GLU A 1 35  ? -3.432  9.936   -14.121 1.00 39.61 ? 35  GLU A CG  1 
ATOM   233  C  CD  . GLU A 1 35  ? -4.767  10.650  -14.012 1.00 43.19 ? 35  GLU A CD  1 
ATOM   234  O  OE1 . GLU A 1 35  ? -4.909  11.752  -13.439 1.00 45.26 ? 35  GLU A OE1 1 
ATOM   235  O  OE2 . GLU A 1 35  ? -5.725  10.039  -14.548 1.00 45.30 ? 35  GLU A OE2 1 
ATOM   236  N  N   . LYS A 1 36  ? 0.364   11.869  -13.411 1.00 26.01 ? 36  LYS A N   1 
ATOM   237  C  CA  . LYS A 1 36  ? 1.270   13.031  -13.369 1.00 26.39 ? 36  LYS A CA  1 
ATOM   238  C  C   . LYS A 1 36  ? 2.740   12.713  -13.403 1.00 24.52 ? 36  LYS A C   1 
ATOM   239  O  O   . LYS A 1 36  ? 3.577   13.574  -13.743 1.00 24.92 ? 36  LYS A O   1 
ATOM   240  C  CB  . LYS A 1 36  ? 0.877   13.861  -12.144 1.00 27.49 ? 36  LYS A CB  1 
ATOM   241  C  CG  . LYS A 1 36  ? -0.468  14.603  -12.472 1.00 27.55 ? 36  LYS A CG  1 
ATOM   242  C  CD  . LYS A 1 36  ? -0.517  15.782  -11.516 1.00 30.48 ? 36  LYS A CD  1 
ATOM   243  C  CE  . LYS A 1 36  ? -1.889  16.452  -11.513 1.00 30.87 ? 36  LYS A CE  1 
ATOM   244  N  NZ  . LYS A 1 36  ? -2.343  16.696  -12.914 1.00 33.49 ? 36  LYS A NZ  1 
ATOM   245  N  N   . LEU A 1 37  ? 3.125   11.478  -13.091 1.00 25.32 ? 37  LEU A N   1 
ATOM   246  C  CA  . LEU A 1 37  ? 4.514   11.045  -13.126 1.00 21.45 ? 37  LEU A CA  1 
ATOM   247  C  C   . LEU A 1 37  ? 4.813   10.297  -14.426 1.00 22.52 ? 37  LEU A C   1 
ATOM   248  O  O   . LEU A 1 37  ? 5.954   9.998   -14.725 1.00 20.47 ? 37  LEU A O   1 
ATOM   249  C  CB  . LEU A 1 37  ? 4.863   10.143  -11.927 1.00 23.85 ? 37  LEU A CB  1 
ATOM   250  C  CG  . LEU A 1 37  ? 4.923   10.855  -10.566 1.00 22.68 ? 37  LEU A CG  1 
ATOM   251  C  CD1 . LEU A 1 37  ? 5.114   9.802   -9.485  1.00 22.92 ? 37  LEU A CD1 1 
ATOM   252  C  CD2 . LEU A 1 37  ? 6.055   11.858  -10.535 1.00 22.07 ? 37  LEU A CD2 1 
ATOM   253  N  N   . GLY A 1 38  ? 3.795   10.030  -15.230 1.00 24.15 ? 38  GLY A N   1 
ATOM   254  C  CA  . GLY A 1 38  ? 3.975   9.313   -16.498 1.00 23.05 ? 38  GLY A CA  1 
ATOM   255  C  C   . GLY A 1 38  ? 4.551   7.929   -16.271 1.00 24.50 ? 38  GLY A C   1 
ATOM   256  O  O   . GLY A 1 38  ? 5.495   7.540   -16.919 1.00 25.77 ? 38  GLY A O   1 
ATOM   257  N  N   . ILE A 1 39  ? 3.978   7.237   -15.285 1.00 24.32 ? 39  ILE A N   1 
ATOM   258  C  CA  . ILE A 1 39  ? 4.359   5.883   -14.901 1.00 28.07 ? 39  ILE A CA  1 
ATOM   259  C  C   . ILE A 1 39  ? 3.403   4.887   -15.506 1.00 28.77 ? 39  ILE A C   1 
ATOM   260  O  O   . ILE A 1 39  ? 2.207   5.183   -15.636 1.00 28.86 ? 39  ILE A O   1 
ATOM   261  C  CB  . ILE A 1 39  ? 4.240   5.880   -13.332 1.00 28.51 ? 39  ILE A CB  1 
ATOM   262  C  CG1 . ILE A 1 39  ? 5.343   6.763   -12.751 1.00 31.00 ? 39  ILE A CG1 1 
ATOM   263  C  CG2 . ILE A 1 39  ? 4.274   4.528   -12.694 1.00 28.58 ? 39  ILE A CG2 1 
ATOM   264  C  CD1 . ILE A 1 39  ? 6.703   6.671   -13.406 1.00 30.45 ? 39  ILE A CD1 1 
ATOM   265  N  N   . ASP A 1 40  ? 3.856   3.693   -15.872 1.00 30.80 ? 40  ASP A N   1 
ATOM   266  C  CA  . ASP A 1 40  ? 2.859   2.676   -16.271 1.00 32.09 ? 40  ASP A CA  1 
ATOM   267  C  C   . ASP A 1 40  ? 1.988   2.304   -15.083 1.00 29.20 ? 40  ASP A C   1 
ATOM   268  O  O   . ASP A 1 40  ? 2.474   2.098   -13.970 1.00 26.24 ? 40  ASP A O   1 
ATOM   269  C  CB  . ASP A 1 40  ? 3.571   1.507   -16.885 1.00 37.62 ? 40  ASP A CB  1 
ATOM   270  C  CG  . ASP A 1 40  ? 4.965   1.107   -16.544 1.00 42.29 ? 40  ASP A CG  1 
ATOM   271  O  OD1 . ASP A 1 40  ? 5.160   -0.152  -16.474 1.00 46.03 ? 40  ASP A OD1 1 
ATOM   272  O  OD2 . ASP A 1 40  ? 5.900   1.936   -16.383 1.00 44.28 ? 40  ASP A OD2 1 
ATOM   273  N  N   . PRO A 1 41  ? 0.687   2.213   -15.278 1.00 28.88 ? 41  PRO A N   1 
ATOM   274  C  CA  . PRO A 1 41  ? -0.262  1.984   -14.195 1.00 28.54 ? 41  PRO A CA  1 
ATOM   275  C  C   . PRO A 1 41  ? -0.026  0.671   -13.476 1.00 27.28 ? 41  PRO A C   1 
ATOM   276  O  O   . PRO A 1 41  ? -0.329  0.548   -12.270 1.00 27.05 ? 41  PRO A O   1 
ATOM   277  C  CB  . PRO A 1 41  ? -1.636  2.050   -14.858 1.00 29.82 ? 41  PRO A CB  1 
ATOM   278  C  CG  . PRO A 1 41  ? -1.418  2.643   -16.198 1.00 29.16 ? 41  PRO A CG  1 
ATOM   279  C  CD  . PRO A 1 41  ? -0.006  2.265   -16.603 1.00 29.97 ? 41  PRO A CD  1 
ATOM   280  N  N   . ASN A 1 42  ? 0.557   -0.317  -14.173 1.00 27.40 ? 42  ASN A N   1 
ATOM   281  C  CA  . ASN A 1 42  ? 0.806   -1.626  -13.577 1.00 26.91 ? 42  ASN A CA  1 
ATOM   282  C  C   . ASN A 1 42  ? 1.866   -1.548  -12.450 1.00 23.90 ? 42  ASN A C   1 
ATOM   283  O  O   . ASN A 1 42  ? 2.114   -2.550  -11.754 1.00 24.08 ? 42  ASN A O   1 
ATOM   284  C  CB  . ASN A 1 42  ? 1.375   -2.658  -14.526 1.00 30.91 ? 42  ASN A CB  1 
ATOM   285  C  CG  . ASN A 1 42  ? 0.913   -2.991  -15.895 1.00 35.78 ? 42  ASN A CG  1 
ATOM   286  O  OD1 . ASN A 1 42  ? -0.260  -2.776  -16.240 1.00 38.11 ? 42  ASN A OD1 1 
ATOM   287  N  ND2 . ASN A 1 42  ? 1.867   -3.492  -16.722 1.00 36.69 ? 42  ASN A ND2 1 
ATOM   288  N  N   . ARG A 1 43  ? 2.708   -0.525  -12.513 1.00 21.68 ? 43  ARG A N   1 
ATOM   289  C  CA  . ARG A 1 43  ? 3.751   -0.270  -11.585 1.00 20.19 ? 43  ARG A CA  1 
ATOM   290  C  C   . ARG A 1 43  ? 3.407   0.710   -10.463 1.00 18.78 ? 43  ARG A C   1 
ATOM   291  O  O   . ARG A 1 43  ? 4.312   0.928   -9.654  1.00 17.90 ? 43  ARG A O   1 
ATOM   292  C  CB  . ARG A 1 43  ? 4.919   0.369   -12.398 1.00 23.59 ? 43  ARG A CB  1 
ATOM   293  C  CG  . ARG A 1 43  ? 6.023   -0.624  -12.705 1.00 25.63 ? 43  ARG A CG  1 
ATOM   294  C  CD  . ARG A 1 43  ? 7.087   0.113   -13.532 1.00 27.95 ? 43  ARG A CD  1 
ATOM   295  N  NE  . ARG A 1 43  ? 8.378   0.188   -12.885 1.00 29.59 ? 43  ARG A NE  1 
ATOM   296  C  CZ  . ARG A 1 43  ? 9.295   1.118   -13.123 1.00 33.43 ? 43  ARG A CZ  1 
ATOM   297  N  NH1 . ARG A 1 43  ? 9.066   2.135   -13.968 1.00 34.18 ? 43  ARG A NH1 1 
ATOM   298  N  NH2 . ARG A 1 43  ? 10.480  1.062   -12.507 1.00 34.65 ? 43  ARG A NH2 1 
ATOM   299  N  N   . SER A 1 44  ? 2.237   1.323   -10.511 1.00 19.31 ? 44  SER A N   1 
ATOM   300  C  CA  . SER A 1 44  ? 1.771   2.256   -9.507  1.00 18.78 ? 44  SER A CA  1 
ATOM   301  C  C   . SER A 1 44  ? 0.794   1.566   -8.540  1.00 19.12 ? 44  SER A C   1 
ATOM   302  O  O   . SER A 1 44  ? -0.235  1.103   -9.005  1.00 19.28 ? 44  SER A O   1 
ATOM   303  C  CB  . SER A 1 44  ? 1.117   3.436   -10.220 1.00 21.07 ? 44  SER A CB  1 
ATOM   304  O  OG  . SER A 1 44  ? 0.675   4.418   -9.270  1.00 25.14 ? 44  SER A OG  1 
ATOM   305  N  N   . PHE A 1 45  ? 1.186   1.472   -7.270  1.00 18.26 ? 45  PHE A N   1 
ATOM   306  C  CA  . PHE A 1 45  ? 0.446   0.642   -6.319  1.00 19.52 ? 45  PHE A CA  1 
ATOM   307  C  C   . PHE A 1 45  ? -0.270  1.541   -5.317  1.00 18.22 ? 45  PHE A C   1 
ATOM   308  O  O   . PHE A 1 45  ? 0.282   2.547   -4.832  1.00 21.37 ? 45  PHE A O   1 
ATOM   309  C  CB  . PHE A 1 45  ? 1.408   -0.342  -5.643  1.00 18.18 ? 45  PHE A CB  1 
ATOM   310  C  CG  . PHE A 1 45  ? 1.780   -1.521  -6.501  1.00 17.74 ? 45  PHE A CG  1 
ATOM   311  C  CD1 . PHE A 1 45  ? 2.577   -1.370  -7.624  1.00 18.59 ? 45  PHE A CD1 1 
ATOM   312  C  CD2 . PHE A 1 45  ? 1.339   -2.797  -6.160  1.00 19.12 ? 45  PHE A CD2 1 
ATOM   313  C  CE1 . PHE A 1 45  ? 2.878   -2.480  -8.432  1.00 19.92 ? 45  PHE A CE1 1 
ATOM   314  C  CE2 . PHE A 1 45  ? 1.655   -3.914  -6.916  1.00 19.74 ? 45  PHE A CE2 1 
ATOM   315  C  CZ  . PHE A 1 45  ? 2.441   -3.736  -8.058  1.00 18.22 ? 45  PHE A CZ  1 
ATOM   316  N  N   . LYS A 1 46  ? -1.492  1.167   -4.957  1.00 18.33 ? 46  LYS A N   1 
ATOM   317  C  CA  . LYS A 1 46  ? -2.241  1.727   -3.870  1.00 16.72 ? 46  LYS A CA  1 
ATOM   318  C  C   . LYS A 1 46  ? -2.181  0.771   -2.660  1.00 16.34 ? 46  LYS A C   1 
ATOM   319  O  O   . LYS A 1 46  ? -1.898  -0.430  -2.789  1.00 15.04 ? 46  LYS A O   1 
ATOM   320  C  CB  . LYS A 1 46  ? -3.741  1.915   -4.209  1.00 18.88 ? 46  LYS A CB  1 
ATOM   321  C  CG  . LYS A 1 46  ? -4.425  0.620   -4.664  1.00 20.40 ? 46  LYS A CG  1 
ATOM   322  C  CD  . LYS A 1 46  ? -5.906  0.871   -5.094  1.00 22.62 ? 46  LYS A CD  1 
ATOM   323  C  CE  . LYS A 1 46  ? -6.424  -0.403  -5.768  1.00 23.89 ? 46  LYS A CE  1 
ATOM   324  N  NZ  . LYS A 1 46  ? -7.820  -0.170  -6.324  1.00 28.31 ? 46  LYS A NZ  1 
ATOM   325  N  N   . THR A 1 47  ? -2.499  1.338   -1.488  1.00 15.36 ? 47  THR A N   1 
ATOM   326  C  CA  . THR A 1 47  ? -2.602  0.580   -0.254  1.00 16.16 ? 47  THR A CA  1 
ATOM   327  C  C   . THR A 1 47  ? -4.006  0.675   0.329   1.00 17.33 ? 47  THR A C   1 
ATOM   328  O  O   . THR A 1 47  ? -4.560  1.793   0.457   1.00 19.72 ? 47  THR A O   1 
ATOM   329  C  CB  . THR A 1 47  ? -1.512  1.095   0.713   1.00 18.30 ? 47  THR A CB  1 
ATOM   330  O  OG1 . THR A 1 47  ? -0.218  0.967   0.069   1.00 18.76 ? 47  THR A OG1 1 
ATOM   331  C  CG2 . THR A 1 47  ? -1.515  0.355   2.030   1.00 18.52 ? 47  THR A CG2 1 
ATOM   332  N  N   . LEU A 1 48  ? -4.655  -0.445  0.523   1.00 18.63 ? 48  LEU A N   1 
ATOM   333  C  CA  . LEU A 1 48  ? -6.033  -0.551  1.046   1.00 16.22 ? 48  LEU A CA  1 
ATOM   334  C  C   . LEU A 1 48  ? -6.012  -1.329  2.345   1.00 17.94 ? 48  LEU A C   1 
ATOM   335  O  O   . LEU A 1 48  ? -5.205  -2.261  2.514   1.00 20.19 ? 48  LEU A O   1 
ATOM   336  C  CB  . LEU A 1 48  ? -6.974  -1.184  0.011   1.00 16.69 ? 48  LEU A CB  1 
ATOM   337  C  CG  . LEU A 1 48  ? -7.094  -0.426  -1.360  1.00 18.21 ? 48  LEU A CG  1 
ATOM   338  C  CD1 . LEU A 1 48  ? -8.062  -1.162  -2.232  1.00 19.68 ? 48  LEU A CD1 1 
ATOM   339  C  CD2 . LEU A 1 48  ? -7.482  1.020   -1.108  1.00 21.79 ? 48  LEU A CD2 1 
ATOM   340  N  N   . LEU A 1 49  ? -6.813  -0.975  3.361   1.00 18.51 ? 49  LEU A N   1 
ATOM   341  C  CA  . LEU A 1 49  ? -6.902  -1.812  4.564   1.00 20.55 ? 49  LEU A CA  1 
ATOM   342  C  C   . LEU A 1 49  ? -8.231  -2.544  4.599   1.00 19.52 ? 49  LEU A C   1 
ATOM   343  O  O   . LEU A 1 49  ? -9.215  -2.115  4.025   1.00 21.00 ? 49  LEU A O   1 
ATOM   344  C  CB  . LEU A 1 49  ? -6.701  -0.999  5.816   1.00 23.99 ? 49  LEU A CB  1 
ATOM   345  C  CG  . LEU A 1 49  ? -5.329  -0.706  6.430   1.00 25.70 ? 49  LEU A CG  1 
ATOM   346  C  CD1 . LEU A 1 49  ? -5.489  0.337   7.541   1.00 29.21 ? 49  LEU A CD1 1 
ATOM   347  C  CD2 . LEU A 1 49  ? -4.875  -1.932  7.167   1.00 31.40 ? 49  LEU A CD2 1 
ATOM   348  N  N   . VAL A 1 50  ? -8.282  -3.706  5.252   1.00 19.96 ? 50  VAL A N   1 
ATOM   349  C  CA  . VAL A 1 50  ? -9.488  -4.480  5.418   1.00 19.11 ? 50  VAL A CA  1 
ATOM   350  C  C   . VAL A 1 50  ? -9.608  -4.912  6.893   1.00 17.65 ? 50  VAL A C   1 
ATOM   351  O  O   . VAL A 1 50  ? -8.638  -4.793  7.623   1.00 18.24 ? 50  VAL A O   1 
ATOM   352  C  CB  . VAL A 1 50  ? -9.584  -5.762  4.557   1.00 18.05 ? 50  VAL A CB  1 
ATOM   353  C  CG1 . VAL A 1 50  ? -9.449  -5.423  3.069   1.00 17.15 ? 50  VAL A CG1 1 
ATOM   354  C  CG2 . VAL A 1 50  ? -8.518  -6.750  5.010   1.00 16.90 ? 50  VAL A CG2 1 
ATOM   355  N  N   . ALA A 1 51  ? -10.822 -5.265  7.278   1.00 18.88 ? 51  ALA A N   1 
ATOM   356  C  CA  . ALA A 1 51  ? -11.055 -5.742  8.661   1.00 17.37 ? 51  ALA A CA  1 
ATOM   357  C  C   . ALA A 1 51  ? -11.284 -7.247  8.659   1.00 17.84 ? 51  ALA A C   1 
ATOM   358  O  O   . ALA A 1 51  ? -12.163 -7.821  7.994   1.00 16.83 ? 51  ALA A O   1 
ATOM   359  C  CB  . ALA A 1 51  ? -12.193 -5.014  9.318   1.00 19.96 ? 51  ALA A CB  1 
ATOM   360  N  N   . GLU A 1 52  ? -10.461 -7.879  9.477   1.00 18.48 ? 52  GLU A N   1 
ATOM   361  C  CA  . GLU A 1 52  ? -10.542 -9.358  9.581   1.00 20.43 ? 52  GLU A CA  1 
ATOM   362  C  C   . GLU A 1 52  ? -11.862 -9.808  10.175  1.00 21.79 ? 52  GLU A C   1 
ATOM   363  O  O   . GLU A 1 52  ? -12.208 -9.542  11.347  1.00 23.20 ? 52  GLU A O   1 
ATOM   364  C  CB  . GLU A 1 52  ? -9.320  -9.859  10.350  1.00 19.41 ? 52  GLU A CB  1 
ATOM   365  C  CG  . GLU A 1 52  ? -7.958  -9.586  9.732   1.00 19.91 ? 52  GLU A CG  1 
ATOM   366  C  CD  . GLU A 1 52  ? -6.783  -10.070 10.560  1.00 21.44 ? 52  GLU A CD  1 
ATOM   367  O  OE1 . GLU A 1 52  ? -6.956  -10.568 11.712  1.00 23.34 ? 52  GLU A OE1 1 
ATOM   368  O  OE2 . GLU A 1 52  ? -5.633  -9.990  10.090  1.00 24.59 ? 52  GLU A OE2 1 
ATOM   369  N  N   . ASN A 1 53  ? -12.586 -10.686 9.462   1.00 20.53 ? 53  ASN A N   1 
ATOM   370  C  CA  . ASN A 1 53  ? -13.944 -11.045 9.877   1.00 22.87 ? 53  ASN A CA  1 
ATOM   371  C  C   . ASN A 1 53  ? -14.813 -9.851  10.202  1.00 24.32 ? 53  ASN A C   1 
ATOM   372  O  O   . ASN A 1 53  ? -15.791 -9.997  10.957  1.00 24.01 ? 53  ASN A O   1 
ATOM   373  C  CB  . ASN A 1 53  ? -13.914 -12.065 11.046  1.00 22.65 ? 53  ASN A CB  1 
ATOM   374  C  CG  . ASN A 1 53  ? -13.135 -13.303 10.664  1.00 23.81 ? 53  ASN A CG  1 
ATOM   375  O  OD1 . ASN A 1 53  ? -13.538 -13.895 9.642   1.00 25.30 ? 53  ASN A OD1 1 
ATOM   376  N  ND2 . ASN A 1 53  ? -12.054 -13.645 11.344  1.00 23.59 ? 53  ASN A ND2 1 
ATOM   377  N  N   . GLY A 1 54  ? -14.611 -8.674  9.600   1.00 23.48 ? 54  GLY A N   1 
ATOM   378  C  CA  . GLY A 1 54  ? -15.482 -7.535  9.853   1.00 25.40 ? 54  GLY A CA  1 
ATOM   379  C  C   . GLY A 1 54  ? -15.186 -6.856  11.178  1.00 26.44 ? 54  GLY A C   1 
ATOM   380  O  O   . GLY A 1 54  ? -15.853 -5.856  11.500  1.00 31.22 ? 54  GLY A O   1 
ATOM   381  N  N   . ASP A 1 55  ? -14.130 -7.254  11.874  1.00 26.67 ? 55  ASP A N   1 
ATOM   382  C  CA  . ASP A 1 55  ? -13.695 -6.652  13.117  1.00 26.27 ? 55  ASP A CA  1 
ATOM   383  C  C   . ASP A 1 55  ? -12.764 -5.477  12.775  1.00 28.17 ? 55  ASP A C   1 
ATOM   384  O  O   . ASP A 1 55  ? -11.616 -5.669  12.354  1.00 26.44 ? 55  ASP A O   1 
ATOM   385  C  CB  . ASP A 1 55  ? -12.960 -7.612  14.053  1.00 27.33 ? 55  ASP A CB  1 
ATOM   386  C  CG  . ASP A 1 55  ? -12.708 -7.029  15.448  1.00 28.29 ? 55  ASP A CG  1 
ATOM   387  O  OD1 . ASP A 1 55  ? -12.613 -5.796  15.601  1.00 28.61 ? 55  ASP A OD1 1 
ATOM   388  O  OD2 . ASP A 1 55  ? -12.596 -7.805  16.412  1.00 27.26 ? 55  ASP A OD2 1 
ATOM   389  N  N   . GLN A 1 56  ? -13.257 -4.291  13.069  1.00 28.08 ? 56  GLN A N   1 
ATOM   390  C  CA  . GLN A 1 56  ? -12.625 -3.043  12.647  1.00 31.23 ? 56  GLN A CA  1 
ATOM   391  C  C   . GLN A 1 56  ? -11.461 -2.599  13.500  1.00 30.84 ? 56  GLN A C   1 
ATOM   392  O  O   . GLN A 1 56  ? -10.825 -1.574  13.172  1.00 33.97 ? 56  GLN A O   1 
ATOM   393  C  CB  . GLN A 1 56  ? -13.712 -1.938  12.654  1.00 30.77 ? 56  GLN A CB  1 
ATOM   394  C  CG  . GLN A 1 56  ? -14.753 -2.094  11.579  1.00 31.01 ? 56  GLN A CG  1 
ATOM   395  C  CD  . GLN A 1 56  ? -14.182 -1.948  10.181  1.00 30.90 ? 56  GLN A CD  1 
ATOM   396  O  OE1 . GLN A 1 56  ? -13.158 -1.283  9.984   1.00 28.61 ? 56  GLN A OE1 1 
ATOM   397  N  NE2 . GLN A 1 56  ? -14.841 -2.587  9.218   1.00 30.83 ? 56  GLN A NE2 1 
ATOM   398  N  N   . LYS A 1 57  ? -11.143 -3.231  14.620  1.00 31.38 ? 57  LYS A N   1 
ATOM   399  C  CA  . LYS A 1 57  ? -9.803  -3.046  15.148  1.00 31.77 ? 57  LYS A CA  1 
ATOM   400  C  C   . LYS A 1 57  ? -8.884  -4.219  14.873  1.00 30.50 ? 57  LYS A C   1 
ATOM   401  O  O   . LYS A 1 57  ? -7.787  -4.158  15.442  1.00 30.22 ? 57  LYS A O   1 
ATOM   402  C  CB  . LYS A 1 57  ? -9.717  -2.759  16.637  1.00 36.12 ? 57  LYS A CB  1 
ATOM   403  C  CG  . LYS A 1 57  ? -10.589 -3.697  17.467  1.00 35.70 ? 57  LYS A CG  1 
ATOM   404  C  CD  . LYS A 1 57  ? -11.682 -2.795  18.055  1.00 37.59 ? 57  LYS A CD  1 
ATOM   405  C  CE  . LYS A 1 57  ? -11.972 -3.263  19.478  1.00 39.14 ? 57  LYS A CE  1 
ATOM   406  N  NZ  . LYS A 1 57  ? -13.021 -2.409  20.148  1.00 39.45 ? 57  LYS A NZ  1 
ATOM   407  N  N   . LYS A 1 58  ? -9.244  -5.168  13.998  1.00 28.33 ? 58  LYS A N   1 
ATOM   408  C  CA  . LYS A 1 58  ? -8.217  -6.099  13.528  1.00 26.33 ? 58  LYS A CA  1 
ATOM   409  C  C   . LYS A 1 58  ? -7.966  -5.915  12.013  1.00 24.70 ? 58  LYS A C   1 
ATOM   410  O  O   . LYS A 1 58  ? -8.514  -6.636  11.194  1.00 23.52 ? 58  LYS A O   1 
ATOM   411  C  CB  . LYS A 1 58  ? -8.528  -7.557  13.803  1.00 27.39 ? 58  LYS A CB  1 
ATOM   412  C  CG  . LYS A 1 58  ? -8.946  -7.793  15.252  1.00 27.75 ? 58  LYS A CG  1 
ATOM   413  C  CD  . LYS A 1 58  ? -9.280  -9.245  15.527  1.00 28.83 ? 58  LYS A CD  1 
ATOM   414  C  CE  . LYS A 1 58  ? -9.481  -9.377  17.066  1.00 27.94 ? 58  LYS A CE  1 
ATOM   415  N  NZ  . LYS A 1 58  ? -10.166 -10.680 17.315  1.00 27.31 ? 58  LYS A NZ  1 
ATOM   416  N  N   . LEU A 1 59  ? -7.126  -4.927  11.708  1.00 22.51 ? 59  LEU A N   1 
ATOM   417  C  CA  . LEU A 1 59  ? -6.968  -4.590  10.289  1.00 20.50 ? 59  LEU A CA  1 
ATOM   418  C  C   . LEU A 1 59  ? -5.781  -5.311  9.651   1.00 17.76 ? 59  LEU A C   1 
ATOM   419  O  O   . LEU A 1 59  ? -4.865  -5.724  10.342  1.00 16.37 ? 59  LEU A O   1 
ATOM   420  C  CB  . LEU A 1 59  ? -6.897  -3.078  10.096  1.00 21.31 ? 59  LEU A CB  1 
ATOM   421  C  CG  . LEU A 1 59  ? -8.154  -2.325  10.625  1.00 21.92 ? 59  LEU A CG  1 
ATOM   422  C  CD1 . LEU A 1 59  ? -7.973  -0.839  10.371  1.00 22.85 ? 59  LEU A CD1 1 
ATOM   423  C  CD2 . LEU A 1 59  ? -9.477  -2.800  10.043  1.00 20.00 ? 59  LEU A CD2 1 
ATOM   424  N  N   . ALA A 1 60  ? -5.813  -5.387  8.321   1.00 15.90 ? 60  ALA A N   1 
ATOM   425  C  CA  . ALA A 1 60  ? -4.696  -5.884  7.522   1.00 15.60 ? 60  ALA A CA  1 
ATOM   426  C  C   . ALA A 1 60  ? -4.538  -5.054  6.259   1.00 14.53 ? 60  ALA A C   1 
ATOM   427  O  O   . ALA A 1 60  ? -5.501  -4.481  5.723   1.00 15.65 ? 60  ALA A O   1 
ATOM   428  C  CB  . ALA A 1 60  ? -4.942  -7.338  7.109   1.00 15.22 ? 60  ALA A CB  1 
ATOM   429  N  N   . CYS A 1 61  ? -3.328  -5.066  5.718   1.00 15.02 ? 61  CYS A N   1 
ATOM   430  C  CA  . CYS A 1 61  ? -2.979  -4.111  4.699   1.00 15.50 ? 61  CYS A CA  1 
ATOM   431  C  C   . CYS A 1 61  ? -2.623  -4.776  3.380   1.00 15.07 ? 61  CYS A C   1 
ATOM   432  O  O   . CYS A 1 61  ? -1.967  -5.830  3.505   1.00 14.49 ? 61  CYS A O   1 
ATOM   433  C  CB  A CYS A 1 61  ? -1.803  -3.352  5.314   0.50 13.35 ? 61  CYS A CB  1 
ATOM   434  C  CB  B CYS A 1 61  ? -1.736  -3.331  5.129   0.50 17.56 ? 61  CYS A CB  1 
ATOM   435  S  SG  A CYS A 1 61  ? -1.106  -2.181  4.158   0.50 9.99  ? 61  CYS A SG  1 
ATOM   436  S  SG  B CYS A 1 61  ? -2.101  -1.706  5.793   0.50 22.86 ? 61  CYS A SG  1 
ATOM   437  N  N   . PHE A 1 62  ? -3.179  -4.291  2.302   1.00 14.01 ? 62  PHE A N   1 
ATOM   438  C  CA  . PHE A 1 62  ? -3.032  -4.872  0.971   1.00 14.43 ? 62  PHE A CA  1 
ATOM   439  C  C   . PHE A 1 62  ? -2.547  -3.798  -0.006  1.00 16.50 ? 62  PHE A C   1 
ATOM   440  O  O   . PHE A 1 62  ? -2.951  -2.629  -0.074  1.00 16.65 ? 62  PHE A O   1 
ATOM   441  C  CB  . PHE A 1 62  ? -4.360  -5.500  0.456   1.00 15.61 ? 62  PHE A CB  1 
ATOM   442  C  CG  . PHE A 1 62  ? -4.666  -6.735  1.278   1.00 16.32 ? 62  PHE A CG  1 
ATOM   443  C  CD1 . PHE A 1 62  ? -5.347  -6.579  2.482   1.00 19.27 ? 62  PHE A CD1 1 
ATOM   444  C  CD2 . PHE A 1 62  ? -4.226  -7.990  0.909   1.00 16.71 ? 62  PHE A CD2 1 
ATOM   445  C  CE1 . PHE A 1 62  ? -5.623  -7.691  3.287   1.00 17.63 ? 62  PHE A CE1 1 
ATOM   446  C  CE2 . PHE A 1 62  ? -4.463  -9.102  1.715   1.00 14.61 ? 62  PHE A CE2 1 
ATOM   447  C  CZ  . PHE A 1 62  ? -5.160  -8.941  2.907   1.00 16.68 ? 62  PHE A CZ  1 
ATOM   448  N  N   . VAL A 1 63  ? -1.514  -4.191  -0.753  1.00 15.61 ? 63  VAL A N   1 
ATOM   449  C  CA  . VAL A 1 63  ? -0.799  -3.317  -1.683  1.00 15.51 ? 63  VAL A CA  1 
ATOM   450  C  C   . VAL A 1 63  ? -1.010  -3.856  -3.090  1.00 17.54 ? 63  VAL A C   1 
ATOM   451  O  O   . VAL A 1 63  ? -0.559  -4.983  -3.358  1.00 18.69 ? 63  VAL A O   1 
ATOM   452  C  CB  . VAL A 1 63  ? 0.688   -3.236  -1.282  1.00 16.29 ? 63  VAL A CB  1 
ATOM   453  C  CG1 . VAL A 1 63  ? 1.490   -2.275  -2.155  1.00 17.24 ? 63  VAL A CG1 1 
ATOM   454  C  CG2 . VAL A 1 63  ? 0.885   -2.850  0.204   1.00 17.84 ? 63  VAL A CG2 1 
ATOM   455  N  N   . LEU A 1 64  ? -1.584  -3.085  -4.038  1.00 16.65 ? 64  LEU A N   1 
ATOM   456  C  CA  . LEU A 1 64  ? -1.981  -3.692  -5.315  1.00 17.20 ? 64  LEU A CA  1 
ATOM   457  C  C   . LEU A 1 64  ? -1.976  -2.580  -6.361  1.00 15.02 ? 64  LEU A C   1 
ATOM   458  O  O   . LEU A 1 64  ? -2.001  -1.412  -5.959  1.00 16.87 ? 64  LEU A O   1 
ATOM   459  C  CB  . LEU A 1 64  ? -3.338  -4.392  -5.321  1.00 16.65 ? 64  LEU A CB  1 
ATOM   460  C  CG  . LEU A 1 64  ? -4.579  -3.577  -4.934  1.00 18.70 ? 64  LEU A CG  1 
ATOM   461  C  CD1 . LEU A 1 64  ? -5.810  -4.219  -5.561  1.00 19.62 ? 64  LEU A CD1 1 
ATOM   462  C  CD2 . LEU A 1 64  ? -4.756  -3.450  -3.414  1.00 19.76 ? 64  LEU A CD2 1 
ATOM   463  N  N   . ALA A 1 65  ? -1.760  -2.930  -7.638  1.00 18.81 ? 65  ALA A N   1 
ATOM   464  C  CA  . ALA A 1 65  ? -1.840  -1.857  -8.662  1.00 21.14 ? 65  ALA A CA  1 
ATOM   465  C  C   . ALA A 1 65  ? -3.113  -1.054  -8.553  1.00 22.97 ? 65  ALA A C   1 
ATOM   466  O  O   . ALA A 1 65  ? -4.189  -1.564  -8.242  1.00 23.94 ? 65  ALA A O   1 
ATOM   467  C  CB  . ALA A 1 65  ? -1.667  -2.444  -10.057 1.00 21.00 ? 65  ALA A CB  1 
ATOM   468  N  N   . THR A 1 66  ? -3.038  0.270   -8.796  1.00 25.66 ? 66  THR A N   1 
ATOM   469  C  CA  . THR A 1 66  ? -4.164  1.185   -8.564  1.00 27.15 ? 66  THR A CA  1 
ATOM   470  C  C   . THR A 1 66  ? -5.403  0.889   -9.378  1.00 27.99 ? 66  THR A C   1 
ATOM   471  O  O   . THR A 1 66  ? -6.535  1.015   -8.876  1.00 29.83 ? 66  THR A O   1 
ATOM   472  C  CB  . THR A 1 66  ? -3.722  2.630   -8.834  1.00 29.15 ? 66  THR A CB  1 
ATOM   473  O  OG1 . THR A 1 66  ? -3.248  2.638   -10.214 1.00 32.49 ? 66  THR A OG1 1 
ATOM   474  C  CG2 . THR A 1 66  ? -2.576  3.008   -7.918  1.00 26.25 ? 66  THR A CG2 1 
ATOM   475  N  N   . ALA A 1 67  ? -5.223  0.395   -10.599 1.00 28.70 ? 67  ALA A N   1 
ATOM   476  C  CA  . ALA A 1 67  ? -6.373  0.017   -11.406 1.00 30.41 ? 67  ALA A CA  1 
ATOM   477  C  C   . ALA A 1 67  ? -6.909  -1.370  -11.070 1.00 31.45 ? 67  ALA A C   1 
ATOM   478  O  O   . ALA A 1 67  ? -8.101  -1.587  -11.369 1.00 32.44 ? 67  ALA A O   1 
ATOM   479  C  CB  . ALA A 1 67  ? -6.013  0.171   -12.886 1.00 32.83 ? 67  ALA A CB  1 
ATOM   480  N  N   . ASN A 1 68  ? -6.137  -2.266  -10.475 1.00 27.39 ? 68  ASN A N   1 
ATOM   481  C  CA  . ASN A 1 68  ? -6.655  -3.575  -10.050 1.00 28.20 ? 68  ASN A CA  1 
ATOM   482  C  C   . ASN A 1 68  ? -7.684  -3.367  -8.936  1.00 29.71 ? 68  ASN A C   1 
ATOM   483  O  O   . ASN A 1 68  ? -7.624  -2.340  -8.230  1.00 30.13 ? 68  ASN A O   1 
ATOM   484  C  CB  . ASN A 1 68  ? -5.580  -4.522  -9.577  1.00 29.76 ? 68  ASN A CB  1 
ATOM   485  C  CG  . ASN A 1 68  ? -4.726  -5.296  -10.540 1.00 31.22 ? 68  ASN A CG  1 
ATOM   486  O  OD1 . ASN A 1 68  ? -5.199  -5.987  -11.455 1.00 35.44 ? 68  ASN A OD1 1 
ATOM   487  N  ND2 . ASN A 1 68  ? -3.406  -5.319  -10.389 1.00 31.66 ? 68  ASN A ND2 1 
HETATM 488  N  N   . MSE A 1 69  ? -8.634  -4.291  -8.841  1.00 27.78 ? 69  MSE A N   1 
HETATM 489  C  CA  . MSE A 1 69  ? -9.599  -4.329  -7.750  1.00 29.69 ? 69  MSE A CA  1 
HETATM 490  C  C   . MSE A 1 69  ? -9.120  -5.392  -6.753  1.00 27.63 ? 69  MSE A C   1 
HETATM 491  O  O   . MSE A 1 69  ? -8.576  -6.449  -7.105  1.00 25.18 ? 69  MSE A O   1 
HETATM 492  C  CB  A MSE A 1 69  ? -10.937 -4.644  -8.383  0.50 33.56 ? 69  MSE A CB  1 
HETATM 493  C  CB  B MSE A 1 69  ? -11.009 -4.466  -8.278  0.50 30.16 ? 69  MSE A CB  1 
HETATM 494  C  CG  A MSE A 1 69  ? -12.066 -4.971  -7.509  0.50 37.82 ? 69  MSE A CG  1 
HETATM 495  C  CG  B MSE A 1 69  ? -11.643 -3.185  -8.652  0.50 31.31 ? 69  MSE A CG  1 
HETATM 496  SE SE  A MSE A 1 69  ? -13.808 -5.186  -8.418  0.50 45.07 ? 69  MSE A SE  1 
HETATM 497  SE SE  B MSE A 1 69  ? -13.493 -3.274  -9.321  0.50 35.33 ? 69  MSE A SE  1 
HETATM 498  C  CE  A MSE A 1 69  ? -14.541 -3.465  -8.077  0.50 43.05 ? 69  MSE A CE  1 
HETATM 499  C  CE  B MSE A 1 69  ? -13.419 -4.894  -10.312 0.50 30.91 ? 69  MSE A CE  1 
ATOM   500  N  N   . LEU A 1 70  ? -9.234  -5.060  -5.454  1.00 23.70 ? 70  LEU A N   1 
ATOM   501  C  CA  . LEU A 1 70  ? -8.893  -6.049  -4.413  1.00 23.31 ? 70  LEU A CA  1 
ATOM   502  C  C   . LEU A 1 70  ? -9.984  -7.117  -4.364  1.00 22.61 ? 70  LEU A C   1 
ATOM   503  O  O   . LEU A 1 70  ? -11.190 -6.817  -4.275  1.00 23.02 ? 70  LEU A O   1 
ATOM   504  C  CB  . LEU A 1 70  ? -8.817  -5.319  -3.069  1.00 20.79 ? 70  LEU A CB  1 
ATOM   505  C  CG  . LEU A 1 70  ? -8.329  -6.138  -1.860  1.00 20.14 ? 70  LEU A CG  1 
ATOM   506  C  CD1 . LEU A 1 70  ? -6.892  -6.666  -2.103  1.00 20.89 ? 70  LEU A CD1 1 
ATOM   507  C  CD2 . LEU A 1 70  ? -8.372  -5.282  -0.610  1.00 20.68 ? 70  LEU A CD2 1 
ATOM   508  N  N   . ASN A 1 71  ? -9.576  -8.374  -4.423  1.00 21.23 ? 71  ASN A N   1 
ATOM   509  C  CA  . ASN A 1 71  ? -10.472 -9.512  -4.321  1.00 21.03 ? 71  ASN A CA  1 
ATOM   510  C  C   . ASN A 1 71  ? -10.509 -9.959  -2.868  1.00 20.28 ? 71  ASN A C   1 
ATOM   511  O  O   . ASN A 1 71  ? -9.523  -10.569 -2.412  1.00 20.60 ? 71  ASN A O   1 
ATOM   512  C  CB  . ASN A 1 71  ? -9.986  -10.659 -5.232  1.00 22.28 ? 71  ASN A CB  1 
ATOM   513  C  CG  . ASN A 1 71  ? -10.925 -11.850 -5.192  1.00 25.55 ? 71  ASN A CG  1 
ATOM   514  O  OD1 . ASN A 1 71  ? -11.033 -12.506 -4.157  1.00 25.02 ? 71  ASN A OD1 1 
ATOM   515  N  ND2 . ASN A 1 71  ? -11.640 -12.185 -6.261  1.00 27.14 ? 71  ASN A ND2 1 
ATOM   516  N  N   . LEU A 1 72  ? -11.615 -9.660  -2.164  1.00 20.73 ? 72  LEU A N   1 
ATOM   517  C  CA  . LEU A 1 72  ? -11.626 -9.985  -0.709  1.00 20.29 ? 72  LEU A CA  1 
ATOM   518  C  C   . LEU A 1 72  ? -11.551 -11.453 -0.405  1.00 20.53 ? 72  LEU A C   1 
ATOM   519  O  O   . LEU A 1 72  ? -10.995 -11.797 0.682   1.00 20.65 ? 72  LEU A O   1 
ATOM   520  C  CB  . LEU A 1 72  ? -12.857 -9.315  -0.034  1.00 19.81 ? 72  LEU A CB  1 
ATOM   521  C  CG  . LEU A 1 72  ? -13.049 -7.817  -0.234  1.00 20.00 ? 72  LEU A CG  1 
ATOM   522  C  CD1 . LEU A 1 72  ? -14.333 -7.277  0.431   1.00 19.74 ? 72  LEU A CD1 1 
ATOM   523  C  CD2 . LEU A 1 72  ? -11.872 -6.994  0.283   1.00 20.99 ? 72  LEU A CD2 1 
ATOM   524  N  N   . LYS A 1 73  ? -11.994 -12.414 -1.239  1.00 19.08 ? 73  LYS A N   1 
ATOM   525  C  CA  . LYS A 1 73  ? -11.810 -13.805 -0.950  1.00 21.51 ? 73  LYS A CA  1 
ATOM   526  C  C   . LYS A 1 73  ? -10.323 -14.199 -0.937  1.00 19.73 ? 73  LYS A C   1 
ATOM   527  O  O   . LYS A 1 73  ? -9.860  -14.933 -0.069  1.00 20.70 ? 73  LYS A O   1 
ATOM   528  C  CB  . LYS A 1 73  ? -12.559 -14.754 -1.935  1.00 22.51 ? 73  LYS A CB  1 
ATOM   529  C  CG  . LYS A 1 73  ? -14.010 -14.961 -1.517  1.00 28.13 ? 73  LYS A CG  1 
ATOM   530  C  CD  . LYS A 1 73  ? -14.749 -15.936 -2.457  1.00 32.79 ? 73  LYS A CD  1 
ATOM   531  C  CE  . LYS A 1 73  ? -16.019 -16.443 -1.802  1.00 35.02 ? 73  LYS A CE  1 
ATOM   532  N  NZ  . LYS A 1 73  ? -17.213 -16.565 -2.705  1.00 38.62 ? 73  LYS A NZ  1 
ATOM   533  N  N   . LYS A 1 74  ? -9.646  -13.786 -2.014  1.00 20.88 ? 74  LYS A N   1 
ATOM   534  C  CA  . LYS A 1 74  ? -8.171  -13.984 -2.062  1.00 19.75 ? 74  LYS A CA  1 
ATOM   535  C  C   . LYS A 1 74  ? -7.441  -13.316 -0.917  1.00 19.00 ? 74  LYS A C   1 
ATOM   536  O  O   . LYS A 1 74  ? -6.494  -13.903 -0.381  1.00 17.39 ? 74  LYS A O   1 
ATOM   537  C  CB  . LYS A 1 74  ? -7.667  -13.528 -3.418  1.00 20.01 ? 74  LYS A CB  1 
ATOM   538  C  CG  . LYS A 1 74  ? -8.104  -14.339 -4.627  1.00 21.56 ? 74  LYS A CG  1 
ATOM   539  C  CD  . LYS A 1 74  ? -7.495  -13.714 -5.884  1.00 24.17 ? 74  LYS A CD  1 
ATOM   540  C  CE  . LYS A 1 74  ? -7.880  -14.473 -7.154  1.00 24.98 ? 74  LYS A CE  1 
ATOM   541  N  NZ  . LYS A 1 74  ? -7.376  -13.762 -8.388  1.00 25.02 ? 74  LYS A NZ  1 
ATOM   542  N  N   . ALA A 1 75  ? -7.816  -12.079 -0.573  1.00 19.17 ? 75  ALA A N   1 
ATOM   543  C  CA  . ALA A 1 75  ? -7.143  -11.349 0.517   1.00 18.15 ? 75  ALA A CA  1 
ATOM   544  C  C   . ALA A 1 75  ? -7.356  -12.069 1.837   1.00 17.63 ? 75  ALA A C   1 
ATOM   545  O  O   . ALA A 1 75  ? -6.410  -12.266 2.628   1.00 18.43 ? 75  ALA A O   1 
ATOM   546  C  CB  . ALA A 1 75  ? -7.730  -9.930  0.618   1.00 16.63 ? 75  ALA A CB  1 
ATOM   547  N  N   . ALA A 1 76  ? -8.620  -12.483 2.117   1.00 18.15 ? 76  ALA A N   1 
ATOM   548  C  CA  . ALA A 1 76  ? -8.806  -13.295 3.327   1.00 18.23 ? 76  ALA A CA  1 
ATOM   549  C  C   . ALA A 1 76  ? -7.878  -14.479 3.367   1.00 20.23 ? 76  ALA A C   1 
ATOM   550  O  O   . ALA A 1 76  ? -7.191  -14.743 4.384   1.00 19.74 ? 76  ALA A O   1 
ATOM   551  C  CB  . ALA A 1 76  ? -10.282 -13.737 3.465   1.00 19.13 ? 76  ALA A CB  1 
ATOM   552  N  N   . LYS A 1 77  ? -7.896  -15.278 2.299   1.00 20.49 ? 77  LYS A N   1 
ATOM   553  C  CA  . LYS A 1 77  ? -7.102  -16.515 2.287   1.00 22.47 ? 77  LYS A CA  1 
ATOM   554  C  C   . LYS A 1 77  ? -5.605  -16.259 2.473   1.00 20.06 ? 77  LYS A C   1 
ATOM   555  O  O   . LYS A 1 77  ? -4.933  -16.957 3.269   1.00 20.14 ? 77  LYS A O   1 
ATOM   556  C  CB  . LYS A 1 77  ? -7.492  -17.270 1.018   1.00 25.34 ? 77  LYS A CB  1 
ATOM   557  C  CG  . LYS A 1 77  ? -6.791  -18.584 0.695   1.00 28.93 ? 77  LYS A CG  1 
ATOM   558  C  CD  . LYS A 1 77  ? -7.624  -19.308 -0.353  1.00 30.72 ? 77  LYS A CD  1 
ATOM   559  C  CE  . LYS A 1 77  ? -6.954  -20.567 -0.902  1.00 32.97 ? 77  LYS A CE  1 
ATOM   560  N  NZ  . LYS A 1 77  ? -7.417  -20.672 -2.342  1.00 34.11 ? 77  LYS A NZ  1 
ATOM   561  N  N   . SER A 1 78  ? -5.120  -15.136 1.972   1.00 18.36 ? 78  SER A N   1 
ATOM   562  C  CA  . SER A 1 78  ? -3.721  -14.709 2.054   1.00 18.76 ? 78  SER A CA  1 
ATOM   563  C  C   . SER A 1 78  ? -3.309  -14.407 3.492   1.00 20.02 ? 78  SER A C   1 
ATOM   564  O  O   . SER A 1 78  ? -2.090  -14.530 3.777   1.00 20.07 ? 78  SER A O   1 
ATOM   565  C  CB  . SER A 1 78  ? -3.348  -13.555 1.125   1.00 17.97 ? 78  SER A CB  1 
ATOM   566  O  OG  . SER A 1 78  ? -3.754  -12.275 1.696   1.00 19.07 ? 78  SER A OG  1 
ATOM   567  N  N   . ILE A 1 79  ? -4.214  -14.122 4.424   1.00 18.16 ? 79  ILE A N   1 
ATOM   568  C  CA  . ILE A 1 79  ? -3.821  -13.762 5.765   1.00 21.30 ? 79  ILE A CA  1 
ATOM   569  C  C   . ILE A 1 79  ? -4.429  -14.765 6.747   1.00 23.38 ? 79  ILE A C   1 
ATOM   570  O  O   . ILE A 1 79  ? -4.327  -14.551 7.946   1.00 23.86 ? 79  ILE A O   1 
ATOM   571  C  CB  . ILE A 1 79  ? -4.199  -12.316 6.172   1.00 21.32 ? 79  ILE A CB  1 
ATOM   572  C  CG1 . ILE A 1 79  ? -5.683  -12.028 5.857   1.00 20.28 ? 79  ILE A CG1 1 
ATOM   573  C  CG2 . ILE A 1 79  ? -3.334  -11.327 5.414   1.00 19.20 ? 79  ILE A CG2 1 
ATOM   574  C  CD1 . ILE A 1 79  ? -6.221  -10.782 6.557   1.00 21.58 ? 79  ILE A CD1 1 
ATOM   575  N  N   . GLY A 1 80  ? -4.997  -15.843 6.192   1.00 24.62 ? 80  GLY A N   1 
ATOM   576  C  CA  . GLY A 1 80  ? -5.469  -16.941 7.010   1.00 26.19 ? 80  GLY A CA  1 
ATOM   577  C  C   . GLY A 1 80  ? -6.723  -16.661 7.826   1.00 26.98 ? 80  GLY A C   1 
ATOM   578  O  O   . GLY A 1 80  ? -6.909  -17.327 8.867   1.00 24.12 ? 80  GLY A O   1 
ATOM   579  N  N   . VAL A 1 81  ? -7.605  -15.793 7.328   1.00 25.66 ? 81  VAL A N   1 
ATOM   580  C  CA  . VAL A 1 81  ? -8.817  -15.508 8.081   1.00 25.01 ? 81  VAL A CA  1 
ATOM   581  C  C   . VAL A 1 81  ? -10.018 -15.895 7.250   1.00 25.35 ? 81  VAL A C   1 
ATOM   582  O  O   . VAL A 1 81  ? -9.933  -15.971 6.023   1.00 25.47 ? 81  VAL A O   1 
ATOM   583  C  CB  . VAL A 1 81  ? -8.816  -14.013 8.474   1.00 27.50 ? 81  VAL A CB  1 
ATOM   584  C  CG1 . VAL A 1 81  ? -10.128 -13.558 9.081   1.00 29.75 ? 81  VAL A CG1 1 
ATOM   585  C  CG2 . VAL A 1 81  ? -7.736  -13.712 9.513   1.00 26.99 ? 81  VAL A CG2 1 
ATOM   586  N  N   . LYS A 1 82  ? -11.181 -16.101 7.861   1.00 24.02 ? 82  LYS A N   1 
ATOM   587  C  CA  . LYS A 1 82  ? -12.337 -16.654 7.179   1.00 23.92 ? 82  LYS A CA  1 
ATOM   588  C  C   . LYS A 1 82  ? -12.861 -15.706 6.105   1.00 21.83 ? 82  LYS A C   1 
ATOM   589  O  O   . LYS A 1 82  ? -13.114 -16.103 4.984   1.00 21.67 ? 82  LYS A O   1 
ATOM   590  C  CB  . LYS A 1 82  ? -13.383 -16.938 8.262   1.00 24.72 ? 82  LYS A CB  1 
ATOM   591  C  CG  . LYS A 1 82  ? -14.785 -17.260 7.779   1.00 27.69 ? 82  LYS A CG  1 
ATOM   592  C  CD  . LYS A 1 82  ? -15.541 -18.140 8.796   1.00 27.48 ? 82  LYS A CD  1 
ATOM   593  C  CE  . LYS A 1 82  ? -16.854 -18.584 8.166   1.00 30.73 ? 82  LYS A CE  1 
ATOM   594  N  NZ  . LYS A 1 82  ? -17.724 -19.393 9.043   1.00 32.91 ? 82  LYS A NZ  1 
ATOM   595  N  N   . LYS A 1 83  ? -13.113 -14.462 6.466   1.00 23.26 ? 83  LYS A N   1 
ATOM   596  C  CA  . LYS A 1 83  ? -13.478 -13.430 5.524   1.00 24.62 ? 83  LYS A CA  1 
ATOM   597  C  C   . LYS A 1 83  ? -12.815 -12.130 6.010   1.00 24.75 ? 83  LYS A C   1 
ATOM   598  O  O   . LYS A 1 83  ? -12.439 -11.976 7.167   1.00 23.07 ? 83  LYS A O   1 
ATOM   599  C  CB  . LYS A 1 83  ? -14.976 -13.187 5.423   1.00 29.16 ? 83  LYS A CB  1 
ATOM   600  C  CG  . LYS A 1 83  ? -15.787 -14.376 4.901   1.00 31.18 ? 83  LYS A CG  1 
ATOM   601  C  CD  . LYS A 1 83  ? -17.262 -13.996 4.945   1.00 33.38 ? 83  LYS A CD  1 
ATOM   602  C  CE  . LYS A 1 83  ? -18.140 -14.967 4.177   1.00 34.70 ? 83  LYS A CE  1 
ATOM   603  N  NZ  . LYS A 1 83  ? -19.576 -14.844 4.575   1.00 37.50 ? 83  LYS A NZ  1 
ATOM   604  N  N   . VAL A 1 84  ? -12.877 -11.184 5.088   1.00 22.08 ? 84  VAL A N   1 
ATOM   605  C  CA  . VAL A 1 84  ? -12.466 -9.809  5.303   1.00 21.97 ? 84  VAL A CA  1 
ATOM   606  C  C   . VAL A 1 84  ? -13.533 -8.893  4.741   1.00 20.12 ? 84  VAL A C   1 
ATOM   607  O  O   . VAL A 1 84  ? -14.184 -9.212  3.750   1.00 20.11 ? 84  VAL A O   1 
ATOM   608  C  CB  . VAL A 1 84  ? -11.119 -9.896  4.525   1.00 24.30 ? 84  VAL A CB  1 
ATOM   609  C  CG1 . VAL A 1 84  ? -10.905 -8.945  3.395   1.00 25.02 ? 84  VAL A CG1 1 
ATOM   610  C  CG2 . VAL A 1 84  ? -9.973  -10.139 5.489   1.00 21.57 ? 84  VAL A CG2 1 
ATOM   611  N  N   . GLU A 1 85  ? -13.740 -7.729  5.344   1.00 20.38 ? 85  GLU A N   1 
ATOM   612  C  CA  . GLU A 1 85  ? -14.577 -6.650  4.796   1.00 21.06 ? 85  GLU A CA  1 
ATOM   613  C  C   . GLU A 1 85  ? -13.758 -5.359  4.680   1.00 21.24 ? 85  GLU A C   1 
ATOM   614  O  O   . GLU A 1 85  ? -12.694 -5.163  5.272   1.00 18.85 ? 85  GLU A O   1 
ATOM   615  C  CB  . GLU A 1 85  ? -15.707 -6.353  5.786   1.00 22.22 ? 85  GLU A CB  1 
ATOM   616  C  CG  . GLU A 1 85  ? -16.520 -7.590  6.150   1.00 26.19 ? 85  GLU A CG  1 
ATOM   617  C  CD  . GLU A 1 85  ? -17.639 -7.238  7.128   1.00 27.48 ? 85  GLU A CD  1 
ATOM   618  O  OE1 . GLU A 1 85  ? -17.739 -6.094  7.602   1.00 28.42 ? 85  GLU A OE1 1 
ATOM   619  O  OE2 . GLU A 1 85  ? -18.409 -8.170  7.349   1.00 28.85 ? 85  GLU A OE2 1 
HETATM 620  N  N   . MSE A 1 86  ? -14.174 -4.417  3.835   1.00 22.02 ? 86  MSE A N   1 
HETATM 621  C  CA  . MSE A 1 86  ? -13.504 -3.148  3.707   1.00 23.41 ? 86  MSE A CA  1 
HETATM 622  C  C   . MSE A 1 86  ? -13.369 -2.460  5.064   1.00 22.82 ? 86  MSE A C   1 
HETATM 623  O  O   . MSE A 1 86  ? -14.264 -2.491  5.922   1.00 24.34 ? 86  MSE A O   1 
HETATM 624  C  CB  . MSE A 1 86  ? -14.253 -2.370  2.628   1.00 26.41 ? 86  MSE A CB  1 
HETATM 625  C  CG  . MSE A 1 86  ? -14.493 -3.131  1.375   1.00 28.63 ? 86  MSE A CG  1 
HETATM 626  SE SE  . MSE A 1 86  ? -15.468 -2.018  0.065   1.00 35.65 ? 86  MSE A SE  1 
HETATM 627  C  CE  . MSE A 1 86  ? -17.138 -1.854  0.840   1.00 24.12 ? 86  MSE A CE  1 
ATOM   628  N  N   . ALA A 1 87  ? -12.223 -1.858  5.362   1.00 24.60 ? 87  ALA A N   1 
ATOM   629  C  CA  . ALA A 1 87  ? -12.011 -1.136  6.610   1.00 25.92 ? 87  ALA A CA  1 
ATOM   630  C  C   . ALA A 1 87  ? -12.823 0.159   6.661   1.00 25.39 ? 87  ALA A C   1 
ATOM   631  O  O   . ALA A 1 87  ? -12.784 0.923   5.721   1.00 24.58 ? 87  ALA A O   1 
ATOM   632  C  CB  . ALA A 1 87  ? -10.532 -0.765  6.768   1.00 27.27 ? 87  ALA A CB  1 
ATOM   633  N  N   . ASP A 1 88  ? -13.457 0.449   7.758   1.00 29.18 ? 88  ASP A N   1 
ATOM   634  C  CA  . ASP A 1 88  ? -14.081 1.738   8.061   1.00 31.67 ? 88  ASP A CA  1 
ATOM   635  C  C   . ASP A 1 88  ? -13.164 2.891   7.680   1.00 32.32 ? 88  ASP A C   1 
ATOM   636  O  O   . ASP A 1 88  ? -11.997 2.863   8.116   1.00 31.34 ? 88  ASP A O   1 
ATOM   637  C  CB  A ASP A 1 88  ? -14.484 1.795   9.532   0.50 32.42 ? 88  ASP A CB  1 
ATOM   638  C  CB  B ASP A 1 88  ? -14.276 1.755   9.584   0.50 31.91 ? 88  ASP A CB  1 
ATOM   639  C  CG  A ASP A 1 88  ? -15.688 0.949   9.905   0.50 33.37 ? 88  ASP A CG  1 
ATOM   640  C  CG  B ASP A 1 88  ? -15.487 2.539   10.041  0.50 32.97 ? 88  ASP A CG  1 
ATOM   641  O  OD1 A ASP A 1 88  ? -16.433 0.465   9.029   0.50 33.02 ? 88  ASP A OD1 1 
ATOM   642  O  OD1 B ASP A 1 88  ? -16.050 3.296   9.232   0.50 32.75 ? 88  ASP A OD1 1 
ATOM   643  O  OD2 A ASP A 1 88  ? -15.891 0.775   11.131  0.50 33.95 ? 88  ASP A OD2 1 
ATOM   644  O  OD2 B ASP A 1 88  ? -15.831 2.316   11.230  0.50 32.81 ? 88  ASP A OD2 1 
ATOM   645  N  N   . LYS A 1 89  ? -13.630 3.878   6.927   1.00 33.36 ? 89  LYS A N   1 
ATOM   646  C  CA  . LYS A 1 89  ? -12.803 5.067   6.682   1.00 35.06 ? 89  LYS A CA  1 
ATOM   647  C  C   . LYS A 1 89  ? -12.098 5.529   7.948   1.00 34.52 ? 89  LYS A C   1 
ATOM   648  O  O   . LYS A 1 89  ? -10.866 5.658   7.918   1.00 33.12 ? 89  LYS A O   1 
ATOM   649  C  CB  . LYS A 1 89  ? -13.628 6.164   6.034   1.00 39.00 ? 89  LYS A CB  1 
ATOM   650  C  CG  . LYS A 1 89  ? -13.146 7.600   6.196   1.00 41.60 ? 89  LYS A CG  1 
ATOM   651  C  CD  . LYS A 1 89  ? -13.966 8.506   5.289   1.00 43.73 ? 89  LYS A CD  1 
ATOM   652  C  CE  . LYS A 1 89  ? -13.419 9.923   5.227   1.00 45.38 ? 89  LYS A CE  1 
ATOM   653  N  NZ  . LYS A 1 89  ? -14.450 10.851  4.666   1.00 45.80 ? 89  LYS A NZ  1 
ATOM   654  N  N   . ASP A 1 90  ? -12.781 5.643   9.087   1.00 32.66 ? 90  ASP A N   1 
ATOM   655  C  CA  . ASP A 1 90  ? -12.164 6.146   10.300  1.00 33.46 ? 90  ASP A CA  1 
ATOM   656  C  C   . ASP A 1 90  ? -11.116 5.208   10.896  1.00 31.79 ? 90  ASP A C   1 
ATOM   657  O  O   . ASP A 1 90  ? -10.084 5.673   11.363  1.00 31.10 ? 90  ASP A O   1 
ATOM   658  C  CB  A ASP A 1 90  ? -13.210 6.479   11.370  0.50 33.54 ? 90  ASP A CB  1 
ATOM   659  C  CB  B ASP A 1 90  ? -13.234 6.393   11.384  0.50 33.93 ? 90  ASP A CB  1 
ATOM   660  C  CG  A ASP A 1 90  ? -14.329 7.390   10.926  0.50 34.15 ? 90  ASP A CG  1 
ATOM   661  C  CG  B ASP A 1 90  ? -12.815 7.479   12.350  0.50 35.09 ? 90  ASP A CG  1 
ATOM   662  O  OD1 A ASP A 1 90  ? -14.169 8.286   10.070  0.50 33.97 ? 90  ASP A OD1 1 
ATOM   663  O  OD1 B ASP A 1 90  ? -11.601 7.700   12.547  0.50 35.85 ? 90  ASP A OD1 1 
ATOM   664  O  OD2 A ASP A 1 90  ? -15.449 7.213   11.453  0.50 36.08 ? 90  ASP A OD2 1 
ATOM   665  O  OD2 B ASP A 1 90  ? -13.697 8.172   12.907  0.50 35.40 ? 90  ASP A OD2 1 
ATOM   666  N  N   . ALA A 1 91  ? -11.389 3.921   11.028  1.00 30.77 ? 91  ALA A N   1 
ATOM   667  C  CA  . ALA A 1 91  ? -10.481 2.939   11.571  1.00 28.64 ? 91  ALA A CA  1 
ATOM   668  C  C   . ALA A 1 91  ? -9.157  2.892   10.799  1.00 27.29 ? 91  ALA A C   1 
ATOM   669  O  O   . ALA A 1 91  ? -8.091  2.766   11.394  1.00 28.32 ? 91  ALA A O   1 
ATOM   670  C  CB  . ALA A 1 91  ? -11.114 1.539   11.472  1.00 27.43 ? 91  ALA A CB  1 
ATOM   671  N  N   . ALA A 1 92  ? -9.265  2.873   9.489   1.00 27.69 ? 92  ALA A N   1 
ATOM   672  C  CA  . ALA A 1 92  ? -8.110  2.894   8.596   1.00 29.11 ? 92  ALA A CA  1 
ATOM   673  C  C   . ALA A 1 92  ? -7.187  4.095   8.880   1.00 29.66 ? 92  ALA A C   1 
ATOM   674  O  O   . ALA A 1 92  ? -5.965  4.011   9.013   1.00 25.90 ? 92  ALA A O   1 
ATOM   675  C  CB  . ALA A 1 92  ? -8.657  3.019   7.177   1.00 29.68 ? 92  ALA A CB  1 
ATOM   676  N  N   . GLN A 1 93  ? -7.822  5.271   8.986   1.00 30.01 ? 93  GLN A N   1 
ATOM   677  C  CA  . GLN A 1 93  ? -7.102  6.506   9.319   1.00 31.09 ? 93  GLN A CA  1 
ATOM   678  C  C   . GLN A 1 93  ? -6.414  6.461   10.671  1.00 30.76 ? 93  GLN A C   1 
ATOM   679  O  O   . GLN A 1 93  ? -5.255  6.888   10.727  1.00 28.74 ? 93  GLN A O   1 
ATOM   680  C  CB  A GLN A 1 93  ? -7.994  7.753   9.290   0.50 30.86 ? 93  GLN A CB  1 
ATOM   681  C  CB  B GLN A 1 93  ? -8.141  7.626   9.227   0.50 32.42 ? 93  GLN A CB  1 
ATOM   682  C  CG  A GLN A 1 93  ? -7.333  9.045   9.754   0.50 31.28 ? 93  GLN A CG  1 
ATOM   683  C  CG  B GLN A 1 93  ? -7.520  8.969   8.912   0.50 34.95 ? 93  GLN A CG  1 
ATOM   684  C  CD  A GLN A 1 93  ? -7.706  9.573   11.118  0.50 31.32 ? 93  GLN A CD  1 
ATOM   685  C  CD  B GLN A 1 93  ? -8.540  10.025  8.575   0.50 36.15 ? 93  GLN A CD  1 
ATOM   686  O  OE1 A GLN A 1 93  ? -8.791  9.362   11.674  0.50 31.79 ? 93  GLN A OE1 1 
ATOM   687  O  OE1 B GLN A 1 93  ? -9.683  9.812   8.164   0.50 38.19 ? 93  GLN A OE1 1 
ATOM   688  N  NE2 A GLN A 1 93  ? -6.818  10.340  11.753  0.50 31.47 ? 93  GLN A NE2 1 
ATOM   689  N  NE2 B GLN A 1 93  ? -8.073  11.249  8.767   0.50 38.16 ? 93  GLN A NE2 1 
ATOM   690  N  N   . LYS A 1 94  ? -7.048  5.971   11.740  1.00 32.48 ? 94  LYS A N   1 
ATOM   691  C  CA  . LYS A 1 94  ? -6.408  5.953   13.051  1.00 33.09 ? 94  LYS A CA  1 
ATOM   692  C  C   . LYS A 1 94  ? -5.315  4.890   13.076  1.00 32.55 ? 94  LYS A C   1 
ATOM   693  O  O   . LYS A 1 94  ? -4.269  5.094   13.701  1.00 33.23 ? 94  LYS A O   1 
ATOM   694  C  CB  . LYS A 1 94  ? -7.345  5.688   14.237  1.00 35.11 ? 94  LYS A CB  1 
ATOM   695  C  CG  . LYS A 1 94  ? -8.411  6.752   14.430  1.00 36.93 ? 94  LYS A CG  1 
ATOM   696  C  CD  . LYS A 1 94  ? -7.838  8.083   14.877  1.00 38.01 ? 94  LYS A CD  1 
ATOM   697  C  CE  . LYS A 1 94  ? -8.947  9.135   14.997  1.00 38.39 ? 94  LYS A CE  1 
ATOM   698  N  NZ  . LYS A 1 94  ? -9.651  8.901   16.284  1.00 40.57 ? 94  LYS A NZ  1 
ATOM   699  N  N   . SER A 1 95  ? -5.519  3.794   12.357  1.00 29.98 ? 95  SER A N   1 
ATOM   700  C  CA  . SER A 1 95  ? -4.477  2.773   12.330  1.00 26.89 ? 95  SER A CA  1 
ATOM   701  C  C   . SER A 1 95  ? -3.272  3.225   11.528  1.00 25.87 ? 95  SER A C   1 
ATOM   702  O  O   . SER A 1 95  ? -2.108  3.049   11.909  1.00 28.25 ? 95  SER A O   1 
ATOM   703  C  CB  . SER A 1 95  ? -5.003  1.440   11.796  1.00 26.64 ? 95  SER A CB  1 
ATOM   704  O  OG  . SER A 1 95  ? -4.008  0.413   11.869  1.00 26.79 ? 95  SER A OG  1 
ATOM   705  N  N   . THR A 1 96  ? -3.500  3.779   10.350  1.00 24.50 ? 96  THR A N   1 
ATOM   706  C  CA  . THR A 1 96  ? -2.405  4.194   9.488   1.00 24.80 ? 96  THR A CA  1 
ATOM   707  C  C   . THR A 1 96  ? -1.825  5.536   9.865   1.00 23.85 ? 96  THR A C   1 
ATOM   708  O  O   . THR A 1 96  ? -0.610  5.691   9.686   1.00 24.29 ? 96  THR A O   1 
ATOM   709  C  CB  . THR A 1 96  ? -2.772  4.208   7.985   1.00 22.92 ? 96  THR A CB  1 
ATOM   710  O  OG1 . THR A 1 96  ? -3.662  5.282   7.723   1.00 25.75 ? 96  THR A OG1 1 
ATOM   711  C  CG2 . THR A 1 96  ? -3.405  2.847   7.713   1.00 23.45 ? 96  THR A CG2 1 
ATOM   712  N  N   . GLY A 1 97  ? -2.653  6.469   10.331  1.00 24.82 ? 97  GLY A N   1 
ATOM   713  C  CA  . GLY A 1 97  ? -2.156  7.844   10.490  1.00 23.92 ? 97  GLY A CA  1 
ATOM   714  C  C   . GLY A 1 97  ? -2.204  8.632   9.191   1.00 25.51 ? 97  GLY A C   1 
ATOM   715  O  O   . GLY A 1 97  ? -1.795  9.801   9.132   1.00 27.19 ? 97  GLY A O   1 
ATOM   716  N  N   . TYR A 1 98  ? -2.708  8.042   8.120   1.00 22.10 ? 98  TYR A N   1 
ATOM   717  C  CA  . TYR A 1 98  ? -2.756  8.710   6.837   1.00 20.52 ? 98  TYR A CA  1 
ATOM   718  C  C   . TYR A 1 98  ? -4.174  8.924   6.376   1.00 22.67 ? 98  TYR A C   1 
ATOM   719  O  O   . TYR A 1 98  ? -5.120  8.262   6.851   1.00 24.85 ? 98  TYR A O   1 
ATOM   720  C  CB  . TYR A 1 98  ? -2.038  7.855   5.771   1.00 19.12 ? 98  TYR A CB  1 
ATOM   721  C  CG  . TYR A 1 98  ? -0.559  7.679   5.989   1.00 19.23 ? 98  TYR A CG  1 
ATOM   722  C  CD1 . TYR A 1 98  ? -0.019  6.394   6.115   1.00 19.54 ? 98  TYR A CD1 1 
ATOM   723  C  CD2 . TYR A 1 98  ? 0.276   8.790   6.043   1.00 20.39 ? 98  TYR A CD2 1 
ATOM   724  C  CE1 . TYR A 1 98  ? 1.364   6.248   6.303   1.00 20.17 ? 98  TYR A CE1 1 
ATOM   725  C  CE2 . TYR A 1 98  ? 1.635   8.648   6.223   1.00 18.97 ? 98  TYR A CE2 1 
ATOM   726  C  CZ  . TYR A 1 98  ? 2.151   7.378   6.339   1.00 20.24 ? 98  TYR A CZ  1 
ATOM   727  O  OH  . TYR A 1 98  ? 3.525   7.254   6.503   1.00 20.34 ? 98  TYR A OH  1 
ATOM   728  N  N   . LEU A 1 99  ? -4.388  9.844   5.427   1.00 24.60 ? 99  LEU A N   1 
ATOM   729  C  CA  . LEU A 1 99  ? -5.722  9.994   4.839   1.00 26.10 ? 99  LEU A CA  1 
ATOM   730  C  C   . LEU A 1 99  ? -5.874  9.151   3.573   1.00 29.35 ? 99  LEU A C   1 
ATOM   731  O  O   . LEU A 1 99  ? -4.935  9.081   2.758   1.00 29.47 ? 99  LEU A O   1 
ATOM   732  C  CB  . LEU A 1 99  ? -5.896  11.443  4.338   1.00 27.87 ? 99  LEU A CB  1 
ATOM   733  C  CG  . LEU A 1 99  ? -5.624  12.541  5.366   1.00 28.45 ? 99  LEU A CG  1 
ATOM   734  C  CD1 . LEU A 1 99  ? -6.164  13.867  4.841   1.00 29.22 ? 99  LEU A CD1 1 
ATOM   735  C  CD2 . LEU A 1 99  ? -6.298  12.206  6.692   1.00 31.22 ? 99  LEU A CD2 1 
ATOM   736  N  N   . VAL A 1 100 ? -7.078  8.672   3.312   1.00 31.73 ? 100 VAL A N   1 
ATOM   737  C  CA  . VAL A 1 100 ? -7.391  8.079   2.005   1.00 32.70 ? 100 VAL A CA  1 
ATOM   738  C  C   . VAL A 1 100 ? -6.928  9.004   0.896   1.00 33.76 ? 100 VAL A C   1 
ATOM   739  O  O   . VAL A 1 100 ? -6.919  10.244  0.968   1.00 34.11 ? 100 VAL A O   1 
ATOM   740  C  CB  . VAL A 1 100 ? -8.879  7.703   1.982   1.00 34.66 ? 100 VAL A CB  1 
ATOM   741  C  CG1 . VAL A 1 100 ? -9.236  6.860   0.767   1.00 35.94 ? 100 VAL A CG1 1 
ATOM   742  C  CG2 . VAL A 1 100 ? -9.253  6.922   3.250   1.00 34.26 ? 100 VAL A CG2 1 
ATOM   743  N  N   . GLY A 1 101 ? -6.318  8.429   -0.144  1.00 34.22 ? 101 GLY A N   1 
ATOM   744  C  CA  . GLY A 1 101 ? -5.582  9.142   -1.185  1.00 33.62 ? 101 GLY A CA  1 
ATOM   745  C  C   . GLY A 1 101 ? -4.156  9.524   -0.832  1.00 32.41 ? 101 GLY A C   1 
ATOM   746  O  O   . GLY A 1 101 ? -3.370  10.119  -1.603  1.00 35.52 ? 101 GLY A O   1 
ATOM   747  N  N   . GLY A 1 102 ? -3.759  9.186   0.398   1.00 28.37 ? 102 GLY A N   1 
ATOM   748  C  CA  . GLY A 1 102 ? -2.365  9.403   0.771   1.00 24.71 ? 102 GLY A CA  1 
ATOM   749  C  C   . GLY A 1 102 ? -1.950  8.227   1.664   1.00 22.08 ? 102 GLY A C   1 
ATOM   750  O  O   . GLY A 1 102 ? -1.048  8.508   2.433   1.00 23.28 ? 102 GLY A O   1 
ATOM   751  N  N   . ILE A 1 103 ? -2.512  7.011   1.574   1.00 20.86 ? 103 ILE A N   1 
ATOM   752  C  CA  . ILE A 1 103 ? -2.073  5.980   2.516   1.00 21.02 ? 103 ILE A CA  1 
ATOM   753  C  C   . ILE A 1 103 ? -0.777  5.298   2.074   1.00 19.26 ? 103 ILE A C   1 
ATOM   754  O  O   . ILE A 1 103 ? -0.834  4.647   1.035   1.00 19.43 ? 103 ILE A O   1 
ATOM   755  C  CB  . ILE A 1 103 ? -3.168  4.906   2.699   1.00 22.09 ? 103 ILE A CB  1 
ATOM   756  C  CG1 . ILE A 1 103 ? -4.444  5.592   3.228   1.00 24.42 ? 103 ILE A CG1 1 
ATOM   757  C  CG2 . ILE A 1 103 ? -2.743  3.824   3.673   1.00 21.50 ? 103 ILE A CG2 1 
ATOM   758  C  CD1 . ILE A 1 103 ? -5.593  4.599   3.341   1.00 26.88 ? 103 ILE A CD1 1 
ATOM   759  N  N   . SER A 1 104 ? 0.334   5.470   2.767   1.00 18.10 ? 104 SER A N   1 
ATOM   760  C  CA  . SER A 1 104 ? 1.537   4.723   2.413   1.00 19.18 ? 104 SER A CA  1 
ATOM   761  C  C   . SER A 1 104 ? 1.471   3.372   3.095   1.00 18.44 ? 104 SER A C   1 
ATOM   762  O  O   . SER A 1 104 ? 0.977   3.290   4.241   1.00 21.44 ? 104 SER A O   1 
ATOM   763  C  CB  . SER A 1 104 ? 2.775   5.438   2.975   1.00 20.68 ? 104 SER A CB  1 
ATOM   764  O  OG  . SER A 1 104 ? 3.922   4.811   2.396   1.00 17.62 ? 104 SER A OG  1 
ATOM   765  N  N   . PRO A 1 105 ? 1.996   2.324   2.483   1.00 19.57 ? 105 PRO A N   1 
ATOM   766  C  CA  . PRO A 1 105 ? 2.254   1.089   3.237   1.00 18.02 ? 105 PRO A CA  1 
ATOM   767  C  C   . PRO A 1 105 ? 3.369   1.313   4.228   1.00 18.81 ? 105 PRO A C   1 
ATOM   768  O  O   . PRO A 1 105 ? 3.575   0.452   5.084   1.00 21.27 ? 105 PRO A O   1 
ATOM   769  C  CB  . PRO A 1 105 ? 2.668   0.105   2.133   1.00 18.90 ? 105 PRO A CB  1 
ATOM   770  C  CG  . PRO A 1 105 ? 3.317   0.961   1.125   1.00 19.79 ? 105 PRO A CG  1 
ATOM   771  C  CD  . PRO A 1 105 ? 2.521   2.274   1.117   1.00 18.37 ? 105 PRO A CD  1 
ATOM   772  N  N   . LEU A 1 106 ? 4.185   2.345   4.096   1.00 20.84 ? 106 LEU A N   1 
ATOM   773  C  CA  . LEU A 1 106 ? 5.353   2.539   4.956   1.00 21.47 ? 106 LEU A CA  1 
ATOM   774  C  C   . LEU A 1 106 ? 5.061   3.607   6.017   1.00 21.69 ? 106 LEU A C   1 
ATOM   775  O  O   . LEU A 1 106 ? 4.407   4.625   5.728   1.00 21.89 ? 106 LEU A O   1 
ATOM   776  C  CB  . LEU A 1 106 ? 6.548   3.016   4.154   1.00 22.90 ? 106 LEU A CB  1 
ATOM   777  C  CG  . LEU A 1 106 ? 7.600   2.308   3.340   1.00 26.18 ? 106 LEU A CG  1 
ATOM   778  C  CD1 . LEU A 1 106 ? 7.805   0.841   3.638   1.00 25.92 ? 106 LEU A CD1 1 
ATOM   779  C  CD2 . LEU A 1 106 ? 7.545   2.576   1.838   1.00 25.28 ? 106 LEU A CD2 1 
ATOM   780  N  N   . GLY A 1 107 ? 5.544   3.458   7.248   1.00 22.50 ? 107 GLY A N   1 
ATOM   781  C  CA  . GLY A 1 107 ? 5.409   4.506   8.261   1.00 22.68 ? 107 GLY A CA  1 
ATOM   782  C  C   . GLY A 1 107 ? 4.022   4.479   8.906   1.00 26.01 ? 107 GLY A C   1 
ATOM   783  O  O   . GLY A 1 107 ? 3.616   5.490   9.512   1.00 26.37 ? 107 GLY A O   1 
ATOM   784  N  N   . GLN A 1 108 ? 3.309   3.359   8.800   1.00 26.16 ? 108 GLN A N   1 
ATOM   785  C  CA  . GLN A 1 108 ? 2.005   3.330   9.488   1.00 26.90 ? 108 GLN A CA  1 
ATOM   786  C  C   . GLN A 1 108 ? 2.187   3.354   10.990  1.00 28.53 ? 108 GLN A C   1 
ATOM   787  O  O   . GLN A 1 108 ? 3.139   2.790   11.524  1.00 27.32 ? 108 GLN A O   1 
ATOM   788  C  CB  . GLN A 1 108 ? 1.210   2.126   8.984   1.00 25.60 ? 108 GLN A CB  1 
ATOM   789  C  CG  . GLN A 1 108 ? 0.812   2.311   7.513   1.00 22.28 ? 108 GLN A CG  1 
ATOM   790  C  CD  . GLN A 1 108 ? -0.160  1.242   7.054   1.00 23.53 ? 108 GLN A CD  1 
ATOM   791  O  OE1 . GLN A 1 108 ? -0.700  0.473   7.876   1.00 23.25 ? 108 GLN A OE1 1 
ATOM   792  N  NE2 . GLN A 1 108 ? -0.433  1.212   5.747   1.00 20.23 ? 108 GLN A NE2 1 
ATOM   793  N  N   . LYS A 1 109 ? 1.271   3.988   11.707  1.00 31.76 ? 109 LYS A N   1 
ATOM   794  C  CA  . LYS A 1 109 ? 1.320   4.053   13.161  1.00 35.06 ? 109 LYS A CA  1 
ATOM   795  C  C   . LYS A 1 109 ? 1.247   2.668   13.788  1.00 35.34 ? 109 LYS A C   1 
ATOM   796  O  O   . LYS A 1 109 ? 2.011   2.314   14.695  1.00 35.66 ? 109 LYS A O   1 
ATOM   797  C  CB  . LYS A 1 109 ? 0.138   4.894   13.665  1.00 36.39 ? 109 LYS A CB  1 
ATOM   798  C  CG  . LYS A 1 109 ? 0.099   6.327   13.226  1.00 40.48 ? 109 LYS A CG  1 
ATOM   799  C  CD  . LYS A 1 109 ? -0.160  7.391   14.254  1.00 42.77 ? 109 LYS A CD  1 
ATOM   800  C  CE  . LYS A 1 109 ? -1.014  7.016   15.446  1.00 44.90 ? 109 LYS A CE  1 
ATOM   801  N  NZ  . LYS A 1 109 ? -1.266  8.225   16.302  1.00 47.05 ? 109 LYS A NZ  1 
ATOM   802  N  N   . LYS A 1 110 ? 0.237   1.898   13.350  1.00 35.50 ? 110 LYS A N   1 
ATOM   803  C  CA  . LYS A 1 110 ? 0.046   0.566   13.885  1.00 36.17 ? 110 LYS A CA  1 
ATOM   804  C  C   . LYS A 1 110 ? 0.645   -0.518  12.980  1.00 34.18 ? 110 LYS A C   1 
ATOM   805  O  O   . LYS A 1 110 ? 0.312   -0.573  11.801  1.00 32.21 ? 110 LYS A O   1 
ATOM   806  C  CB  . LYS A 1 110 ? -1.442  0.261   14.111  1.00 38.75 ? 110 LYS A CB  1 
ATOM   807  C  CG  . LYS A 1 110 ? -1.922  0.693   15.493  1.00 41.49 ? 110 LYS A CG  1 
ATOM   808  C  CD  . LYS A 1 110 ? -2.906  -0.352  16.025  1.00 43.54 ? 110 LYS A CD  1 
ATOM   809  C  CE  . LYS A 1 110 ? -2.824  -0.385  17.545  1.00 44.62 ? 110 LYS A CE  1 
ATOM   810  N  NZ  . LYS A 1 110 ? -3.581  -1.531  18.126  1.00 45.26 ? 110 LYS A NZ  1 
ATOM   811  N  N   . ARG A 1 111 ? 1.456   -1.399  13.530  1.00 33.26 ? 111 ARG A N   1 
ATOM   812  C  CA  . ARG A 1 111 ? 1.916   -2.562  12.759  1.00 33.11 ? 111 ARG A CA  1 
ATOM   813  C  C   . ARG A 1 111 ? 0.790   -3.566  12.537  1.00 29.95 ? 111 ARG A C   1 
ATOM   814  O  O   . ARG A 1 111 ? 0.168   -4.017  13.492  1.00 30.25 ? 111 ARG A O   1 
ATOM   815  C  CB  . ARG A 1 111 ? 3.142   -3.241  13.394  1.00 34.54 ? 111 ARG A CB  1 
ATOM   816  C  CG  . ARG A 1 111 ? 3.598   -4.428  12.544  1.00 38.53 ? 111 ARG A CG  1 
ATOM   817  C  CD  . ARG A 1 111 ? 5.102   -4.539  12.424  1.00 42.06 ? 111 ARG A CD  1 
ATOM   818  N  NE  . ARG A 1 111 ? 5.532   -5.935  12.332  1.00 45.32 ? 111 ARG A NE  1 
ATOM   819  C  CZ  . ARG A 1 111 ? 6.657   -6.461  12.804  1.00 45.79 ? 111 ARG A CZ  1 
ATOM   820  N  NH1 . ARG A 1 111 ? 7.582   -5.766  13.448  1.00 45.44 ? 111 ARG A NH1 1 
ATOM   821  N  NH2 . ARG A 1 111 ? 6.882   -7.775  12.639  1.00 48.28 ? 111 ARG A NH2 1 
ATOM   822  N  N   . VAL A 1 112 ? 0.484   -3.886  11.277  1.00 26.89 ? 112 VAL A N   1 
ATOM   823  C  CA  . VAL A 1 112 ? -0.458  -4.956  10.954  1.00 23.59 ? 112 VAL A CA  1 
ATOM   824  C  C   . VAL A 1 112 ? 0.156   -5.864  9.881   1.00 22.35 ? 112 VAL A C   1 
ATOM   825  O  O   . VAL A 1 112 ? 1.128   -5.446  9.200   1.00 25.02 ? 112 VAL A O   1 
ATOM   826  C  CB  . VAL A 1 112 ? -1.821  -4.451  10.426  1.00 23.28 ? 112 VAL A CB  1 
ATOM   827  C  CG1 . VAL A 1 112 ? -2.478  -3.427  11.362  1.00 23.69 ? 112 VAL A CG1 1 
ATOM   828  C  CG2 . VAL A 1 112 ? -1.721  -3.840  9.041   1.00 21.77 ? 112 VAL A CG2 1 
ATOM   829  N  N   . LYS A 1 113 ? -0.468  -7.005  9.597   1.00 21.76 ? 113 LYS A N   1 
ATOM   830  C  CA  . LYS A 1 113 ? 0.028   -7.814  8.487   1.00 21.73 ? 113 LYS A CA  1 
ATOM   831  C  C   . LYS A 1 113 ? -0.199  -7.174  7.104   1.00 20.76 ? 113 LYS A C   1 
ATOM   832  O  O   . LYS A 1 113 ? -1.225  -6.557  6.820   1.00 20.53 ? 113 LYS A O   1 
ATOM   833  C  CB  . LYS A 1 113 ? -0.478  -9.214  8.466   1.00 26.33 ? 113 LYS A CB  1 
ATOM   834  C  CG  . LYS A 1 113 ? -1.938  -9.549  8.452   1.00 29.61 ? 113 LYS A CG  1 
ATOM   835  C  CD  . LYS A 1 113 ? -2.007  -11.017 8.861   1.00 31.85 ? 113 LYS A CD  1 
ATOM   836  C  CE  . LYS A 1 113 ? -1.916  -11.262 10.349  1.00 34.63 ? 113 LYS A CE  1 
ATOM   837  N  NZ  . LYS A 1 113 ? -2.014  -12.747 10.576  1.00 34.68 ? 113 LYS A NZ  1 
ATOM   838  N  N   . THR A 1 114 ? 0.766   -7.417  6.247   1.00 18.27 ? 114 THR A N   1 
ATOM   839  C  CA  . THR A 1 114 ? 0.839   -6.747  4.962   1.00 17.65 ? 114 THR A CA  1 
ATOM   840  C  C   . THR A 1 114 ? 1.056   -7.781  3.862   1.00 17.26 ? 114 THR A C   1 
ATOM   841  O  O   . THR A 1 114 ? 1.865   -8.713  4.015   1.00 18.99 ? 114 THR A O   1 
ATOM   842  C  CB  . THR A 1 114 ? 1.886   -5.633  4.934   1.00 19.26 ? 114 THR A CB  1 
ATOM   843  O  OG1 . THR A 1 114 ? 1.591   -4.548  5.861   1.00 19.65 ? 114 THR A OG1 1 
ATOM   844  C  CG2 . THR A 1 114 ? 1.906   -5.047  3.529   1.00 19.30 ? 114 THR A CG2 1 
ATOM   845  N  N   . VAL A 1 115 ? 0.278   -7.717  2.801   1.00 16.28 ? 115 VAL A N   1 
ATOM   846  C  CA  . VAL A 1 115 ? 0.408   -8.595  1.631   1.00 15.86 ? 115 VAL A CA  1 
ATOM   847  C  C   . VAL A 1 115 ? 0.523   -7.726  0.387   1.00 15.93 ? 115 VAL A C   1 
ATOM   848  O  O   . VAL A 1 115 ? -0.222  -6.748  0.187   1.00 17.28 ? 115 VAL A O   1 
ATOM   849  C  CB  . VAL A 1 115 ? -0.791  -9.514  1.355   1.00 17.07 ? 115 VAL A CB  1 
ATOM   850  C  CG1 . VAL A 1 115 ? -0.614  -10.403 0.105   1.00 15.51 ? 115 VAL A CG1 1 
ATOM   851  C  CG2 . VAL A 1 115 ? -1.030  -10.360 2.595   1.00 16.21 ? 115 VAL A CG2 1 
ATOM   852  N  N   . ILE A 1 116 ? 1.478   -8.081  -0.433  1.00 13.74 ? 116 ILE A N   1 
ATOM   853  C  CA  . ILE A 1 116 ? 1.675   -7.327  -1.675  1.00 15.04 ? 116 ILE A CA  1 
ATOM   854  C  C   . ILE A 1 116 ? 1.229   -8.202  -2.837  1.00 15.78 ? 116 ILE A C   1 
ATOM   855  O  O   . ILE A 1 116 ? 1.694   -9.332  -2.903  1.00 17.21 ? 116 ILE A O   1 
ATOM   856  C  CB  . ILE A 1 116 ? 3.140   -6.876  -1.852  1.00 15.78 ? 116 ILE A CB  1 
ATOM   857  C  CG1 . ILE A 1 116 ? 3.542   -5.917  -0.713  1.00 18.35 ? 116 ILE A CG1 1 
ATOM   858  C  CG2 . ILE A 1 116 ? 3.300   -6.178  -3.198  1.00 15.50 ? 116 ILE A CG2 1 
ATOM   859  C  CD1 . ILE A 1 116 ? 5.066   -5.942  -0.510  1.00 18.18 ? 116 ILE A CD1 1 
ATOM   860  N  N   . ASN A 1 117 ? 0.600   -7.599  -3.861  1.00 15.10 ? 117 ASN A N   1 
ATOM   861  C  CA  . ASN A 1 117 ? 0.089   -8.441  -4.949  1.00 15.90 ? 117 ASN A CA  1 
ATOM   862  C  C   . ASN A 1 117 ? 1.337   -8.961  -5.696  1.00 17.33 ? 117 ASN A C   1 
ATOM   863  O  O   . ASN A 1 117 ? 2.306   -8.250  -5.870  1.00 16.98 ? 117 ASN A O   1 
ATOM   864  C  CB  . ASN A 1 117 ? -0.840  -7.699  -5.935  1.00 16.81 ? 117 ASN A CB  1 
ATOM   865  C  CG  . ASN A 1 117 ? -1.430  -8.660  -6.959  1.00 20.49 ? 117 ASN A CG  1 
ATOM   866  O  OD1 . ASN A 1 117 ? -1.212  -8.485  -8.193  1.00 23.45 ? 117 ASN A OD1 1 
ATOM   867  N  ND2 . ASN A 1 117 ? -2.096  -9.712  -6.539  1.00 16.13 ? 117 ASN A ND2 1 
ATOM   868  N  N   . SER A 1 118 ? 1.244   -10.191 -6.131  1.00 20.03 ? 118 SER A N   1 
ATOM   869  C  CA  . SER A 1 118 ? 2.355   -10.926 -6.711  1.00 24.12 ? 118 SER A CA  1 
ATOM   870  C  C   . SER A 1 118 ? 2.968   -10.275 -7.931  1.00 23.75 ? 118 SER A C   1 
ATOM   871  O  O   . SER A 1 118 ? 4.194   -10.442 -8.058  1.00 22.17 ? 118 SER A O   1 
ATOM   872  C  CB  . SER A 1 118 ? 1.773   -12.282 -7.197  1.00 25.61 ? 118 SER A CB  1 
ATOM   873  O  OG  . SER A 1 118 ? 1.805   -13.186 -6.144  1.00 29.78 ? 118 SER A OG  1 
ATOM   874  N  N   . THR A 1 119 ? 2.119   -9.631  -8.744  1.00 24.18 ? 119 THR A N   1 
ATOM   875  C  CA  . THR A 1 119 ? 2.551   -8.950  -9.935  1.00 25.74 ? 119 THR A CA  1 
ATOM   876  C  C   . THR A 1 119 ? 3.646   -7.915  -9.702  1.00 26.19 ? 119 THR A C   1 
ATOM   877  O  O   . THR A 1 119 ? 4.439   -7.658  -10.621 1.00 23.81 ? 119 THR A O   1 
ATOM   878  C  CB  . THR A 1 119 ? 1.381   -8.284  -10.704 1.00 26.79 ? 119 THR A CB  1 
ATOM   879  O  OG1 . THR A 1 119 ? 0.777   -7.197  -9.992  1.00 26.65 ? 119 THR A OG1 1 
ATOM   880  C  CG2 . THR A 1 119 ? 0.327   -9.341  -11.020 1.00 28.80 ? 119 THR A CG2 1 
ATOM   881  N  N   . ALA A 1 120 ? 3.763   -7.411  -8.464  1.00 22.79 ? 120 ALA A N   1 
ATOM   882  C  CA  . ALA A 1 120 ? 4.842   -6.513  -8.109  1.00 22.98 ? 120 ALA A CA  1 
ATOM   883  C  C   . ALA A 1 120 ? 6.221   -7.072  -8.468  1.00 22.52 ? 120 ALA A C   1 
ATOM   884  O  O   . ALA A 1 120 ? 7.136   -6.326  -8.867  1.00 23.68 ? 120 ALA A O   1 
ATOM   885  C  CB  . ALA A 1 120 ? 4.862   -6.251  -6.596  1.00 20.88 ? 120 ALA A CB  1 
ATOM   886  N  N   . LEU A 1 121 ? 6.378   -8.384  -8.314  1.00 22.59 ? 121 LEU A N   1 
ATOM   887  C  CA  . LEU A 1 121 ? 7.684   -8.999  -8.561  1.00 25.75 ? 121 LEU A CA  1 
ATOM   888  C  C   . LEU A 1 121 ? 8.085   -8.966  -10.018 1.00 26.28 ? 121 LEU A C   1 
ATOM   889  O  O   . LEU A 1 121 ? 9.235   -9.324  -10.302 1.00 25.80 ? 121 LEU A O   1 
ATOM   890  C  CB  . LEU A 1 121 ? 7.691   -10.453 -8.051  1.00 26.35 ? 121 LEU A CB  1 
ATOM   891  C  CG  . LEU A 1 121 ? 8.287   -10.802 -6.679  1.00 29.22 ? 121 LEU A CG  1 
ATOM   892  C  CD1 . LEU A 1 121 ? 8.629   -9.626  -5.808  1.00 28.52 ? 121 LEU A CD1 1 
ATOM   893  C  CD2 . LEU A 1 121 ? 7.324   -11.742 -5.954  1.00 30.61 ? 121 LEU A CD2 1 
ATOM   894  N  N   . GLU A 1 122 ? 7.255   -8.526  -10.966 1.00 28.96 ? 122 GLU A N   1 
ATOM   895  C  CA  . GLU A 1 122 ? 7.825   -8.566  -12.335 1.00 32.05 ? 122 GLU A CA  1 
ATOM   896  C  C   . GLU A 1 122 ? 8.513   -7.255  -12.640 1.00 30.80 ? 122 GLU A C   1 
ATOM   897  O  O   . GLU A 1 122 ? 9.040   -7.040  -13.744 1.00 29.93 ? 122 GLU A O   1 
ATOM   898  C  CB  . GLU A 1 122 ? 6.763   -8.960  -13.339 1.00 34.51 ? 122 GLU A CB  1 
ATOM   899  C  CG  . GLU A 1 122 ? 5.578   -8.051  -13.333 1.00 38.48 ? 122 GLU A CG  1 
ATOM   900  C  CD  . GLU A 1 122 ? 4.346   -8.725  -13.927 1.00 40.21 ? 122 GLU A CD  1 
ATOM   901  O  OE1 . GLU A 1 122 ? 4.303   -9.973  -13.936 1.00 42.83 ? 122 GLU A OE1 1 
ATOM   902  O  OE2 . GLU A 1 122 ? 3.510   -7.926  -14.373 1.00 39.29 ? 122 GLU A OE2 1 
ATOM   903  N  N   . PHE A 1 123 ? 8.532   -6.338  -11.656 1.00 27.89 ? 123 PHE A N   1 
ATOM   904  C  CA  . PHE A 1 123 ? 9.218   -5.076  -11.943 1.00 27.10 ? 123 PHE A CA  1 
ATOM   905  C  C   . PHE A 1 123 ? 10.468  -4.939  -11.102 1.00 26.20 ? 123 PHE A C   1 
ATOM   906  O  O   . PHE A 1 123 ? 10.545  -5.492  -10.005 1.00 23.90 ? 123 PHE A O   1 
ATOM   907  C  CB  . PHE A 1 123 ? 8.290   -3.864  -11.775 1.00 26.12 ? 123 PHE A CB  1 
ATOM   908  C  CG  . PHE A 1 123 ? 6.960   -3.975  -12.447 1.00 27.13 ? 123 PHE A CG  1 
ATOM   909  C  CD1 . PHE A 1 123 ? 5.835   -4.312  -11.709 1.00 24.73 ? 123 PHE A CD1 1 
ATOM   910  C  CD2 . PHE A 1 123 ? 6.810   -3.788  -13.823 1.00 28.00 ? 123 PHE A CD2 1 
ATOM   911  C  CE1 . PHE A 1 123 ? 4.602   -4.438  -12.321 1.00 26.67 ? 123 PHE A CE1 1 
ATOM   912  C  CE2 . PHE A 1 123 ? 5.573   -3.885  -14.433 1.00 28.09 ? 123 PHE A CE2 1 
ATOM   913  C  CZ  . PHE A 1 123 ? 4.460   -4.203  -13.666 1.00 27.62 ? 123 PHE A CZ  1 
ATOM   914  N  N   . GLU A 1 124 ? 11.433  -4.153  -11.599 1.00 25.87 ? 124 GLU A N   1 
ATOM   915  C  CA  . GLU A 1 124 ? 12.608  -3.850  -10.783 1.00 25.91 ? 124 GLU A CA  1 
ATOM   916  C  C   . GLU A 1 124 ? 12.285  -2.957  -9.581  1.00 23.99 ? 124 GLU A C   1 
ATOM   917  O  O   . GLU A 1 124 ? 12.812  -3.121  -8.455  1.00 22.48 ? 124 GLU A O   1 
ATOM   918  C  CB  . GLU A 1 124 ? 13.664  -3.158  -11.664 1.00 29.03 ? 124 GLU A CB  1 
ATOM   919  C  CG  . GLU A 1 124 ? 14.022  -4.051  -12.858 1.00 34.20 ? 124 GLU A CG  1 
ATOM   920  C  CD  . GLU A 1 124 ? 14.483  -5.436  -12.483 1.00 35.44 ? 124 GLU A CD  1 
ATOM   921  O  OE1 . GLU A 1 124 ? 15.282  -5.523  -11.523 1.00 37.11 ? 124 GLU A OE1 1 
ATOM   922  O  OE2 . GLU A 1 124 ? 14.047  -6.438  -13.101 1.00 38.27 ? 124 GLU A OE2 1 
ATOM   923  N  N   . THR A 1 125 ? 11.440  -1.980  -9.898  1.00 20.42 ? 125 THR A N   1 
ATOM   924  C  CA  . THR A 1 125 ? 10.954  -1.093  -8.838  1.00 21.05 ? 125 THR A CA  1 
ATOM   925  C  C   . THR A 1 125 ? 9.426   -0.910  -8.993  1.00 18.59 ? 125 THR A C   1 
ATOM   926  O  O   . THR A 1 125 ? 8.932   -1.000  -10.106 1.00 21.18 ? 125 THR A O   1 
ATOM   927  C  CB  . THR A 1 125 ? 11.651  0.269   -8.796  1.00 19.07 ? 125 THR A CB  1 
ATOM   928  O  OG1 . THR A 1 125 ? 11.469  0.930   -10.071 1.00 20.94 ? 125 THR A OG1 1 
ATOM   929  C  CG2 . THR A 1 125 ? 13.166  0.202   -8.628  1.00 19.36 ? 125 THR A CG2 1 
ATOM   930  N  N   . ILE A 1 126 ? 8.785   -0.539  -7.903  1.00 17.66 ? 126 ILE A N   1 
ATOM   931  C  CA  . ILE A 1 126 ? 7.357   -0.124  -7.992  1.00 18.45 ? 126 ILE A CA  1 
ATOM   932  C  C   . ILE A 1 126 ? 7.170   1.220   -7.293  1.00 18.37 ? 126 ILE A C   1 
ATOM   933  O  O   . ILE A 1 126 ? 8.065   1.698   -6.592  1.00 20.20 ? 126 ILE A O   1 
ATOM   934  C  CB  . ILE A 1 126 ? 6.375   -1.133  -7.372  1.00 17.02 ? 126 ILE A CB  1 
ATOM   935  C  CG1 . ILE A 1 126 ? 6.705   -1.386  -5.871  1.00 17.55 ? 126 ILE A CG1 1 
ATOM   936  C  CG2 . ILE A 1 126 ? 6.384   -2.472  -8.093  1.00 19.42 ? 126 ILE A CG2 1 
ATOM   937  C  CD1 . ILE A 1 126 ? 5.647   -2.149  -5.104  1.00 19.97 ? 126 ILE A CD1 1 
ATOM   938  N  N   . TYR A 1 127 ? 6.017   1.866   -7.457  1.00 17.77 ? 127 TYR A N   1 
ATOM   939  C  CA  . TYR A 1 127 ? 5.794   3.183   -6.858  1.00 14.87 ? 127 TYR A CA  1 
ATOM   940  C  C   . TYR A 1 127 ? 4.664   3.007   -5.819  1.00 16.69 ? 127 TYR A C   1 
ATOM   941  O  O   . TYR A 1 127 ? 3.660   2.363   -6.187  1.00 17.93 ? 127 TYR A O   1 
ATOM   942  C  CB  . TYR A 1 127 ? 5.358   4.170   -7.919  1.00 16.56 ? 127 TYR A CB  1 
ATOM   943  C  CG  . TYR A 1 127 ? 6.442   4.595   -8.882  1.00 18.88 ? 127 TYR A CG  1 
ATOM   944  C  CD1 . TYR A 1 127 ? 6.923   3.719   -9.847  1.00 19.48 ? 127 TYR A CD1 1 
ATOM   945  C  CD2 . TYR A 1 127 ? 6.958   5.886   -8.783  1.00 20.17 ? 127 TYR A CD2 1 
ATOM   946  C  CE1 . TYR A 1 127 ? 7.942   4.172   -10.711 1.00 20.63 ? 127 TYR A CE1 1 
ATOM   947  C  CE2 . TYR A 1 127 ? 7.935   6.325   -9.640  1.00 20.80 ? 127 TYR A CE2 1 
ATOM   948  C  CZ  . TYR A 1 127 ? 8.414   5.448   -10.595 1.00 22.26 ? 127 TYR A CZ  1 
ATOM   949  O  OH  . TYR A 1 127 ? 9.377   5.908   -11.482 1.00 25.19 ? 127 TYR A OH  1 
ATOM   950  N  N   . VAL A 1 128 ? 4.884   3.526   -4.639  1.00 15.42 ? 128 VAL A N   1 
ATOM   951  C  CA  . VAL A 1 128 ? 3.769   3.477   -3.663  1.00 17.37 ? 128 VAL A CA  1 
ATOM   952  C  C   . VAL A 1 128 ? 3.578   4.882   -3.147  1.00 18.01 ? 128 VAL A C   1 
ATOM   953  O  O   . VAL A 1 128 ? 4.542   5.662   -3.243  1.00 18.59 ? 128 VAL A O   1 
ATOM   954  C  CB  . VAL A 1 128 ? 4.068   2.545   -2.462  1.00 16.43 ? 128 VAL A CB  1 
ATOM   955  C  CG1 . VAL A 1 128 ? 4.092   1.073   -2.907  1.00 19.45 ? 128 VAL A CG1 1 
ATOM   956  C  CG2 . VAL A 1 128 ? 5.335   2.903   -1.716  1.00 19.58 ? 128 VAL A CG2 1 
ATOM   957  N  N   . SER A 1 129 ? 2.465   5.178   -2.465  1.00 17.86 ? 129 SER A N   1 
ATOM   958  C  CA  . SER A 1 129 ? 2.295   6.507   -1.904  1.00 16.40 ? 129 SER A CA  1 
ATOM   959  C  C   . SER A 1 129 ? 3.387   6.885   -0.920  1.00 18.30 ? 129 SER A C   1 
ATOM   960  O  O   . SER A 1 129 ? 3.824   6.050   -0.117  1.00 18.62 ? 129 SER A O   1 
ATOM   961  C  CB  . SER A 1 129 ? 0.922   6.565   -1.155  1.00 17.69 ? 129 SER A CB  1 
ATOM   962  O  OG  . SER A 1 129 ? 0.845   7.802   -0.507  1.00 17.05 ? 129 SER A OG  1 
ATOM   963  N  N   . GLY A 1 130 ? 3.841   8.149   -1.004  1.00 19.47 ? 130 GLY A N   1 
ATOM   964  C  CA  . GLY A 1 130 ? 4.794   8.646   0.012   1.00 20.79 ? 130 GLY A CA  1 
ATOM   965  C  C   . GLY A 1 130 ? 4.086   9.149   1.266   1.00 22.68 ? 130 GLY A C   1 
ATOM   966  O  O   . GLY A 1 130 ? 4.726   9.646   2.201   1.00 22.78 ? 130 GLY A O   1 
ATOM   967  N  N   . GLY A 1 131 ? 2.791   8.943   1.384   1.00 20.85 ? 131 GLY A N   1 
ATOM   968  C  CA  . GLY A 1 131 ? 2.074   9.280   2.614   1.00 23.45 ? 131 GLY A CA  1 
ATOM   969  C  C   . GLY A 1 131 ? 1.440   10.659  2.583   1.00 25.02 ? 131 GLY A C   1 
ATOM   970  O  O   . GLY A 1 131 ? 0.922   11.124  3.607   1.00 24.24 ? 131 GLY A O   1 
ATOM   971  N  N   . LYS A 1 132 ? 1.436   11.296  1.417   1.00 24.55 ? 132 LYS A N   1 
ATOM   972  C  CA  . LYS A 1 132 ? 0.790   12.589  1.235   1.00 26.89 ? 132 LYS A CA  1 
ATOM   973  C  C   . LYS A 1 132 ? 0.608   12.753  -0.280  1.00 28.54 ? 132 LYS A C   1 
ATOM   974  O  O   . LYS A 1 132 ? 1.475   12.286  -1.047  1.00 25.35 ? 132 LYS A O   1 
ATOM   975  C  CB  . LYS A 1 132 ? 1.509   13.762  1.857   1.00 28.74 ? 132 LYS A CB  1 
ATOM   976  C  CG  . LYS A 1 132 ? 2.741   14.376  1.297   1.00 32.34 ? 132 LYS A CG  1 
ATOM   977  C  CD  . LYS A 1 132 ? 2.975   15.823  1.715   1.00 35.46 ? 132 LYS A CD  1 
ATOM   978  C  CE  . LYS A 1 132 ? 3.394   16.693  0.553   1.00 37.61 ? 132 LYS A CE  1 
ATOM   979  N  NZ  . LYS A 1 132 ? 4.822   16.973  0.328   1.00 38.16 ? 132 LYS A NZ  1 
ATOM   980  N  N   . ARG A 1 133 ? -0.550  13.299  -0.654  1.00 25.96 ? 133 ARG A N   1 
ATOM   981  C  CA  . ARG A 1 133 ? -0.779  13.575  -2.061  1.00 27.25 ? 133 ARG A CA  1 
ATOM   982  C  C   . ARG A 1 133 ? 0.386   14.361  -2.646  1.00 25.77 ? 133 ARG A C   1 
ATOM   983  O  O   . ARG A 1 133 ? 0.855   15.332  -2.051  1.00 27.84 ? 133 ARG A O   1 
ATOM   984  C  CB  . ARG A 1 133 ? -2.128  14.294  -2.228  1.00 28.43 ? 133 ARG A CB  1 
ATOM   985  C  CG  . ARG A 1 133 ? -3.360  13.436  -2.017  1.00 31.26 ? 133 ARG A CG  1 
ATOM   986  C  CD  A ARG A 1 133 ? -4.630  14.181  -2.457  0.50 32.48 ? 133 ARG A CD  1 
ATOM   987  C  CD  B ARG A 1 133 ? -4.650  14.112  -2.429  0.50 32.80 ? 133 ARG A CD  1 
ATOM   988  N  NE  A ARG A 1 133 ? -5.855  13.492  -2.071  0.50 33.79 ? 133 ARG A NE  1 
ATOM   989  N  NE  B ARG A 1 133 ? -4.754  14.363  -3.858  0.50 34.25 ? 133 ARG A NE  1 
ATOM   990  C  CZ  A ARG A 1 133 ? -6.946  14.029  -1.551  0.50 34.82 ? 133 ARG A CZ  1 
ATOM   991  C  CZ  B ARG A 1 133 ? -5.781  14.989  -4.412  0.50 35.61 ? 133 ARG A CZ  1 
ATOM   992  N  NH1 A ARG A 1 133 ? -7.024  15.332  -1.313  0.50 35.57 ? 133 ARG A NH1 1 
ATOM   993  N  NH1 B ARG A 1 133 ? -6.744  15.397  -3.585  0.50 36.80 ? 133 ARG A NH1 1 
ATOM   994  N  NH2 A ARG A 1 133 ? -7.996  13.263  -1.248  0.50 35.34 ? 133 ARG A NH2 1 
ATOM   995  N  NH2 B ARG A 1 133 ? -5.883  15.227  -5.708  0.50 36.05 ? 133 ARG A NH2 1 
ATOM   996  N  N   . GLY A 1 134 ? 0.909   13.988  -3.816  1.00 21.96 ? 134 GLY A N   1 
ATOM   997  C  CA  . GLY A 1 134 ? 2.008   14.660  -4.442  1.00 21.75 ? 134 GLY A CA  1 
ATOM   998  C  C   . GLY A 1 134 ? 3.363   14.022  -4.123  1.00 21.82 ? 134 GLY A C   1 
ATOM   999  O  O   . GLY A 1 134 ? 4.354   14.508  -4.656  1.00 24.69 ? 134 GLY A O   1 
ATOM   1000 N  N   . LEU A 1 135 ? 3.413   12.978  -3.298  1.00 22.18 ? 135 LEU A N   1 
ATOM   1001 C  CA  . LEU A 1 135 ? 4.684   12.303  -3.056  1.00 20.48 ? 135 LEU A CA  1 
ATOM   1002 C  C   . LEU A 1 135 ? 4.508   10.836  -3.429  1.00 21.10 ? 135 LEU A C   1 
ATOM   1003 O  O   . LEU A 1 135 ? 3.540   10.238  -2.935  1.00 21.88 ? 135 LEU A O   1 
ATOM   1004 C  CB  . LEU A 1 135 ? 5.125   12.291  -1.586  1.00 24.49 ? 135 LEU A CB  1 
ATOM   1005 C  CG  . LEU A 1 135 ? 5.203   13.559  -0.752  1.00 26.71 ? 135 LEU A CG  1 
ATOM   1006 C  CD1 . LEU A 1 135 ? 5.872   13.230  0.586   1.00 29.10 ? 135 LEU A CD1 1 
ATOM   1007 C  CD2 . LEU A 1 135 ? 5.981   14.631  -1.493  1.00 29.14 ? 135 LEU A CD2 1 
ATOM   1008 N  N   . SER A 1 136 ? 5.448   10.280  -4.169  1.00 21.56 ? 136 SER A N   1 
ATOM   1009 C  CA  . SER A 1 136 ? 5.449   8.848   -4.460  1.00 19.58 ? 136 SER A CA  1 
ATOM   1010 C  C   . SER A 1 136 ? 6.853   8.285   -4.163  1.00 17.74 ? 136 SER A C   1 
ATOM   1011 O  O   . SER A 1 136 ? 7.825   8.921   -4.464  1.00 18.30 ? 136 SER A O   1 
ATOM   1012 C  CB  A SER A 1 136 ? 5.038   8.620   -5.903  0.50 18.77 ? 136 SER A CB  1 
ATOM   1013 C  CB  B SER A 1 136 ? 5.183   8.522   -5.918  0.50 19.26 ? 136 SER A CB  1 
ATOM   1014 O  OG  A SER A 1 136 ? 5.199   7.278   -6.307  0.50 16.73 ? 136 SER A OG  1 
ATOM   1015 O  OG  B SER A 1 136 ? 3.935   8.788   -6.481  0.50 18.12 ? 136 SER A OG  1 
ATOM   1016 N  N   . VAL A 1 137 ? 6.930   7.165   -3.490  1.00 17.48 ? 137 VAL A N   1 
ATOM   1017 C  CA  . VAL A 1 137 ? 8.181   6.433   -3.267  1.00 17.73 ? 137 VAL A CA  1 
ATOM   1018 C  C   . VAL A 1 137 ? 8.364   5.382   -4.328  1.00 16.81 ? 137 VAL A C   1 
ATOM   1019 O  O   . VAL A 1 137 ? 7.622   4.399   -4.405  1.00 15.86 ? 137 VAL A O   1 
ATOM   1020 C  CB  . VAL A 1 137 ? 8.114   5.820   -1.831  1.00 15.48 ? 137 VAL A CB  1 
ATOM   1021 C  CG1 . VAL A 1 137 ? 9.243   4.804   -1.598  1.00 19.08 ? 137 VAL A CG1 1 
ATOM   1022 C  CG2 . VAL A 1 137 ? 8.150   6.946   -0.821  1.00 18.01 ? 137 VAL A CG2 1 
ATOM   1023 N  N   . GLU A 1 138 ? 9.507   5.441   -5.032  1.00 15.66 ? 138 GLU A N   1 
ATOM   1024 C  CA  . GLU A 1 138 ? 9.918   4.300   -5.883  1.00 15.01 ? 138 GLU A CA  1 
ATOM   1025 C  C   . GLU A 1 138 ? 10.834  3.374   -5.120  1.00 16.28 ? 138 GLU A C   1 
ATOM   1026 O  O   . GLU A 1 138 ? 11.877  3.842   -4.624  1.00 19.05 ? 138 GLU A O   1 
ATOM   1027 C  CB  . GLU A 1 138 ? 10.620  4.854   -7.135  1.00 15.25 ? 138 GLU A CB  1 
ATOM   1028 C  CG  . GLU A 1 138 ? 11.213  3.725   -8.041  1.00 18.27 ? 138 GLU A CG  1 
ATOM   1029 C  CD  . GLU A 1 138 ? 11.925  4.287   -9.261  1.00 19.23 ? 138 GLU A CD  1 
ATOM   1030 O  OE1 . GLU A 1 138 ? 12.131  5.509   -9.302  1.00 16.40 ? 138 GLU A OE1 1 
ATOM   1031 O  OE2 . GLU A 1 138 ? 12.256  3.454   -10.157 1.00 17.40 ? 138 GLU A OE2 1 
ATOM   1032 N  N   . ILE A 1 139 ? 10.565  2.086   -5.142  1.00 16.01 ? 139 ILE A N   1 
ATOM   1033 C  CA  . ILE A 1 139 ? 11.243  1.132   -4.266  1.00 16.49 ? 139 ILE A CA  1 
ATOM   1034 C  C   . ILE A 1 139 ? 11.238  -0.239  -4.917  1.00 16.76 ? 139 ILE A C   1 
ATOM   1035 O  O   . ILE A 1 139 ? 10.222  -0.603  -5.546  1.00 16.33 ? 139 ILE A O   1 
ATOM   1036 C  CB  . ILE A 1 139 ? 10.487  1.129   -2.904  1.00 18.30 ? 139 ILE A CB  1 
ATOM   1037 C  CG1 . ILE A 1 139 ? 11.225  0.221   -1.908  1.00 17.63 ? 139 ILE A CG1 1 
ATOM   1038 C  CG2 . ILE A 1 139 ? 9.023   0.747   -3.023  1.00 16.84 ? 139 ILE A CG2 1 
ATOM   1039 C  CD1 . ILE A 1 139 ? 10.790  0.396   -0.469  1.00 18.59 ? 139 ILE A CD1 1 
ATOM   1040 N  N   . ALA A 1 140 ? 12.300  -1.019  -4.756  1.00 15.68 ? 140 ALA A N   1 
ATOM   1041 C  CA  . ALA A 1 140 ? 12.316  -2.424  -5.131  1.00 18.27 ? 140 ALA A CA  1 
ATOM   1042 C  C   . ALA A 1 140 ? 11.270  -3.201  -4.340  1.00 18.29 ? 140 ALA A C   1 
ATOM   1043 O  O   . ALA A 1 140 ? 11.145  -2.980  -3.129  1.00 19.65 ? 140 ALA A O   1 
ATOM   1044 C  CB  . ALA A 1 140 ? 13.712  -3.005  -4.864  1.00 18.63 ? 140 ALA A CB  1 
ATOM   1045 N  N   . PRO A 1 141 ? 10.484  -4.033  -4.990  1.00 20.11 ? 141 PRO A N   1 
ATOM   1046 C  CA  . PRO A 1 141 ? 9.389   -4.729  -4.315  1.00 19.98 ? 141 PRO A CA  1 
ATOM   1047 C  C   . PRO A 1 141 ? 9.905   -5.605  -3.187  1.00 20.13 ? 141 PRO A C   1 
ATOM   1048 O  O   . PRO A 1 141 ? 9.279   -5.703  -2.112  1.00 20.28 ? 141 PRO A O   1 
ATOM   1049 C  CB  . PRO A 1 141 ? 8.645   -5.488  -5.399  1.00 19.34 ? 141 PRO A CB  1 
ATOM   1050 C  CG  . PRO A 1 141 ? 9.463   -5.347  -6.649  1.00 19.91 ? 141 PRO A CG  1 
ATOM   1051 C  CD  . PRO A 1 141 ? 10.354  -4.151  -6.463  1.00 18.13 ? 141 PRO A CD  1 
ATOM   1052 N  N   . GLN A 1 142 ? 11.071  -6.225  -3.394  1.00 21.49 ? 142 GLN A N   1 
ATOM   1053 C  CA  . GLN A 1 142 ? 11.552  -7.105  -2.300  1.00 21.84 ? 142 GLN A CA  1 
ATOM   1054 C  C   . GLN A 1 142 ? 11.993  -6.266  -1.111  1.00 20.96 ? 142 GLN A C   1 
ATOM   1055 O  O   . GLN A 1 142 ? 11.956  -6.746  0.025   1.00 22.28 ? 142 GLN A O   1 
ATOM   1056 C  CB  . GLN A 1 142 ? 12.625  -8.035  -2.863  1.00 23.97 ? 142 GLN A CB  1 
ATOM   1057 C  CG  . GLN A 1 142 ? 12.020  -9.083  -3.827  1.00 26.45 ? 142 GLN A CG  1 
ATOM   1058 C  CD  . GLN A 1 142 ? 11.457  -10.286 -3.085  1.00 30.82 ? 142 GLN A CD  1 
ATOM   1059 O  OE1 . GLN A 1 142 ? 11.409  -10.380 -1.855  1.00 32.39 ? 142 GLN A OE1 1 
ATOM   1060 N  NE2 . GLN A 1 142 ? 11.081  -11.340 -3.818  1.00 32.72 ? 142 GLN A NE2 1 
ATOM   1061 N  N   . ASP A 1 143 ? 12.467  -5.035  -1.341  1.00 20.92 ? 143 ASP A N   1 
ATOM   1062 C  CA  . ASP A 1 143 ? 12.868  -4.171  -0.230  1.00 20.83 ? 143 ASP A CA  1 
ATOM   1063 C  C   . ASP A 1 143 ? 11.633  -3.690  0.530   1.00 19.64 ? 143 ASP A C   1 
ATOM   1064 O  O   . ASP A 1 143 ? 11.615  -3.672  1.762   1.00 19.62 ? 143 ASP A O   1 
ATOM   1065 C  CB  . ASP A 1 143 ? 13.689  -2.973  -0.639  1.00 21.91 ? 143 ASP A CB  1 
ATOM   1066 C  CG  . ASP A 1 143 ? 15.059  -3.355  -1.210  1.00 24.10 ? 143 ASP A CG  1 
ATOM   1067 O  OD1 . ASP A 1 143 ? 15.484  -4.527  -1.081  1.00 26.29 ? 143 ASP A OD1 1 
ATOM   1068 O  OD2 . ASP A 1 143 ? 15.680  -2.457  -1.813  1.00 25.48 ? 143 ASP A OD2 1 
ATOM   1069 N  N   . LEU A 1 144 ? 10.590  -3.398  -0.237  1.00 19.20 ? 144 LEU A N   1 
ATOM   1070 C  CA  . LEU A 1 144 ? 9.346   -3.014  0.478   1.00 19.90 ? 144 LEU A CA  1 
ATOM   1071 C  C   . LEU A 1 144 ? 8.906   -4.171  1.362   1.00 18.14 ? 144 LEU A C   1 
ATOM   1072 O  O   . LEU A 1 144 ? 8.492   -4.016  2.505   1.00 16.89 ? 144 LEU A O   1 
ATOM   1073 C  CB  . LEU A 1 144 ? 8.235   -2.651  -0.507  1.00 18.29 ? 144 LEU A CB  1 
ATOM   1074 C  CG  . LEU A 1 144 ? 6.892   -2.261  0.119   1.00 17.20 ? 144 LEU A CG  1 
ATOM   1075 C  CD1 . LEU A 1 144 ? 7.014   -0.978  0.917   1.00 13.14 ? 144 LEU A CD1 1 
ATOM   1076 C  CD2 . LEU A 1 144 ? 5.840   -2.082  -0.979  1.00 17.64 ? 144 LEU A CD2 1 
ATOM   1077 N  N   . ALA A 1 145 ? 8.872   -5.378  0.780   1.00 19.88 ? 145 ALA A N   1 
ATOM   1078 C  CA  . ALA A 1 145 ? 8.429   -6.528  1.561   1.00 20.03 ? 145 ALA A CA  1 
ATOM   1079 C  C   . ALA A 1 145 ? 9.285   -6.776  2.797   1.00 19.07 ? 145 ALA A C   1 
ATOM   1080 O  O   . ALA A 1 145 ? 8.728   -7.113  3.854   1.00 17.86 ? 145 ALA A O   1 
ATOM   1081 C  CB  . ALA A 1 145 ? 8.392   -7.711  0.617   1.00 20.24 ? 145 ALA A CB  1 
ATOM   1082 N  N   . LYS A 1 146 ? 10.591  -6.570  2.698   1.00 20.19 ? 146 LYS A N   1 
ATOM   1083 C  CA  . LYS A 1 146 ? 11.483  -6.866  3.819   1.00 19.66 ? 146 LYS A CA  1 
ATOM   1084 C  C   . LYS A 1 146 ? 11.187  -5.866  4.942   1.00 20.24 ? 146 LYS A C   1 
ATOM   1085 O  O   . LYS A 1 146 ? 11.177  -6.298  6.077   1.00 20.75 ? 146 LYS A O   1 
ATOM   1086 C  CB  . LYS A 1 146 ? 12.970  -6.812  3.450   1.00 21.16 ? 146 LYS A CB  1 
ATOM   1087 C  CG  . LYS A 1 146 ? 13.872  -7.226  4.611   1.00 24.24 ? 146 LYS A CG  1 
ATOM   1088 C  CD  . LYS A 1 146 ? 15.251  -7.669  4.115   1.00 27.12 ? 146 LYS A CD  1 
ATOM   1089 C  CE  . LYS A 1 146 ? 16.150  -7.848  5.342   1.00 29.50 ? 146 LYS A CE  1 
ATOM   1090 N  NZ  . LYS A 1 146 ? 17.553  -8.101  4.919   1.00 32.94 ? 146 LYS A NZ  1 
ATOM   1091 N  N   . VAL A 1 147 ? 10.985  -4.600  4.653   1.00 20.73 ? 147 VAL A N   1 
ATOM   1092 C  CA  . VAL A 1 147 ? 10.696  -3.584  5.663   1.00 23.18 ? 147 VAL A CA  1 
ATOM   1093 C  C   . VAL A 1 147 ? 9.404   -3.905  6.408   1.00 24.13 ? 147 VAL A C   1 
ATOM   1094 O  O   . VAL A 1 147 ? 9.336   -3.760  7.637   1.00 21.64 ? 147 VAL A O   1 
ATOM   1095 C  CB  . VAL A 1 147 ? 10.597  -2.162  5.080   1.00 23.65 ? 147 VAL A CB  1 
ATOM   1096 C  CG1 . VAL A 1 147 ? 10.369  -1.091  6.150   1.00 27.31 ? 147 VAL A CG1 1 
ATOM   1097 C  CG2 . VAL A 1 147 ? 11.877  -1.782  4.350   1.00 26.27 ? 147 VAL A CG2 1 
ATOM   1098 N  N   . LEU A 1 148 ? 8.410   -4.379  5.644   1.00 23.69 ? 148 LEU A N   1 
ATOM   1099 C  CA  . LEU A 1 148 ? 7.109   -4.636  6.250   1.00 24.00 ? 148 LEU A CA  1 
ATOM   1100 C  C   . LEU A 1 148 ? 6.853   -6.079  6.677   1.00 24.88 ? 148 LEU A C   1 
ATOM   1101 O  O   . LEU A 1 148 ? 5.788   -6.342  7.261   1.00 25.93 ? 148 LEU A O   1 
ATOM   1102 C  CB  . LEU A 1 148 ? 6.030   -4.168  5.259   1.00 21.78 ? 148 LEU A CB  1 
ATOM   1103 C  CG  . LEU A 1 148 ? 6.065   -2.664  4.919   1.00 21.94 ? 148 LEU A CG  1 
ATOM   1104 C  CD1 . LEU A 1 148 ? 5.010   -2.350  3.856   1.00 19.23 ? 148 LEU A CD1 1 
ATOM   1105 C  CD2 . LEU A 1 148 ? 5.901   -1.810  6.158   1.00 23.26 ? 148 LEU A CD2 1 
ATOM   1106 N  N   . GLY A 1 149 ? 7.813   -6.983  6.456   1.00 24.69 ? 149 GLY A N   1 
ATOM   1107 C  CA  . GLY A 1 149 ? 7.566   -8.404  6.751   1.00 25.16 ? 149 GLY A CA  1 
ATOM   1108 C  C   . GLY A 1 149 ? 6.358   -8.899  5.968   1.00 24.94 ? 149 GLY A C   1 
ATOM   1109 O  O   . GLY A 1 149 ? 5.568   -9.764  6.369   1.00 24.46 ? 149 GLY A O   1 
ATOM   1110 N  N   . ALA A 1 150 ? 6.298   -8.452  4.693   1.00 23.43 ? 150 ALA A N   1 
ATOM   1111 C  CA  . ALA A 1 150 ? 5.170   -8.719  3.835   1.00 21.52 ? 150 ALA A CA  1 
ATOM   1112 C  C   . ALA A 1 150 ? 5.385   -9.995  3.021   1.00 22.41 ? 150 ALA A C   1 
ATOM   1113 O  O   . ALA A 1 150 ? 6.518   -10.395 2.792   1.00 21.09 ? 150 ALA A O   1 
ATOM   1114 C  CB  . ALA A 1 150 ? 4.971   -7.579  2.817   1.00 20.94 ? 150 ALA A CB  1 
ATOM   1115 N  N   . GLU A 1 151 ? 4.301   -10.596 2.609   1.00 22.47 ? 151 GLU A N   1 
ATOM   1116 C  CA  . GLU A 1 151 ? 4.206   -11.751 1.743   1.00 23.15 ? 151 GLU A CA  1 
ATOM   1117 C  C   . GLU A 1 151 ? 3.819   -11.288 0.343   1.00 21.51 ? 151 GLU A C   1 
ATOM   1118 O  O   . GLU A 1 151 ? 3.242   -10.186 0.177   1.00 18.67 ? 151 GLU A O   1 
ATOM   1119 C  CB  A GLU A 1 151 ? 3.120   -12.709 2.242   0.50 26.98 ? 151 GLU A CB  1 
ATOM   1120 C  CB  B GLU A 1 151 ? 3.156   -12.712 2.325   0.50 25.99 ? 151 GLU A CB  1 
ATOM   1121 C  CG  A GLU A 1 151 ? 3.520   -14.180 2.099   0.50 30.64 ? 151 GLU A CG  1 
ATOM   1122 C  CG  B GLU A 1 151 ? 3.409   -13.176 3.763   0.50 27.62 ? 151 GLU A CG  1 
ATOM   1123 C  CD  A GLU A 1 151 ? 2.609   -15.023 2.948   0.50 32.61 ? 151 GLU A CD  1 
ATOM   1124 C  CD  B GLU A 1 151 ? 2.382   -14.166 4.256   0.50 30.96 ? 151 GLU A CD  1 
ATOM   1125 O  OE1 A GLU A 1 151 ? 2.330   -14.630 4.104   0.50 36.70 ? 151 GLU A OE1 1 
ATOM   1126 O  OE1 B GLU A 1 151 ? 1.511   -14.509 3.418   0.50 32.55 ? 151 GLU A OE1 1 
ATOM   1127 O  OE2 A GLU A 1 151 ? 2.119   -16.081 2.503   0.50 35.00 ? 151 GLU A OE2 1 
ATOM   1128 O  OE2 B GLU A 1 151 ? 2.315   -14.696 5.392   0.50 29.84 ? 151 GLU A OE2 1 
ATOM   1129 N  N   . PHE A 1 152 ? 4.207   -12.052 -0.691  1.00 18.24 ? 152 PHE A N   1 
ATOM   1130 C  CA  . PHE A 1 152 ? 3.724   -11.839 -2.016  1.00 20.19 ? 152 PHE A CA  1 
ATOM   1131 C  C   . PHE A 1 152 ? 2.693   -12.903 -2.384  1.00 21.15 ? 152 PHE A C   1 
ATOM   1132 O  O   . PHE A 1 152 ? 3.061   -14.077 -2.385  1.00 21.84 ? 152 PHE A O   1 
ATOM   1133 C  CB  . PHE A 1 152 ? 4.799   -11.797 -3.119  1.00 22.51 ? 152 PHE A CB  1 
ATOM   1134 C  CG  . PHE A 1 152 ? 5.748   -10.644 -2.952  1.00 21.98 ? 152 PHE A CG  1 
ATOM   1135 C  CD1 . PHE A 1 152 ? 6.952   -10.825 -2.279  1.00 20.45 ? 152 PHE A CD1 1 
ATOM   1136 C  CD2 . PHE A 1 152 ? 5.478   -9.427  -3.543  1.00 21.01 ? 152 PHE A CD2 1 
ATOM   1137 C  CE1 . PHE A 1 152 ? 7.827   -9.763  -2.142  1.00 20.59 ? 152 PHE A CE1 1 
ATOM   1138 C  CE2 . PHE A 1 152 ? 6.370   -8.366  -3.450  1.00 20.74 ? 152 PHE A CE2 1 
ATOM   1139 C  CZ  . PHE A 1 152 ? 7.546   -8.538  -2.734  1.00 20.79 ? 152 PHE A CZ  1 
ATOM   1140 N  N   . THR A 1 153 ? 1.475   -12.498 -2.678  1.00 22.45 ? 153 THR A N   1 
ATOM   1141 C  CA  . THR A 1 153 ? 0.382   -13.438 -2.984  1.00 21.94 ? 153 THR A CA  1 
ATOM   1142 C  C   . THR A 1 153 ? -0.548  -12.809 -4.017  1.00 19.50 ? 153 THR A C   1 
ATOM   1143 O  O   . THR A 1 153 ? -0.765  -11.584 -3.997  1.00 16.79 ? 153 THR A O   1 
ATOM   1144 C  CB  . THR A 1 153 ? -0.432  -13.712 -1.700  1.00 21.28 ? 153 THR A CB  1 
ATOM   1145 O  OG1 . THR A 1 153 ? 0.465   -14.156 -0.689  1.00 22.89 ? 153 THR A OG1 1 
ATOM   1146 C  CG2 . THR A 1 153 ? -1.533  -14.747 -1.853  1.00 20.68 ? 153 THR A CG2 1 
ATOM   1147 N  N   . ASP A 1 154 ? -1.269  -13.611 -4.786  1.00 21.36 ? 154 ASP A N   1 
ATOM   1148 C  CA  . ASP A 1 154 ? -2.294  -13.122 -5.700  1.00 22.83 ? 154 ASP A CA  1 
ATOM   1149 C  C   . ASP A 1 154 ? -3.532  -12.647 -4.944  1.00 22.68 ? 154 ASP A C   1 
ATOM   1150 O  O   . ASP A 1 154 ? -4.208  -13.473 -4.346  1.00 23.31 ? 154 ASP A O   1 
ATOM   1151 C  CB  . ASP A 1 154 ? -2.719  -14.250 -6.670  1.00 23.74 ? 154 ASP A CB  1 
ATOM   1152 C  CG  . ASP A 1 154 ? -3.813  -13.825 -7.621  1.00 23.89 ? 154 ASP A CG  1 
ATOM   1153 O  OD1 . ASP A 1 154 ? -4.075  -12.640 -7.951  1.00 26.72 ? 154 ASP A OD1 1 
ATOM   1154 O  OD2 . ASP A 1 154 ? -4.538  -14.705 -8.108  1.00 26.77 ? 154 ASP A OD2 1 
ATOM   1155 N  N   . ILE A 1 155 ? -3.844  -11.358 -4.974  1.00 21.82 ? 155 ILE A N   1 
ATOM   1156 C  CA  . ILE A 1 155 ? -4.941  -10.780 -4.224  1.00 20.97 ? 155 ILE A CA  1 
ATOM   1157 C  C   . ILE A 1 155 ? -5.854  -9.940  -5.089  1.00 21.54 ? 155 ILE A C   1 
ATOM   1158 O  O   . ILE A 1 155 ? -6.667  -9.161  -4.555  1.00 21.86 ? 155 ILE A O   1 
ATOM   1159 C  CB  . ILE A 1 155 ? -4.469  -9.893  -3.019  1.00 20.61 ? 155 ILE A CB  1 
ATOM   1160 C  CG1 . ILE A 1 155 ? -3.542  -8.788  -3.518  1.00 20.85 ? 155 ILE A CG1 1 
ATOM   1161 C  CG2 . ILE A 1 155 ? -3.848  -10.840 -1.998  1.00 21.05 ? 155 ILE A CG2 1 
ATOM   1162 C  CD1 . ILE A 1 155 ? -3.038  -7.758  -2.550  1.00 22.06 ? 155 ILE A CD1 1 
ATOM   1163 N  N   . VAL A 1 156 ? -5.712  -10.033 -6.420  1.00 23.49 ? 156 VAL A N   1 
ATOM   1164 C  CA  . VAL A 1 156 ? -6.489  -9.193  -7.303  1.00 24.03 ? 156 VAL A CA  1 
ATOM   1165 C  C   . VAL A 1 156 ? -7.466  -9.971  -8.172  1.00 29.41 ? 156 VAL A C   1 
ATOM   1166 O  O   . VAL A 1 156 ? -7.372  -11.192 -8.339  1.00 28.39 ? 156 VAL A O   1 
ATOM   1167 C  CB  . VAL A 1 156 ? -5.629  -8.285  -8.217  1.00 23.10 ? 156 VAL A CB  1 
ATOM   1168 C  CG1 . VAL A 1 156 ? -4.769  -7.349  -7.387  1.00 21.18 ? 156 VAL A CG1 1 
ATOM   1169 C  CG2 . VAL A 1 156 ? -4.787  -9.148  -9.183  1.00 21.78 ? 156 VAL A CG2 1 
ATOM   1170 N  N   . ASP A 1 157 ? -8.345  -9.190  -8.806  1.00 34.88 ? 157 ASP A N   1 
ATOM   1171 C  CA  . ASP A 1 157 ? -9.213  -9.715  -9.859  1.00 42.12 ? 157 ASP A CA  1 
ATOM   1172 C  C   . ASP A 1 157 ? -8.629  -9.487  -11.253 1.00 46.51 ? 157 ASP A C   1 
ATOM   1173 O  O   . ASP A 1 157 ? -7.494  -9.070  -11.461 1.00 47.59 ? 157 ASP A O   1 
ATOM   1174 C  CB  . ASP A 1 157 ? -10.580 -9.045  -9.843  1.00 41.85 ? 157 ASP A CB  1 
ATOM   1175 C  CG  . ASP A 1 157 ? -11.426 -9.225  -8.620  1.00 43.23 ? 157 ASP A CG  1 
ATOM   1176 O  OD1 . ASP A 1 157 ? -11.732 -10.359 -8.210  1.00 44.85 ? 157 ASP A OD1 1 
ATOM   1177 O  OD2 . ASP A 1 157 ? -11.823 -8.199  -8.031  1.00 44.69 ? 157 ASP A OD2 1 
ATOM   1178 N  N   . GLU A 1 158 ? -9.482  -9.679  -12.261 1.00 51.65 ? 158 GLU A N   1 
ATOM   1179 C  CA  . GLU A 1 158 ? -9.090  -9.697  -13.662 1.00 54.58 ? 158 GLU A CA  1 
ATOM   1180 C  C   . GLU A 1 158 ? -8.171  -10.875 -13.976 1.00 55.48 ? 158 GLU A C   1 
ATOM   1181 O  O   . GLU A 1 158 ? -7.221  -11.090 -13.186 1.00 55.62 ? 158 GLU A O   1 
ATOM   1182 C  CB  . GLU A 1 158 ? -8.396  -8.390  -14.050 1.00 55.63 ? 158 GLU A CB  1 
ATOM   1183 C  CG  . GLU A 1 158 ? -8.254  -8.201  -15.550 1.00 57.07 ? 158 GLU A CG  1 
ATOM   1184 C  CD  . GLU A 1 158 ? -7.418  -6.999  -15.941 1.00 58.55 ? 158 GLU A CD  1 
ATOM   1185 O  OE1 . GLU A 1 158 ? -7.029  -6.212  -15.041 1.00 59.70 ? 158 GLU A OE1 1 
ATOM   1186 O  OE2 . GLU A 1 158 ? -7.134  -6.820  -17.153 1.00 58.24 ? 158 GLU A OE2 1 
ATOM   1187 O  OXT . GLU A 1 158 ? -8.425  -11.534 -15.013 1.00 56.42 ? 158 GLU A OXT 1 
HETATM 1188 HG HG  . HG  B 2 .   ? 0.900   -1.862  5.837   1.00 35.72 ? 260 HG  A HG  1 
HETATM 1189 O  O   . HOH C 3 .   ? 0.506   3.053   -2.109  1.00 19.78 ? 261 HOH A O   1 
HETATM 1190 O  O   . HOH C 3 .   ? -1.015  -5.437  -8.764  1.00 23.24 ? 262 HOH A O   1 
HETATM 1191 O  O   . HOH C 3 .   ? -13.404 -15.247 2.381   1.00 24.94 ? 263 HOH A O   1 
HETATM 1192 O  O   . HOH C 3 .   ? -2.109  4.213   -1.572  1.00 22.53 ? 264 HOH A O   1 
HETATM 1193 O  O   . HOH C 3 .   ? -14.455 -10.670 -6.834  1.00 37.83 ? 265 HOH A O   1 
HETATM 1194 O  O   . HOH C 3 .   ? -13.435 -12.371 2.345   1.00 18.06 ? 266 HOH A O   1 
HETATM 1195 O  O   . HOH C 3 .   ? 14.593  -0.242  -3.015  1.00 20.36 ? 267 HOH A O   1 
HETATM 1196 O  O   . HOH C 3 .   ? 12.892  -5.454  8.119   1.00 26.49 ? 268 HOH A O   1 
HETATM 1197 O  O   . HOH C 3 .   ? 8.411   6.568   10.523  1.00 25.81 ? 269 HOH A O   1 
HETATM 1198 O  O   . HOH C 3 .   ? 10.153  14.252  -8.742  1.00 27.93 ? 270 HOH A O   1 
HETATM 1199 O  O   . HOH C 3 .   ? -18.333 -1.501  3.285   1.00 31.12 ? 271 HOH A O   1 
HETATM 1200 O  O   . HOH C 3 .   ? -0.109  -14.898 1.748   1.00 24.93 ? 272 HOH A O   1 
HETATM 1201 O  O   . HOH C 3 .   ? -12.440 -10.809 15.968  1.00 25.15 ? 273 HOH A O   1 
HETATM 1202 O  O   . HOH C 3 .   ? 12.853  -6.403  -5.656  1.00 24.24 ? 274 HOH A O   1 
HETATM 1203 O  O   . HOH C 3 .   ? 15.356  10.678  -3.904  1.00 28.75 ? 275 HOH A O   1 
HETATM 1204 O  O   . HOH C 3 .   ? 4.722   0.962   7.764   1.00 23.19 ? 276 HOH A O   1 
HETATM 1205 O  O   . HOH C 3 .   ? 22.637  7.793   6.413   1.00 39.20 ? 277 HOH A O   1 
HETATM 1206 O  O   . HOH C 3 .   ? -8.610  -12.136 13.134  1.00 29.83 ? 278 HOH A O   1 
HETATM 1207 O  O   . HOH C 3 .   ? 1.580   7.454   9.568   1.00 29.09 ? 279 HOH A O   1 
HETATM 1208 O  O   . HOH C 3 .   ? 8.809   -10.600 4.538   1.00 28.34 ? 280 HOH A O   1 
HETATM 1209 O  O   . HOH C 3 .   ? 8.382   9.839   -13.579 1.00 28.12 ? 281 HOH A O   1 
HETATM 1210 O  O   . HOH C 3 .   ? 0.754   9.823   -17.694 1.00 28.27 ? 282 HOH A O   1 
HETATM 1211 O  O   . HOH C 3 .   ? 13.729  6.810   -11.270 1.00 25.62 ? 283 HOH A O   1 
HETATM 1212 O  O   . HOH C 3 .   ? -2.058  11.052  3.983   1.00 28.96 ? 284 HOH A O   1 
HETATM 1213 O  O   . HOH C 3 .   ? 21.266  2.274   2.045   1.00 43.10 ? 285 HOH A O   1 
HETATM 1214 O  O   . HOH C 3 .   ? 9.628   11.399  -11.792 1.00 26.08 ? 286 HOH A O   1 
HETATM 1215 O  O   . HOH C 3 .   ? 3.319   -8.404  7.515   1.00 23.44 ? 287 HOH A O   1 
HETATM 1216 O  O   . HOH C 3 .   ? 0.711   -4.777  -11.168 1.00 29.26 ? 288 HOH A O   1 
HETATM 1217 O  O   . HOH C 3 .   ? 2.398   6.910   -5.551  1.00 28.26 ? 289 HOH A O   1 
HETATM 1218 O  O   . HOH C 3 .   ? 14.513  8.755   9.974   1.00 31.32 ? 290 HOH A O   1 
HETATM 1219 O  O   . HOH C 3 .   ? -17.496 -18.720 11.584  1.00 26.32 ? 291 HOH A O   1 
HETATM 1220 O  O   . HOH C 3 .   ? -8.581  1.252   2.882   1.00 25.67 ? 292 HOH A O   1 
HETATM 1221 O  O   . HOH C 3 .   ? -10.246 -17.686 3.685   1.00 37.51 ? 293 HOH A O   1 
HETATM 1222 O  O   . HOH C 3 .   ? -4.345  6.276   -0.493  1.00 35.70 ? 294 HOH A O   1 
HETATM 1223 O  O   . HOH C 3 .   ? 5.156   -3.573  9.501   1.00 29.87 ? 295 HOH A O   1 
HETATM 1224 O  O   . HOH C 3 .   ? 5.609   -0.888  9.666   1.00 24.39 ? 296 HOH A O   1 
HETATM 1225 O  O   . HOH C 3 .   ? 17.579  -10.864 4.901   1.00 37.48 ? 297 HOH A O   1 
HETATM 1226 O  O   . HOH C 3 .   ? -10.840 -2.024  1.345   1.00 27.60 ? 298 HOH A O   1 
HETATM 1227 O  O   . HOH C 3 .   ? -10.783 -16.163 10.682  1.00 26.28 ? 299 HOH A O   1 
HETATM 1228 O  O   . HOH C 3 .   ? 0.910   4.671   -6.492  1.00 22.34 ? 300 HOH A O   1 
HETATM 1229 O  O   . HOH C 3 .   ? -1.914  14.613  1.385   1.00 30.51 ? 301 HOH A O   1 
HETATM 1230 O  O   . HOH C 3 .   ? 3.480   -4.945  7.861   1.00 29.58 ? 302 HOH A O   1 
HETATM 1231 O  O   . HOH C 3 .   ? -11.270 -16.835 1.314   1.00 25.63 ? 303 HOH A O   1 
HETATM 1232 O  O   . HOH C 3 .   ? -3.602  3.478   -12.622 1.00 44.44 ? 304 HOH A O   1 
HETATM 1233 O  O   . HOH C 3 .   ? -11.327 0.416   1.448   1.00 35.55 ? 305 HOH A O   1 
HETATM 1234 O  O   . HOH C 3 .   ? 8.189   -0.785  10.915  1.00 45.49 ? 306 HOH A O   1 
HETATM 1235 O  O   . HOH C 3 .   ? 10.944  -2.149  -13.758 1.00 50.02 ? 307 HOH A O   1 
HETATM 1236 O  O   . HOH C 3 .   ? 17.418  -2.981  -3.997  1.00 38.81 ? 308 HOH A O   1 
HETATM 1237 O  O   . HOH C 3 .   ? 1.948   12.160  6.073   1.00 36.38 ? 309 HOH A O   1 
HETATM 1238 O  O   . HOH C 3 .   ? -8.061  1.845   14.009  1.00 35.78 ? 310 HOH A O   1 
HETATM 1239 O  O   . HOH C 3 .   ? -1.479  12.150  7.288   1.00 49.84 ? 311 HOH A O   1 
HETATM 1240 O  O   . HOH C 3 .   ? 5.843   -12.423 5.789   1.00 34.46 ? 312 HOH A O   1 
HETATM 1241 O  O   . HOH C 3 .   ? -19.530 -7.626  9.748   1.00 47.58 ? 313 HOH A O   1 
HETATM 1242 O  O   . HOH C 3 .   ? -9.095  9.500   5.648   1.00 29.50 ? 314 HOH A O   1 
HETATM 1243 O  O   . HOH C 3 .   ? 7.406   5.913   -17.062 1.00 48.60 ? 315 HOH A O   1 
HETATM 1244 O  O   . HOH C 3 .   ? 3.480   -7.838  10.339  1.00 41.00 ? 316 HOH A O   1 
HETATM 1245 O  O   . HOH C 3 .   ? 8.832   15.340  5.120   1.00 53.07 ? 317 HOH A O   1 
HETATM 1246 O  O   . HOH C 3 .   ? -15.823 5.845   8.865   1.00 39.72 ? 318 HOH A O   1 
HETATM 1247 O  O   . HOH C 3 .   ? 13.582  0.139   -13.153 1.00 32.32 ? 319 HOH A O   1 
HETATM 1248 O  O   . HOH C 3 .   ? 11.197  3.659   -12.660 1.00 42.94 ? 320 HOH A O   1 
HETATM 1249 O  O   . HOH C 3 .   ? -0.817  8.134   19.013  1.00 48.46 ? 321 HOH A O   1 
HETATM 1250 O  O   . HOH C 3 .   ? -5.559  -3.838  14.046  1.00 36.82 ? 322 HOH A O   1 
HETATM 1251 O  O   . HOH C 3 .   ? -8.627  3.461   1.517   1.00 39.72 ? 323 HOH A O   1 
HETATM 1252 O  O   . HOH C 3 .   ? 1.323   9.141   -4.656  1.00 29.04 ? 324 HOH A O   1 
HETATM 1253 O  O   . HOH C 3 .   ? 9.676   6.406   -15.768 1.00 34.03 ? 325 HOH A O   1 
HETATM 1254 O  O   . HOH C 3 .   ? -8.316  -6.524  -10.525 1.00 39.52 ? 326 HOH A O   1 
HETATM 1255 O  O   . HOH C 3 .   ? 4.443   6.478   12.206  1.00 41.73 ? 327 HOH A O   1 
HETATM 1256 O  O   . HOH C 3 .   ? -7.241  -12.228 15.890  1.00 43.32 ? 328 HOH A O   1 
HETATM 1257 O  O   . HOH C 3 .   ? -9.512  6.959   18.428  1.00 41.88 ? 329 HOH A O   1 
HETATM 1258 O  O   . HOH C 3 .   ? 8.173   9.278   11.812  1.00 47.56 ? 330 HOH A O   1 
HETATM 1259 O  O   . HOH C 3 .   ? -11.928 9.572   10.535  1.00 31.61 ? 331 HOH A O   1 
HETATM 1260 O  O   . HOH C 3 .   ? 16.177  -6.479  -2.821  1.00 49.64 ? 332 HOH A O   1 
HETATM 1261 O  O   . HOH C 3 .   ? -10.077 4.057   3.773   1.00 60.87 ? 333 HOH A O   1 
HETATM 1262 O  O   . HOH C 3 .   ? 4.130   8.964   13.272  1.00 36.00 ? 334 HOH A O   1 
HETATM 1263 O  O   . HOH C 3 .   ? 10.354  -2.196  9.672   1.00 35.53 ? 335 HOH A O   1 
HETATM 1264 O  O   . HOH C 3 .   ? 11.110  -10.817 3.243   1.00 37.79 ? 336 HOH A O   1 
HETATM 1265 O  O   . HOH C 3 .   ? -7.991  -0.702  14.039  1.00 36.21 ? 337 HOH A O   1 
HETATM 1266 O  O   . HOH C 3 .   ? 6.777   -7.283  9.860   1.00 50.88 ? 338 HOH A O   1 
HETATM 1267 O  O   . HOH C 3 .   ? -10.263 -2.069  -4.997  1.00 33.74 ? 339 HOH A O   1 
HETATM 1268 O  O   . HOH C 3 .   ? -1.919  0.292   10.142  1.00 25.90 ? 340 HOH A O   1 
HETATM 1269 O  O   . HOH C 3 .   ? -9.171  -14.985 12.384  1.00 33.74 ? 341 HOH A O   1 
HETATM 1270 O  O   . HOH C 3 .   ? 5.618   -14.471 -0.423  1.00 38.58 ? 342 HOH A O   1 
HETATM 1271 O  O   . HOH C 3 .   ? 1.949   15.258  5.351   1.00 50.13 ? 343 HOH A O   1 
HETATM 1272 O  O   . HOH C 3 .   ? -18.228 -11.320 11.613  1.00 38.16 ? 344 HOH A O   1 
HETATM 1273 O  O   . HOH C 3 .   ? -0.205  9.654   -1.999  1.00 41.15 ? 345 HOH A O   1 
HETATM 1274 O  O   . HOH C 3 .   ? 10.982  5.835   11.516  1.00 26.20 ? 346 HOH A O   1 
HETATM 1275 O  O   . HOH C 3 .   ? -1.416  18.549  -14.617 1.00 45.51 ? 347 HOH A O   1 
HETATM 1276 O  O   . HOH C 3 .   ? 6.105   2.550   10.891  1.00 46.29 ? 348 HOH A O   1 
HETATM 1277 O  O   . HOH C 3 .   ? -14.171 8.380   16.003  1.00 40.80 ? 349 HOH A O   1 
HETATM 1278 O  O   . HOH C 3 .   ? -16.528 -5.075  2.543   1.00 29.07 ? 350 HOH A O   1 
HETATM 1279 O  O   . HOH C 3 .   ? 12.018  -11.435 -6.658  1.00 40.07 ? 351 HOH A O   1 
HETATM 1280 O  O   . HOH C 3 .   ? 9.684   7.639   -13.399 1.00 46.49 ? 352 HOH A O   1 
HETATM 1281 O  O   . HOH C 3 .   ? 1.753   8.984   12.551  1.00 51.54 ? 353 HOH A O   1 
HETATM 1282 O  O   . HOH C 3 .   ? -20.440 -19.201 11.175  1.00 44.93 ? 354 HOH A O   1 
HETATM 1283 O  O   . HOH C 3 .   ? 17.170  -6.292  8.232   1.00 38.89 ? 355 HOH A O   1 
HETATM 1284 O  O   . HOH C 3 .   ? 1.147   10.089  9.544   1.00 37.00 ? 356 HOH A O   1 
HETATM 1285 O  O   . HOH C 3 .   ? 8.738   16.476  2.435   1.00 57.32 ? 357 HOH A O   1 
HETATM 1286 O  O   . HOH C 3 .   ? 12.245  1.233   12.473  1.00 41.66 ? 358 HOH A O   1 
HETATM 1287 O  O   . HOH C 3 .   ? -2.699  6.277   -3.118  1.00 28.35 ? 359 HOH A O   1 
HETATM 1288 O  O   . HOH C 3 .   ? 18.469  -3.116  -0.251  1.00 35.40 ? 360 HOH A O   1 
HETATM 1289 O  O   . HOH C 3 .   ? 16.311  9.192   -1.310  1.00 60.34 ? 361 HOH A O   1 
HETATM 1290 O  O   . HOH C 3 .   ? 12.869  8.405   12.429  1.00 35.54 ? 362 HOH A O   1 
HETATM 1291 O  O   . HOH C 3 .   ? -9.714  -17.055 -3.221  1.00 39.04 ? 363 HOH A O   1 
HETATM 1292 O  O   . HOH C 3 .   ? -16.401 -22.152 8.767   1.00 46.59 ? 364 HOH A O   1 
HETATM 1293 O  O   . HOH C 3 .   ? -4.504  -15.983 -4.150  1.00 31.75 ? 365 HOH A O   1 
HETATM 1294 O  O   . HOH C 3 .   ? 12.121  -6.828  -8.611  1.00 34.81 ? 366 HOH A O   1 
HETATM 1295 O  O   . HOH C 3 .   ? 16.515  -3.346  6.565   1.00 50.86 ? 367 HOH A O   1 
HETATM 1296 O  O   . HOH C 3 .   ? 8.204   -12.125 1.659   1.00 35.34 ? 368 HOH A O   1 
HETATM 1297 O  O   . HOH C 3 .   ? 14.664  -7.218  -9.347  1.00 50.02 ? 369 HOH A O   1 
HETATM 1298 O  O   . HOH C 3 .   ? -3.477  18.988  -10.689 1.00 58.23 ? 370 HOH A O   1 
HETATM 1299 O  O   . HOH C 3 .   ? -3.453  -5.237  15.033  1.00 42.76 ? 371 HOH A O   1 
HETATM 1300 O  O   . HOH C 3 .   ? 2.180   -1.449  16.305  1.00 30.77 ? 372 HOH A O   1 
HETATM 1301 O  O   . HOH C 3 .   ? -4.665  10.410  10.081  1.00 48.08 ? 373 HOH A O   1 
HETATM 1302 O  O   . HOH C 3 .   ? -15.900 -3.662  14.138  1.00 37.43 ? 374 HOH A O   1 
HETATM 1303 O  O   . HOH C 3 .   ? -11.673 -2.810  22.377  1.00 48.87 ? 375 HOH A O   1 
HETATM 1304 O  O   . HOH C 3 .   ? 12.527  -14.547 -3.997  1.00 61.54 ? 376 HOH A O   1 
HETATM 1305 O  O   . HOH C 3 .   ? 18.739  9.587   8.376   1.00 37.17 ? 377 HOH A O   1 
HETATM 1306 O  O   . HOH C 3 .   ? -17.261 -3.565  6.365   1.00 53.06 ? 378 HOH A O   1 
HETATM 1307 O  O   . HOH C 3 .   ? 13.043  14.022  4.809   1.00 48.44 ? 379 HOH A O   1 
HETATM 1308 O  O   . HOH C 3 .   ? 2.916   17.743  -11.036 1.00 42.22 ? 380 HOH A O   1 
HETATM 1309 O  O   . HOH C 3 .   ? 16.973  5.158   2.906   1.00 43.21 ? 381 HOH A O   1 
HETATM 1310 O  O   . HOH C 3 .   ? 5.510   3.929   -19.508 1.00 48.82 ? 382 HOH A O   1 
HETATM 1311 O  O   . HOH C 3 .   ? 14.118  12.268  -7.352  1.00 33.51 ? 383 HOH A O   1 
HETATM 1312 O  O   . HOH C 3 .   ? -5.752  4.156   0.057   1.00 40.84 ? 384 HOH A O   1 
HETATM 1313 O  O   . HOH C 3 .   ? 10.578  3.904   -15.660 1.00 48.82 ? 385 HOH A O   1 
HETATM 1314 O  O   . HOH C 3 .   ? 13.988  -3.143  7.564   1.00 35.53 ? 386 HOH A O   1 
HETATM 1315 O  O   . HOH C 3 .   ? 21.456  10.000  9.730   1.00 42.37 ? 387 HOH A O   1 
HETATM 1316 O  O   . HOH C 3 .   ? -16.610 -10.121 2.739   1.00 31.84 ? 388 HOH A O   1 
HETATM 1317 O  O   . HOH C 3 .   ? -5.215  -12.590 -10.679 1.00 33.84 ? 389 HOH A O   1 
HETATM 1318 O  O   . HOH C 3 .   ? -15.696 -16.943 1.679   1.00 43.90 ? 390 HOH A O   1 
HETATM 1319 O  O   . HOH C 3 .   ? -5.438  9.780   -7.459  1.00 52.78 ? 391 HOH A O   1 
HETATM 1320 O  O   . HOH C 3 .   ? 14.617  15.016  -7.666  1.00 53.61 ? 392 HOH A O   1 
HETATM 1321 O  O   . HOH C 3 .   ? 8.124   -5.960  -16.081 1.00 47.41 ? 393 HOH A O   1 
HETATM 1322 O  O   . HOH C 3 .   ? -5.615  -9.065  13.936  1.00 36.82 ? 394 HOH A O   1 
HETATM 1323 O  O   . HOH C 3 .   ? -11.245 -11.417 13.502  1.00 34.59 ? 395 HOH A O   1 
HETATM 1324 O  O   . HOH C 3 .   ? 3.898   17.735  -4.024  1.00 40.09 ? 396 HOH A O   1 
HETATM 1325 O  O   . HOH C 3 .   ? 15.116  3.159   -10.686 1.00 35.92 ? 397 HOH A O   1 
HETATM 1326 O  O   . HOH C 3 .   ? -19.566 1.899   8.645   1.00 42.19 ? 398 HOH A O   1 
HETATM 1327 O  O   . HOH C 3 .   ? -17.359 -4.088  9.238   1.00 40.86 ? 399 HOH A O   1 
HETATM 1328 O  O   . HOH C 3 .   ? -5.584  -19.450 4.387   1.00 35.21 ? 400 HOH A O   1 
HETATM 1329 O  O   . HOH C 3 .   ? 9.511   -13.787 -3.004  1.00 38.22 ? 401 HOH A O   1 
HETATM 1330 O  O   . HOH C 3 .   ? 0.601   -9.284  -15.257 1.00 58.39 ? 402 HOH A O   1 
HETATM 1331 O  O   . HOH C 3 .   ? 11.469  -9.645  -8.676  1.00 48.53 ? 403 HOH A O   1 
HETATM 1332 O  O   . HOH C 3 .   ? -15.778 -12.099 1.296   1.00 40.01 ? 404 HOH A O   1 
HETATM 1333 O  O   . HOH C 3 .   ? -1.211  -11.111 -14.055 1.00 43.24 ? 405 HOH A O   1 
HETATM 1334 O  O   . HOH C 3 .   ? 10.328  -11.726 0.107   1.00 36.88 ? 406 HOH A O   1 
HETATM 1335 O  O   . HOH C 3 .   ? 2.529   15.926  -14.850 1.00 31.86 ? 407 HOH A O   1 
HETATM 1336 O  O   . HOH C 3 .   ? 18.062  -1.621  8.193   1.00 38.14 ? 408 HOH A O   1 
HETATM 1337 O  O   . HOH C 3 .   ? -2.210  12.171  -5.135  1.00 38.87 ? 409 HOH A O   1 
HETATM 1338 O  O   . HOH C 3 .   ? 14.423  -12.790 -4.916  1.00 59.62 ? 410 HOH A O   1 
HETATM 1339 O  O   . HOH C 3 .   ? -4.148  17.880  -14.796 1.00 55.58 ? 411 HOH A O   1 
HETATM 1340 O  O   . HOH C 3 .   ? -13.852 13.094  -8.175  1.00 59.02 ? 412 HOH A O   1 
HETATM 1341 O  O   . HOH C 3 .   ? -10.967 12.252  -10.167 1.00 67.54 ? 413 HOH A O   1 
HETATM 1342 O  O   . HOH C 3 .   ? 9.020   -9.950  10.704  1.00 43.22 ? 414 HOH A O   1 
HETATM 1343 O  O   . HOH C 3 .   ? -0.114  -1.815  7.333   1.00 12.43 ? 415 HOH A O   1 
HETATM 1344 O  O   . HOH C 3 .   ? -1.717  -11.395 -9.131  1.00 27.60 ? 416 HOH A O   1 
HETATM 1345 O  O   . HOH C 3 .   ? -5.256  -16.107 -1.250  1.00 28.51 ? 417 HOH A O   1 
HETATM 1346 O  O   . HOH C 3 .   ? 2.780   -1.754  7.829   1.00 48.71 ? 418 HOH A O   1 
HETATM 1347 O  O   . HOH C 3 .   ? -9.711  8.312   -15.608 1.00 40.66 ? 419 HOH A O   1 
HETATM 1348 O  O   . HOH C 3 .   ? -9.994  12.195  4.211   1.00 42.57 ? 420 HOH A O   1 
HETATM 1349 O  O   . HOH C 3 .   ? -15.814 -11.977 -1.408  1.00 43.07 ? 421 HOH A O   1 
HETATM 1350 O  O   . HOH C 3 .   ? -12.455 -4.829  -3.019  1.00 35.54 ? 422 HOH A O   1 
HETATM 1351 O  O   . HOH C 3 .   ? -7.517  -15.609 -10.685 1.00 42.13 ? 423 HOH A O   1 
HETATM 1352 O  O   . HOH C 3 .   ? 1.621   -0.471  -16.803 1.00 43.70 ? 424 HOH A O   1 
HETATM 1353 O  O   . HOH C 3 .   ? 17.334  15.542  -7.239  1.00 47.15 ? 425 HOH A O   1 
HETATM 1354 O  O   . HOH C 3 .   ? -7.748  20.363  -8.451  1.00 57.68 ? 426 HOH A O   1 
HETATM 1355 O  O   . HOH C 3 .   ? -12.466 5.331   1.807   1.00 41.23 ? 427 HOH A O   1 
HETATM 1356 O  O   . HOH C 3 .   ? -12.938 -1.277  -11.432 1.00 47.01 ? 428 HOH A O   1 
HETATM 1357 O  O   . HOH C 3 .   ? -17.584 -7.887  1.520   0.50 56.76 ? 429 HOH A O   1 
HETATM 1358 O  O   . HOH C 3 .   ? -1.984  -7.930  12.183  1.00 42.59 ? 430 HOH A O   1 
HETATM 1359 O  O   . HOH C 3 .   ? -1.340  -2.916  17.612  1.00 43.05 ? 431 HOH A O   1 
# 
